data_1URF
#
_entry.id   1URF
#
_cell.length_a   1.000
_cell.length_b   1.000
_cell.length_c   1.000
_cell.angle_alpha   90.00
_cell.angle_beta   90.00
_cell.angle_gamma   90.00
#
_symmetry.space_group_name_H-M   'P 1'
#
_entity_poly.entity_id   1
_entity_poly.type   'polypeptide(L)'
_entity_poly.pdbx_seq_one_letter_code
;GIPATNLSRVAGLEKQLAIELKVKQGAENMIQTYSNGSTKDRKLLLTAQQMLQDSKTKIDIIRMQLRRALQADQLENQAA
P
;
_entity_poly.pdbx_strand_id   A
#
# COMPACT_ATOMS: atom_id res chain seq x y z
N GLY A 1 5.38 -19.91 3.21
CA GLY A 1 4.98 -18.90 2.19
C GLY A 1 5.89 -18.91 0.97
N ILE A 2 6.20 -20.12 0.49
CA ILE A 2 7.07 -20.27 -0.67
C ILE A 2 6.43 -19.66 -1.92
N PRO A 3 7.23 -18.95 -2.75
CA PRO A 3 6.74 -18.33 -3.98
C PRO A 3 6.39 -19.35 -5.06
N ALA A 4 5.30 -20.09 -4.83
CA ALA A 4 4.87 -21.11 -5.77
C ALA A 4 3.37 -21.38 -5.64
N THR A 5 2.98 -22.66 -5.62
CA THR A 5 1.58 -23.04 -5.52
C THR A 5 0.94 -22.50 -4.24
N ASN A 6 1.70 -22.48 -3.15
CA ASN A 6 1.19 -21.99 -1.87
C ASN A 6 0.60 -20.60 -1.99
N LEU A 7 1.40 -19.65 -2.50
CA LEU A 7 0.95 -18.28 -2.65
C LEU A 7 0.39 -17.71 -1.35
N SER A 8 0.92 -18.19 -0.23
CA SER A 8 0.48 -17.74 1.08
C SER A 8 1.03 -16.35 1.39
N ARG A 9 2.35 -16.22 1.35
CA ARG A 9 3.02 -14.95 1.63
C ARG A 9 2.74 -13.94 0.51
N VAL A 10 2.76 -14.42 -0.73
CA VAL A 10 2.52 -13.56 -1.88
C VAL A 10 1.12 -12.94 -1.84
N ALA A 11 0.12 -13.77 -1.54
CA ALA A 11 -1.25 -13.30 -1.47
C ALA A 11 -1.43 -12.23 -0.39
N GLY A 12 -0.84 -12.47 0.78
CA GLY A 12 -0.97 -11.52 1.87
C GLY A 12 -0.39 -10.16 1.54
N LEU A 13 0.84 -10.14 1.04
CA LEU A 13 1.51 -8.89 0.70
C LEU A 13 0.82 -8.20 -0.49
N GLU A 14 0.42 -9.00 -1.48
CA GLU A 14 -0.23 -8.49 -2.67
C GLU A 14 -1.55 -7.80 -2.34
N LYS A 15 -2.39 -8.45 -1.52
CA LYS A 15 -3.68 -7.90 -1.15
C LYS A 15 -3.52 -6.56 -0.42
N GLN A 16 -2.54 -6.50 0.48
CA GLN A 16 -2.29 -5.28 1.24
C GLN A 16 -2.02 -4.10 0.31
N LEU A 17 -1.20 -4.33 -0.71
CA LEU A 17 -0.86 -3.29 -1.67
C LEU A 17 -2.12 -2.82 -2.39
N ALA A 18 -2.97 -3.76 -2.76
CA ALA A 18 -4.21 -3.44 -3.46
C ALA A 18 -5.09 -2.52 -2.63
N ILE A 19 -5.24 -2.82 -1.34
CA ILE A 19 -6.05 -2.02 -0.45
C ILE A 19 -5.54 -0.58 -0.39
N GLU A 20 -4.21 -0.44 -0.35
CA GLU A 20 -3.59 0.88 -0.30
C GLU A 20 -4.00 1.73 -1.49
N LEU A 21 -3.98 1.12 -2.67
CA LEU A 21 -4.34 1.81 -3.90
C LEU A 21 -5.79 2.32 -3.85
N LYS A 22 -6.68 1.50 -3.29
CA LYS A 22 -8.09 1.87 -3.19
C LYS A 22 -8.29 3.12 -2.34
N VAL A 23 -7.65 3.14 -1.17
CA VAL A 23 -7.78 4.28 -0.26
C VAL A 23 -7.01 5.50 -0.77
N LYS A 24 -5.77 5.29 -1.17
CA LYS A 24 -4.93 6.38 -1.67
C LYS A 24 -5.54 7.03 -2.90
N GLN A 25 -5.84 6.22 -3.91
CA GLN A 25 -6.44 6.71 -5.14
C GLN A 25 -7.81 7.32 -4.86
N GLY A 26 -8.54 6.69 -3.96
CA GLY A 26 -9.86 7.18 -3.60
C GLY A 26 -9.82 8.58 -3.00
N ALA A 27 -8.81 8.82 -2.16
CA ALA A 27 -8.65 10.12 -1.52
C ALA A 27 -8.27 11.17 -2.55
N GLU A 28 -7.37 10.80 -3.45
CA GLU A 28 -6.91 11.71 -4.50
C GLU A 28 -8.07 12.11 -5.41
N ASN A 29 -8.90 11.13 -5.76
CA ASN A 29 -10.05 11.37 -6.62
C ASN A 29 -11.00 12.38 -5.99
N MET A 30 -11.20 12.26 -4.68
CA MET A 30 -12.08 13.17 -3.95
C MET A 30 -11.50 14.58 -3.92
N ILE A 31 -10.20 14.69 -3.61
CA ILE A 31 -9.54 15.98 -3.54
C ILE A 31 -9.67 16.76 -4.85
N GLN A 32 -9.36 16.10 -5.96
CA GLN A 32 -9.45 16.75 -7.28
C GLN A 32 -10.88 17.15 -7.61
N THR A 33 -11.82 16.26 -7.29
CA THR A 33 -13.24 16.52 -7.56
C THR A 33 -13.72 17.77 -6.83
N TYR A 34 -13.34 17.90 -5.57
CA TYR A 34 -13.74 19.04 -4.76
C TYR A 34 -13.27 20.35 -5.39
N SER A 35 -12.03 20.35 -5.87
CA SER A 35 -11.45 21.53 -6.51
C SER A 35 -12.25 21.95 -7.73
N ASN A 36 -12.84 20.97 -8.43
CA ASN A 36 -13.61 21.25 -9.63
C ASN A 36 -14.70 22.28 -9.37
N GLY A 37 -15.62 21.98 -8.46
CA GLY A 37 -16.68 22.91 -8.15
C GLY A 37 -17.89 22.24 -7.51
N SER A 38 -18.19 21.02 -7.94
CA SER A 38 -19.33 20.27 -7.42
C SER A 38 -19.38 20.28 -5.90
N THR A 39 -18.61 19.40 -5.27
CA THR A 39 -18.56 19.31 -3.82
C THR A 39 -17.92 20.56 -3.21
N LYS A 40 -16.63 20.71 -3.45
CA LYS A 40 -15.88 21.87 -2.94
C LYS A 40 -16.07 22.06 -1.44
N ASP A 41 -16.33 20.96 -0.73
CA ASP A 41 -16.52 21.03 0.72
C ASP A 41 -15.18 21.22 1.42
N ARG A 42 -15.11 22.22 2.31
CA ARG A 42 -13.89 22.51 3.04
C ARG A 42 -13.60 21.42 4.08
N LYS A 43 -14.61 21.06 4.87
CA LYS A 43 -14.45 20.04 5.90
C LYS A 43 -14.00 18.73 5.27
N LEU A 44 -14.65 18.34 4.19
CA LEU A 44 -14.32 17.11 3.49
C LEU A 44 -12.94 17.20 2.83
N LEU A 45 -12.60 18.40 2.37
CA LEU A 45 -11.31 18.63 1.72
C LEU A 45 -10.14 18.22 2.62
N LEU A 46 -10.12 18.77 3.83
CA LEU A 46 -9.06 18.48 4.78
C LEU A 46 -9.10 17.00 5.18
N THR A 47 -10.30 16.47 5.34
CA THR A 47 -10.49 15.08 5.72
C THR A 47 -9.76 14.15 4.75
N ALA A 48 -9.92 14.41 3.46
CA ALA A 48 -9.28 13.59 2.44
C ALA A 48 -7.77 13.73 2.52
N GLN A 49 -7.30 14.94 2.77
CA GLN A 49 -5.87 15.21 2.88
C GLN A 49 -5.24 14.31 3.93
N GLN A 50 -5.88 14.23 5.10
CA GLN A 50 -5.40 13.40 6.18
C GLN A 50 -5.37 11.94 5.76
N MET A 51 -6.42 11.52 5.06
CA MET A 51 -6.53 10.15 4.58
C MET A 51 -5.33 9.76 3.71
N LEU A 52 -5.00 10.64 2.77
CA LEU A 52 -3.88 10.39 1.86
C LEU A 52 -2.56 10.27 2.61
N GLN A 53 -2.34 11.17 3.57
CA GLN A 53 -1.09 11.17 4.33
C GLN A 53 -0.88 9.84 5.07
N ASP A 54 -1.92 9.41 5.78
CA ASP A 54 -1.83 8.16 6.55
C ASP A 54 -1.71 6.96 5.63
N SER A 55 -2.47 6.97 4.54
CA SER A 55 -2.46 5.85 3.59
C SER A 55 -1.10 5.67 2.94
N LYS A 56 -0.53 6.75 2.42
CA LYS A 56 0.78 6.68 1.76
C LYS A 56 1.87 6.20 2.71
N THR A 57 1.82 6.65 3.96
CA THR A 57 2.81 6.26 4.96
C THR A 57 2.83 4.74 5.13
N LYS A 58 1.64 4.16 5.29
CA LYS A 58 1.53 2.72 5.48
C LYS A 58 2.05 1.96 4.26
N ILE A 59 1.86 2.54 3.08
CA ILE A 59 2.31 1.91 1.84
C ILE A 59 3.82 1.71 1.83
N ASP A 60 4.57 2.76 2.15
CA ASP A 60 6.02 2.67 2.16
C ASP A 60 6.47 1.61 3.17
N ILE A 61 5.75 1.53 4.29
CA ILE A 61 6.06 0.54 5.31
C ILE A 61 5.93 -0.88 4.77
N ILE A 62 4.82 -1.14 4.10
CA ILE A 62 4.56 -2.46 3.52
C ILE A 62 5.61 -2.80 2.47
N ARG A 63 5.97 -1.81 1.65
CA ARG A 63 6.97 -2.01 0.61
C ARG A 63 8.27 -2.54 1.20
N MET A 64 8.68 -1.97 2.32
CA MET A 64 9.90 -2.40 3.00
C MET A 64 9.78 -3.86 3.42
N GLN A 65 8.60 -4.23 3.91
CA GLN A 65 8.34 -5.61 4.35
C GLN A 65 8.55 -6.58 3.19
N LEU A 66 8.08 -6.18 2.00
CA LEU A 66 8.21 -7.02 0.81
C LEU A 66 9.66 -7.35 0.54
N ARG A 67 10.47 -6.31 0.43
CA ARG A 67 11.90 -6.47 0.18
C ARG A 67 12.53 -7.39 1.21
N ARG A 68 12.14 -7.21 2.46
CA ARG A 68 12.64 -8.03 3.56
C ARG A 68 12.26 -9.49 3.36
N ALA A 69 11.07 -9.71 2.80
CA ALA A 69 10.58 -11.07 2.55
C ALA A 69 11.48 -11.80 1.58
N LEU A 70 11.85 -11.13 0.49
CA LEU A 70 12.70 -11.73 -0.53
C LEU A 70 14.11 -11.99 0.02
N GLN A 71 14.62 -11.06 0.81
CA GLN A 71 15.95 -11.19 1.39
C GLN A 71 16.06 -12.44 2.27
N ALA A 72 15.06 -12.65 3.12
CA ALA A 72 15.04 -13.80 4.02
C ALA A 72 14.94 -15.11 3.26
N ASP A 73 14.01 -15.16 2.29
CA ASP A 73 13.80 -16.36 1.49
C ASP A 73 15.04 -16.71 0.68
N GLN A 74 15.65 -15.70 0.06
CA GLN A 74 16.84 -15.90 -0.76
C GLN A 74 17.98 -16.48 0.06
N LEU A 75 18.31 -15.82 1.16
CA LEU A 75 19.40 -16.25 2.05
C LEU A 75 20.77 -15.98 1.44
N GLU A 76 20.96 -16.45 0.20
CA GLU A 76 22.23 -16.26 -0.50
C GLU A 76 23.39 -16.88 0.28
N ASN A 77 23.88 -18.01 -0.22
CA ASN A 77 24.99 -18.72 0.41
C ASN A 77 24.75 -18.93 1.90
N GLN A 78 25.85 -19.01 2.65
CA GLN A 78 25.79 -19.21 4.10
C GLN A 78 25.36 -17.92 4.79
N ALA A 79 24.47 -18.05 5.77
CA ALA A 79 23.99 -16.90 6.52
C ALA A 79 25.14 -16.17 7.21
N ALA A 80 25.15 -14.84 7.11
CA ALA A 80 26.20 -14.03 7.72
C ALA A 80 26.25 -14.25 9.23
N PRO A 81 27.45 -14.44 9.79
CA PRO A 81 27.62 -14.66 11.23
C PRO A 81 27.18 -13.45 12.06
N GLY A 1 14.98 -21.63 -2.14
CA GLY A 1 14.33 -22.31 -0.98
C GLY A 1 13.02 -22.96 -1.35
N ILE A 2 12.01 -22.78 -0.49
CA ILE A 2 10.69 -23.35 -0.73
C ILE A 2 10.08 -22.80 -2.01
N PRO A 3 9.59 -23.68 -2.91
CA PRO A 3 8.97 -23.26 -4.17
C PRO A 3 7.69 -22.45 -3.94
N ALA A 4 6.84 -22.96 -3.06
CA ALA A 4 5.58 -22.29 -2.72
C ALA A 4 5.84 -20.94 -2.07
N THR A 5 6.90 -20.87 -1.26
CA THR A 5 7.28 -19.65 -0.56
C THR A 5 6.23 -19.29 0.49
N ASN A 6 5.82 -20.29 1.28
CA ASN A 6 4.83 -20.11 2.34
C ASN A 6 3.41 -19.92 1.79
N LEU A 7 3.29 -19.12 0.72
CA LEU A 7 1.99 -18.85 0.09
C LEU A 7 1.15 -17.89 0.94
N SER A 8 1.15 -18.09 2.24
CA SER A 8 0.39 -17.25 3.15
C SER A 8 0.91 -15.82 3.16
N ARG A 9 2.22 -15.67 3.33
CA ARG A 9 2.86 -14.36 3.35
C ARG A 9 2.68 -13.63 2.02
N VAL A 10 2.85 -14.37 0.93
CA VAL A 10 2.72 -13.80 -0.41
C VAL A 10 1.35 -13.16 -0.61
N ALA A 11 0.31 -13.92 -0.31
CA ALA A 11 -1.06 -13.42 -0.46
C ALA A 11 -1.32 -12.24 0.45
N GLY A 12 -0.80 -12.31 1.67
CA GLY A 12 -0.99 -11.23 2.63
C GLY A 12 -0.38 -9.93 2.14
N LEU A 13 0.83 -10.00 1.60
CA LEU A 13 1.52 -8.81 1.11
C LEU A 13 0.82 -8.24 -0.11
N GLU A 14 0.37 -9.12 -1.00
CA GLU A 14 -0.31 -8.70 -2.23
C GLU A 14 -1.62 -7.98 -1.93
N LYS A 15 -2.45 -8.57 -1.06
CA LYS A 15 -3.73 -7.97 -0.72
C LYS A 15 -3.54 -6.59 -0.11
N GLN A 16 -2.54 -6.45 0.76
CA GLN A 16 -2.26 -5.17 1.39
C GLN A 16 -1.89 -4.12 0.36
N LEU A 17 -1.13 -4.53 -0.65
CA LEU A 17 -0.70 -3.63 -1.72
C LEU A 17 -1.90 -3.03 -2.43
N ALA A 18 -2.90 -3.86 -2.67
CA ALA A 18 -4.12 -3.42 -3.34
C ALA A 18 -4.87 -2.39 -2.49
N ILE A 19 -4.88 -2.60 -1.18
CA ILE A 19 -5.56 -1.71 -0.26
C ILE A 19 -4.95 -0.32 -0.22
N GLU A 20 -3.62 -0.26 -0.10
CA GLU A 20 -2.92 1.02 -0.04
C GLU A 20 -3.18 1.87 -1.28
N LEU A 21 -3.09 1.23 -2.45
CA LEU A 21 -3.32 1.94 -3.72
C LEU A 21 -4.76 2.40 -3.84
N LYS A 22 -5.69 1.55 -3.39
CA LYS A 22 -7.11 1.87 -3.46
C LYS A 22 -7.43 3.13 -2.66
N VAL A 23 -6.87 3.23 -1.46
CA VAL A 23 -7.10 4.39 -0.60
C VAL A 23 -6.51 5.67 -1.20
N LYS A 24 -5.27 5.58 -1.65
CA LYS A 24 -4.60 6.74 -2.25
C LYS A 24 -5.33 7.24 -3.49
N GLN A 25 -5.69 6.31 -4.37
CA GLN A 25 -6.40 6.66 -5.60
C GLN A 25 -7.75 7.28 -5.28
N GLY A 26 -8.50 6.63 -4.40
CA GLY A 26 -9.80 7.13 -4.02
C GLY A 26 -9.70 8.50 -3.38
N ALA A 27 -8.62 8.72 -2.63
CA ALA A 27 -8.39 9.98 -1.97
C ALA A 27 -8.12 11.07 -2.98
N GLU A 28 -7.29 10.76 -3.96
CA GLU A 28 -6.95 11.71 -5.02
C GLU A 28 -8.18 12.15 -5.78
N ASN A 29 -9.06 11.19 -6.08
CA ASN A 29 -10.29 11.49 -6.80
C ASN A 29 -11.12 12.50 -6.03
N MET A 30 -11.22 12.31 -4.72
CA MET A 30 -11.99 13.21 -3.88
C MET A 30 -11.32 14.59 -3.81
N ILE A 31 -10.00 14.59 -3.62
CA ILE A 31 -9.23 15.83 -3.54
C ILE A 31 -9.49 16.73 -4.75
N GLN A 32 -9.32 16.18 -5.95
CA GLN A 32 -9.54 16.94 -7.17
C GLN A 32 -10.96 17.46 -7.24
N THR A 33 -11.91 16.66 -6.77
CA THR A 33 -13.32 17.04 -6.78
C THR A 33 -13.55 18.39 -6.10
N TYR A 34 -13.11 18.50 -4.85
CA TYR A 34 -13.29 19.73 -4.09
C TYR A 34 -12.32 20.82 -4.54
N SER A 35 -11.16 20.41 -5.03
CA SER A 35 -10.14 21.35 -5.49
C SER A 35 -10.69 22.34 -6.51
N ASN A 36 -11.52 21.85 -7.44
CA ASN A 36 -12.09 22.71 -8.48
C ASN A 36 -13.58 22.44 -8.68
N GLY A 37 -13.96 21.17 -8.68
CA GLY A 37 -15.35 20.81 -8.86
C GLY A 37 -16.24 21.42 -7.80
N SER A 38 -17.37 21.99 -8.21
CA SER A 38 -18.31 22.61 -7.29
C SER A 38 -18.81 21.61 -6.25
N THR A 39 -18.72 22.00 -4.98
CA THR A 39 -19.16 21.15 -3.87
C THR A 39 -19.31 21.96 -2.59
N LYS A 40 -18.36 22.88 -2.37
CA LYS A 40 -18.36 23.75 -1.19
C LYS A 40 -18.07 23.00 0.11
N ASP A 41 -18.33 21.70 0.14
CA ASP A 41 -18.09 20.88 1.32
C ASP A 41 -16.60 20.63 1.55
N ARG A 42 -15.84 21.71 1.74
CA ARG A 42 -14.41 21.60 1.97
C ARG A 42 -14.09 20.66 3.14
N LYS A 43 -15.01 20.59 4.10
CA LYS A 43 -14.81 19.72 5.26
C LYS A 43 -14.51 18.29 4.83
N LEU A 44 -15.29 17.79 3.87
CA LEU A 44 -15.07 16.45 3.36
C LEU A 44 -13.70 16.34 2.72
N LEU A 45 -13.26 17.42 2.08
CA LEU A 45 -11.94 17.45 1.45
C LEU A 45 -10.86 17.17 2.48
N LEU A 46 -10.97 17.82 3.64
CA LEU A 46 -10.01 17.64 4.71
C LEU A 46 -9.91 16.17 5.10
N THR A 47 -11.06 15.51 5.18
CA THR A 47 -11.11 14.09 5.52
C THR A 47 -10.26 13.27 4.54
N ALA A 48 -10.38 13.59 3.26
CA ALA A 48 -9.63 12.89 2.23
C ALA A 48 -8.14 13.23 2.30
N GLN A 49 -7.84 14.48 2.63
CA GLN A 49 -6.46 14.94 2.72
C GLN A 49 -5.67 14.10 3.72
N GLN A 50 -6.24 13.89 4.91
CA GLN A 50 -5.59 13.11 5.93
C GLN A 50 -5.46 11.65 5.51
N MET A 51 -6.50 11.10 4.89
CA MET A 51 -6.46 9.71 4.44
C MET A 51 -5.32 9.50 3.45
N LEU A 52 -5.10 10.50 2.58
CA LEU A 52 -4.05 10.43 1.59
C LEU A 52 -2.68 10.32 2.26
N GLN A 53 -2.46 11.13 3.29
CA GLN A 53 -1.20 11.12 4.02
C GLN A 53 -0.93 9.75 4.63
N ASP A 54 -1.92 9.23 5.35
CA ASP A 54 -1.80 7.93 6.00
C ASP A 54 -1.60 6.83 4.97
N SER A 55 -2.30 6.93 3.85
CA SER A 55 -2.21 5.94 2.79
C SER A 55 -0.77 5.80 2.31
N LYS A 56 -0.11 6.93 2.11
CA LYS A 56 1.28 6.94 1.67
C LYS A 56 2.18 6.22 2.67
N THR A 57 1.98 6.52 3.96
CA THR A 57 2.76 5.91 5.02
C THR A 57 2.67 4.39 4.96
N LYS A 58 1.46 3.88 4.69
CA LYS A 58 1.24 2.45 4.60
C LYS A 58 2.06 1.83 3.47
N ILE A 59 2.03 2.49 2.30
CA ILE A 59 2.76 2.00 1.14
C ILE A 59 4.25 1.85 1.41
N ASP A 60 4.84 2.82 2.11
CA ASP A 60 6.27 2.77 2.43
C ASP A 60 6.60 1.58 3.31
N ILE A 61 5.84 1.41 4.39
CA ILE A 61 6.07 0.31 5.32
C ILE A 61 5.89 -1.04 4.64
N ILE A 62 4.77 -1.21 3.94
CA ILE A 62 4.47 -2.45 3.24
C ILE A 62 5.55 -2.76 2.21
N ARG A 63 5.96 -1.74 1.46
CA ARG A 63 7.00 -1.90 0.45
C ARG A 63 8.24 -2.54 1.07
N MET A 64 8.59 -2.09 2.27
CA MET A 64 9.74 -2.63 2.98
C MET A 64 9.54 -4.12 3.27
N GLN A 65 8.31 -4.49 3.60
CA GLN A 65 7.98 -5.88 3.90
C GLN A 65 8.18 -6.77 2.68
N LEU A 66 7.72 -6.30 1.52
CA LEU A 66 7.84 -7.06 0.28
C LEU A 66 9.30 -7.38 -0.05
N ARG A 67 10.14 -6.36 -0.11
CA ARG A 67 11.55 -6.56 -0.41
C ARG A 67 12.20 -7.49 0.61
N ARG A 68 11.80 -7.33 1.87
CA ARG A 68 12.33 -8.15 2.96
C ARG A 68 12.08 -9.63 2.67
N ALA A 69 10.89 -9.92 2.15
CA ALA A 69 10.52 -11.29 1.84
C ALA A 69 11.43 -11.88 0.77
N LEU A 70 11.69 -11.11 -0.28
CA LEU A 70 12.54 -11.56 -1.38
C LEU A 70 13.98 -11.77 -0.91
N GLN A 71 14.47 -10.84 -0.07
CA GLN A 71 15.84 -10.94 0.45
C GLN A 71 16.04 -12.24 1.22
N ALA A 72 15.11 -12.53 2.12
CA ALA A 72 15.19 -13.75 2.93
C ALA A 72 15.05 -15.00 2.07
N ASP A 73 14.10 -14.96 1.13
CA ASP A 73 13.85 -16.09 0.24
C ASP A 73 15.09 -16.40 -0.61
N GLN A 74 15.79 -15.37 -1.04
CA GLN A 74 16.98 -15.54 -1.87
C GLN A 74 18.19 -15.93 -1.02
N LEU A 75 17.99 -16.90 -0.13
CA LEU A 75 19.05 -17.37 0.75
C LEU A 75 18.57 -18.54 1.59
N GLU A 76 19.26 -19.68 1.48
CA GLU A 76 18.89 -20.87 2.23
C GLU A 76 19.32 -20.75 3.70
N ASN A 77 20.04 -21.74 4.21
CA ASN A 77 20.52 -21.74 5.58
C ASN A 77 21.36 -22.98 5.87
N GLN A 78 20.80 -24.15 5.54
CA GLN A 78 21.50 -25.41 5.75
C GLN A 78 22.66 -25.57 4.78
N ALA A 79 23.77 -26.09 5.29
CA ALA A 79 24.95 -26.30 4.45
C ALA A 79 24.65 -27.26 3.30
N ALA A 80 25.02 -26.86 2.09
CA ALA A 80 24.79 -27.68 0.90
C ALA A 80 25.42 -27.04 -0.32
N PRO A 81 26.08 -27.86 -1.18
CA PRO A 81 26.73 -27.37 -2.40
C PRO A 81 25.73 -26.80 -3.40
N GLY A 1 -0.47 -29.63 6.56
CA GLY A 1 0.02 -30.24 5.31
C GLY A 1 -0.25 -29.37 4.09
N ILE A 2 0.75 -29.24 3.22
CA ILE A 2 0.62 -28.43 2.02
C ILE A 2 1.85 -28.58 1.12
N PRO A 3 1.66 -28.81 -0.19
CA PRO A 3 2.77 -28.97 -1.13
C PRO A 3 3.69 -27.75 -1.16
N ALA A 4 3.09 -26.59 -1.38
CA ALA A 4 3.84 -25.34 -1.43
C ALA A 4 4.31 -24.94 -0.04
N THR A 5 5.50 -24.35 0.03
CA THR A 5 6.06 -23.93 1.30
C THR A 5 5.10 -23.02 2.06
N ASN A 6 4.60 -21.99 1.37
CA ASN A 6 3.67 -21.05 1.97
C ASN A 6 3.22 -20.00 0.95
N LEU A 7 1.93 -19.65 1.00
CA LEU A 7 1.38 -18.67 0.07
C LEU A 7 0.69 -17.53 0.81
N SER A 8 0.09 -17.85 1.96
CA SER A 8 -0.62 -16.86 2.77
C SER A 8 0.20 -15.59 2.96
N ARG A 9 1.50 -15.75 3.23
CA ARG A 9 2.38 -14.60 3.45
C ARG A 9 2.53 -13.77 2.18
N VAL A 10 2.78 -14.43 1.05
CA VAL A 10 2.96 -13.75 -0.22
C VAL A 10 1.68 -13.03 -0.65
N ALA A 11 0.58 -13.75 -0.67
CA ALA A 11 -0.71 -13.19 -1.06
C ALA A 11 -1.13 -12.05 -0.15
N GLY A 12 -0.85 -12.19 1.15
CA GLY A 12 -1.20 -11.16 2.10
C GLY A 12 -0.53 -9.84 1.81
N LEU A 13 0.76 -9.89 1.49
CA LEU A 13 1.52 -8.68 1.19
C LEU A 13 1.05 -8.05 -0.13
N GLU A 14 0.78 -8.90 -1.12
CA GLU A 14 0.32 -8.43 -2.43
C GLU A 14 -1.04 -7.74 -2.33
N LYS A 15 -1.99 -8.40 -1.67
CA LYS A 15 -3.33 -7.84 -1.53
C LYS A 15 -3.27 -6.47 -0.85
N GLN A 16 -2.39 -6.34 0.13
CA GLN A 16 -2.23 -5.07 0.85
C GLN A 16 -1.85 -3.96 -0.13
N LEU A 17 -0.89 -4.25 -1.00
CA LEU A 17 -0.43 -3.28 -1.99
C LEU A 17 -1.60 -2.75 -2.81
N ALA A 18 -2.46 -3.65 -3.24
CA ALA A 18 -3.62 -3.27 -4.05
C ALA A 18 -4.57 -2.37 -3.27
N ILE A 19 -4.79 -2.71 -2.00
CA ILE A 19 -5.69 -1.92 -1.14
C ILE A 19 -5.20 -0.48 -1.01
N GLU A 20 -3.91 -0.32 -0.69
CA GLU A 20 -3.32 1.00 -0.54
C GLU A 20 -3.53 1.86 -1.78
N LEU A 21 -3.29 1.29 -2.94
CA LEU A 21 -3.44 2.02 -4.19
C LEU A 21 -4.88 2.46 -4.39
N LYS A 22 -5.82 1.60 -4.01
CA LYS A 22 -7.24 1.92 -4.14
C LYS A 22 -7.60 3.12 -3.27
N VAL A 23 -7.06 3.14 -2.06
CA VAL A 23 -7.33 4.23 -1.12
C VAL A 23 -6.68 5.52 -1.60
N LYS A 24 -5.42 5.44 -2.02
CA LYS A 24 -4.69 6.61 -2.50
C LYS A 24 -5.37 7.22 -3.72
N GLN A 25 -5.69 6.36 -4.70
CA GLN A 25 -6.35 6.82 -5.91
C GLN A 25 -7.72 7.41 -5.59
N GLY A 26 -8.46 6.72 -4.71
CA GLY A 26 -9.77 7.20 -4.32
C GLY A 26 -9.70 8.58 -3.69
N ALA A 27 -8.64 8.82 -2.93
CA ALA A 27 -8.44 10.10 -2.27
C ALA A 27 -8.17 11.19 -3.29
N GLU A 28 -7.36 10.86 -4.29
CA GLU A 28 -7.01 11.81 -5.33
C GLU A 28 -8.25 12.28 -6.08
N ASN A 29 -9.12 11.33 -6.42
CA ASN A 29 -10.35 11.66 -7.14
C ASN A 29 -11.23 12.58 -6.31
N MET A 30 -11.36 12.27 -5.02
CA MET A 30 -12.17 13.09 -4.13
C MET A 30 -11.61 14.51 -4.04
N ILE A 31 -10.29 14.62 -3.99
CA ILE A 31 -9.63 15.93 -3.91
C ILE A 31 -9.95 16.78 -5.15
N GLN A 32 -9.75 16.20 -6.32
CA GLN A 32 -10.02 16.92 -7.57
C GLN A 32 -11.51 17.19 -7.73
N THR A 33 -12.34 16.31 -7.18
CA THR A 33 -13.79 16.46 -7.25
C THR A 33 -14.23 17.70 -6.49
N TYR A 34 -13.77 17.82 -5.25
CA TYR A 34 -14.11 18.96 -4.39
C TYR A 34 -13.57 20.25 -4.98
N SER A 35 -12.38 20.17 -5.58
CA SER A 35 -11.75 21.34 -6.18
C SER A 35 -12.71 22.01 -7.17
N ASN A 36 -13.43 21.18 -7.93
CA ASN A 36 -14.39 21.68 -8.91
C ASN A 36 -15.47 22.50 -8.22
N GLY A 37 -16.10 23.39 -8.98
CA GLY A 37 -17.14 24.24 -8.43
C GLY A 37 -18.15 23.47 -7.59
N SER A 38 -18.61 22.34 -8.10
CA SER A 38 -19.58 21.51 -7.39
C SER A 38 -18.94 20.85 -6.18
N THR A 39 -19.51 21.11 -4.99
CA THR A 39 -19.01 20.54 -3.74
C THR A 39 -17.56 20.98 -3.46
N LYS A 40 -17.30 21.40 -2.22
CA LYS A 40 -15.97 21.84 -1.83
C LYS A 40 -15.90 22.11 -0.32
N ASP A 41 -16.51 21.23 0.47
CA ASP A 41 -16.50 21.38 1.92
C ASP A 41 -15.07 21.32 2.46
N ARG A 42 -14.71 22.28 3.29
CA ARG A 42 -13.37 22.32 3.86
C ARG A 42 -13.13 21.17 4.85
N LYS A 43 -14.10 20.91 5.70
CA LYS A 43 -13.99 19.83 6.68
C LYS A 43 -13.74 18.49 6.00
N LEU A 44 -14.54 18.20 4.98
CA LEU A 44 -14.40 16.96 4.24
C LEU A 44 -13.13 16.96 3.39
N LEU A 45 -12.78 18.14 2.85
CA LEU A 45 -11.60 18.29 2.02
C LEU A 45 -10.34 17.84 2.77
N LEU A 46 -10.16 18.38 3.98
CA LEU A 46 -9.00 18.03 4.80
C LEU A 46 -9.03 16.57 5.19
N THR A 47 -10.24 16.08 5.49
CA THR A 47 -10.42 14.68 5.88
C THR A 47 -9.85 13.76 4.82
N ALA A 48 -10.16 14.05 3.55
CA ALA A 48 -9.67 13.25 2.44
C ALA A 48 -8.15 13.32 2.37
N GLN A 49 -7.62 14.52 2.58
CA GLN A 49 -6.18 14.73 2.56
C GLN A 49 -5.50 13.84 3.59
N GLN A 50 -6.12 13.75 4.77
CA GLN A 50 -5.59 12.93 5.85
C GLN A 50 -5.53 11.47 5.41
N MET A 51 -6.58 11.03 4.71
CA MET A 51 -6.65 9.67 4.22
C MET A 51 -5.47 9.37 3.29
N LEU A 52 -5.23 10.29 2.35
CA LEU A 52 -4.14 10.14 1.39
C LEU A 52 -2.81 9.98 2.12
N GLN A 53 -2.59 10.80 3.14
CA GLN A 53 -1.35 10.75 3.90
C GLN A 53 -1.17 9.40 4.58
N ASP A 54 -2.26 8.89 5.16
CA ASP A 54 -2.23 7.61 5.85
C ASP A 54 -1.91 6.46 4.89
N SER A 55 -2.54 6.48 3.72
CA SER A 55 -2.33 5.44 2.71
C SER A 55 -0.87 5.42 2.24
N LYS A 56 -0.31 6.59 1.96
CA LYS A 56 1.07 6.69 1.49
C LYS A 56 2.03 6.07 2.50
N THR A 57 1.88 6.46 3.75
CA THR A 57 2.74 5.96 4.83
C THR A 57 2.70 4.43 4.88
N LYS A 58 1.52 3.86 4.76
CA LYS A 58 1.36 2.40 4.80
C LYS A 58 2.11 1.74 3.65
N ILE A 59 2.04 2.35 2.47
CA ILE A 59 2.72 1.80 1.29
C ILE A 59 4.21 1.69 1.54
N ASP A 60 4.79 2.69 2.18
CA ASP A 60 6.22 2.69 2.47
C ASP A 60 6.60 1.56 3.42
N ILE A 61 5.81 1.40 4.49
CA ILE A 61 6.06 0.36 5.47
C ILE A 61 5.94 -1.03 4.85
N ILE A 62 4.91 -1.22 4.04
CA ILE A 62 4.69 -2.51 3.38
C ILE A 62 5.83 -2.79 2.39
N ARG A 63 6.23 -1.75 1.67
CA ARG A 63 7.30 -1.87 0.68
C ARG A 63 8.55 -2.52 1.27
N MET A 64 9.01 -1.98 2.40
CA MET A 64 10.20 -2.51 3.06
C MET A 64 9.96 -3.94 3.51
N GLN A 65 8.77 -4.22 4.02
CA GLN A 65 8.42 -5.56 4.49
C GLN A 65 8.64 -6.58 3.38
N LEU A 66 8.21 -6.23 2.17
CA LEU A 66 8.38 -7.11 1.01
C LEU A 66 9.85 -7.37 0.73
N ARG A 67 10.67 -6.32 0.89
CA ARG A 67 12.10 -6.43 0.66
C ARG A 67 12.72 -7.54 1.50
N ARG A 68 12.58 -7.43 2.82
CA ARG A 68 13.13 -8.44 3.73
C ARG A 68 12.42 -9.77 3.58
N ALA A 69 11.13 -9.74 3.25
CA ALA A 69 10.35 -10.96 3.09
C ALA A 69 10.93 -11.82 1.97
N LEU A 70 11.29 -11.18 0.87
CA LEU A 70 11.85 -11.88 -0.28
C LEU A 70 13.25 -12.41 0.02
N GLN A 71 14.08 -11.57 0.63
CA GLN A 71 15.45 -11.93 0.96
C GLN A 71 15.50 -13.10 1.93
N ALA A 72 14.68 -13.03 2.99
CA ALA A 72 14.64 -14.07 4.00
C ALA A 72 14.12 -15.38 3.44
N ASP A 73 13.01 -15.31 2.71
CA ASP A 73 12.40 -16.51 2.11
C ASP A 73 13.36 -17.16 1.12
N GLN A 74 13.92 -16.35 0.22
CA GLN A 74 14.85 -16.85 -0.79
C GLN A 74 16.17 -17.30 -0.15
N LEU A 75 17.25 -16.60 -0.50
CA LEU A 75 18.57 -16.93 0.04
C LEU A 75 19.01 -18.31 -0.42
N GLU A 76 18.73 -18.62 -1.69
CA GLU A 76 19.09 -19.89 -2.29
C GLU A 76 18.68 -19.92 -3.77
N ASN A 77 18.81 -18.76 -4.41
CA ASN A 77 18.48 -18.63 -5.83
C ASN A 77 18.77 -17.22 -6.32
N GLN A 78 19.39 -17.11 -7.49
CA GLN A 78 19.73 -15.82 -8.07
C GLN A 78 18.49 -14.96 -8.24
N ALA A 79 18.59 -13.70 -7.84
CA ALA A 79 17.48 -12.76 -7.94
C ALA A 79 17.05 -12.58 -9.39
N ALA A 80 15.74 -12.52 -9.62
CA ALA A 80 15.19 -12.35 -10.96
C ALA A 80 13.70 -12.06 -10.90
N PRO A 81 13.22 -11.09 -11.72
CA PRO A 81 11.80 -10.73 -11.76
C PRO A 81 10.91 -11.92 -12.11
N GLY A 1 13.28 -21.38 9.27
CA GLY A 1 12.96 -22.64 8.56
C GLY A 1 11.93 -22.45 7.46
N ILE A 2 10.86 -21.71 7.77
CA ILE A 2 9.81 -21.44 6.80
C ILE A 2 9.19 -22.75 6.29
N PRO A 3 8.51 -23.51 7.16
CA PRO A 3 7.90 -24.79 6.77
C PRO A 3 6.72 -24.60 5.81
N ALA A 4 5.61 -25.29 6.06
CA ALA A 4 4.44 -25.20 5.21
C ALA A 4 3.94 -23.76 5.13
N THR A 5 3.86 -23.10 6.28
CA THR A 5 3.39 -21.72 6.33
C THR A 5 4.35 -20.79 5.58
N ASN A 6 3.79 -20.02 4.65
CA ASN A 6 4.57 -19.09 3.84
C ASN A 6 3.66 -18.35 2.86
N LEU A 7 2.74 -19.09 2.25
CA LEU A 7 1.82 -18.53 1.28
C LEU A 7 1.02 -17.38 1.90
N SER A 8 0.66 -17.52 3.17
CA SER A 8 -0.10 -16.49 3.88
C SER A 8 0.68 -15.18 3.90
N ARG A 9 1.99 -15.26 4.12
CA ARG A 9 2.83 -14.08 4.17
C ARG A 9 2.92 -13.40 2.80
N VAL A 10 3.20 -14.18 1.76
CA VAL A 10 3.31 -13.65 0.41
C VAL A 10 2.00 -13.02 -0.05
N ALA A 11 0.92 -13.80 0.02
CA ALA A 11 -0.40 -13.33 -0.40
C ALA A 11 -0.85 -12.16 0.46
N GLY A 12 -0.54 -12.22 1.75
CA GLY A 12 -0.91 -11.16 2.66
C GLY A 12 -0.32 -9.82 2.27
N LEU A 13 0.96 -9.82 1.94
CA LEU A 13 1.65 -8.59 1.55
C LEU A 13 1.13 -8.07 0.21
N GLU A 14 0.95 -8.97 -0.75
CA GLU A 14 0.47 -8.61 -2.08
C GLU A 14 -0.91 -7.96 -2.02
N LYS A 15 -1.84 -8.59 -1.28
CA LYS A 15 -3.19 -8.06 -1.16
C LYS A 15 -3.19 -6.67 -0.54
N GLN A 16 -2.35 -6.46 0.47
CA GLN A 16 -2.26 -5.16 1.13
C GLN A 16 -1.92 -4.06 0.13
N LEU A 17 -0.97 -4.33 -0.74
CA LEU A 17 -0.56 -3.36 -1.75
C LEU A 17 -1.72 -2.99 -2.67
N ALA A 18 -2.48 -4.01 -3.06
CA ALA A 18 -3.64 -3.80 -3.93
C ALA A 18 -4.67 -2.91 -3.26
N ILE A 19 -4.95 -3.17 -1.99
CA ILE A 19 -5.92 -2.40 -1.24
C ILE A 19 -5.52 -0.93 -1.19
N GLU A 20 -4.24 -0.67 -0.97
CA GLU A 20 -3.72 0.70 -0.89
C GLU A 20 -4.02 1.45 -2.18
N LEU A 21 -3.79 0.80 -3.31
CA LEU A 21 -4.03 1.42 -4.62
C LEU A 21 -5.49 1.82 -4.77
N LYS A 22 -6.38 0.98 -4.26
CA LYS A 22 -7.82 1.24 -4.34
C LYS A 22 -8.20 2.49 -3.56
N VAL A 23 -7.79 2.57 -2.30
CA VAL A 23 -8.11 3.72 -1.45
C VAL A 23 -7.40 4.98 -1.93
N LYS A 24 -6.11 4.86 -2.25
CA LYS A 24 -5.32 5.99 -2.70
C LYS A 24 -5.92 6.61 -3.96
N GLN A 25 -6.30 5.77 -4.91
CA GLN A 25 -6.90 6.24 -6.15
C GLN A 25 -8.23 6.93 -5.87
N GLY A 26 -9.07 6.27 -5.07
CA GLY A 26 -10.35 6.83 -4.72
C GLY A 26 -10.21 8.14 -3.98
N ALA A 27 -9.14 8.26 -3.20
CA ALA A 27 -8.87 9.46 -2.45
C ALA A 27 -8.58 10.62 -3.39
N GLU A 28 -7.77 10.35 -4.41
CA GLU A 28 -7.42 11.36 -5.39
C GLU A 28 -8.66 11.89 -6.08
N ASN A 29 -9.59 10.99 -6.37
CA ASN A 29 -10.84 11.37 -7.02
C ASN A 29 -11.59 12.39 -6.16
N MET A 30 -11.61 12.14 -4.85
CA MET A 30 -12.28 13.03 -3.91
C MET A 30 -11.56 14.38 -3.85
N ILE A 31 -10.24 14.34 -3.76
CA ILE A 31 -9.44 15.55 -3.70
C ILE A 31 -9.74 16.45 -4.88
N GLN A 32 -9.86 15.86 -6.06
CA GLN A 32 -10.14 16.59 -7.29
C GLN A 32 -11.60 17.06 -7.31
N THR A 33 -12.51 16.19 -6.89
CA THR A 33 -13.93 16.51 -6.87
C THR A 33 -14.23 17.77 -6.05
N TYR A 34 -13.75 17.79 -4.82
CA TYR A 34 -13.99 18.94 -3.94
C TYR A 34 -13.17 20.15 -4.37
N SER A 35 -11.91 19.93 -4.72
CA SER A 35 -11.04 21.04 -5.15
C SER A 35 -11.70 21.80 -6.29
N ASN A 36 -11.93 23.10 -6.07
CA ASN A 36 -12.57 23.97 -7.07
C ASN A 36 -13.81 23.30 -7.67
N GLY A 37 -14.28 23.83 -8.79
CA GLY A 37 -15.45 23.28 -9.45
C GLY A 37 -16.58 22.99 -8.48
N SER A 38 -16.88 23.94 -7.59
CA SER A 38 -17.93 23.78 -6.60
C SER A 38 -17.62 22.63 -5.65
N THR A 39 -18.51 22.41 -4.69
CA THR A 39 -18.35 21.33 -3.70
C THR A 39 -16.97 21.38 -3.05
N LYS A 40 -16.48 22.59 -2.77
CA LYS A 40 -15.18 22.76 -2.14
C LYS A 40 -15.29 22.75 -0.61
N ASP A 41 -16.04 21.79 -0.08
CA ASP A 41 -16.21 21.68 1.37
C ASP A 41 -14.86 21.52 2.05
N ARG A 42 -14.60 22.37 3.04
CA ARG A 42 -13.33 22.34 3.77
C ARG A 42 -13.23 21.12 4.68
N LYS A 43 -14.29 20.86 5.44
CA LYS A 43 -14.31 19.73 6.37
C LYS A 43 -14.02 18.42 5.65
N LEU A 44 -14.74 18.17 4.56
CA LEU A 44 -14.55 16.96 3.76
C LEU A 44 -13.22 16.99 3.03
N LEU A 45 -12.81 18.17 2.58
CA LEU A 45 -11.55 18.32 1.86
C LEU A 45 -10.40 17.76 2.68
N LEU A 46 -10.33 18.17 3.95
CA LEU A 46 -9.29 17.69 4.84
C LEU A 46 -9.47 16.20 5.12
N THR A 47 -10.72 15.77 5.20
CA THR A 47 -11.04 14.37 5.46
C THR A 47 -10.41 13.45 4.41
N ALA A 48 -10.59 13.80 3.14
CA ALA A 48 -10.04 13.02 2.05
C ALA A 48 -8.51 13.05 2.05
N GLN A 49 -7.95 14.24 2.21
CA GLN A 49 -6.51 14.41 2.24
C GLN A 49 -5.91 13.55 3.35
N GLN A 50 -6.63 13.46 4.46
CA GLN A 50 -6.18 12.67 5.60
C GLN A 50 -6.12 11.19 5.23
N MET A 51 -7.14 10.69 4.53
CA MET A 51 -7.17 9.30 4.12
C MET A 51 -6.03 9.00 3.17
N LEU A 52 -5.79 9.92 2.24
CA LEU A 52 -4.73 9.74 1.26
C LEU A 52 -3.37 9.64 1.94
N GLN A 53 -3.13 10.55 2.89
CA GLN A 53 -1.86 10.57 3.63
C GLN A 53 -1.64 9.28 4.40
N ASP A 54 -2.69 8.81 5.06
CA ASP A 54 -2.60 7.57 5.84
C ASP A 54 -2.18 6.40 4.97
N SER A 55 -2.75 6.32 3.77
CA SER A 55 -2.44 5.25 2.83
C SER A 55 -0.97 5.31 2.41
N LYS A 56 -0.49 6.52 2.13
CA LYS A 56 0.89 6.72 1.70
C LYS A 56 1.87 6.14 2.72
N THR A 57 1.71 6.53 3.98
CA THR A 57 2.59 6.07 5.05
C THR A 57 2.62 4.55 5.13
N LYS A 58 1.43 3.93 5.08
CA LYS A 58 1.33 2.49 5.17
C LYS A 58 2.03 1.80 3.99
N ILE A 59 1.85 2.35 2.79
CA ILE A 59 2.47 1.78 1.60
C ILE A 59 4.00 1.75 1.72
N ASP A 60 4.57 2.81 2.28
CA ASP A 60 6.02 2.88 2.45
C ASP A 60 6.51 1.77 3.37
N ILE A 61 5.82 1.59 4.50
CA ILE A 61 6.18 0.54 5.45
C ILE A 61 6.06 -0.84 4.82
N ILE A 62 4.96 -1.07 4.11
CA ILE A 62 4.74 -2.34 3.45
C ILE A 62 5.80 -2.58 2.38
N ARG A 63 6.18 -1.52 1.68
CA ARG A 63 7.18 -1.61 0.63
C ARG A 63 8.48 -2.23 1.15
N MET A 64 8.97 -1.72 2.28
CA MET A 64 10.20 -2.24 2.86
C MET A 64 10.01 -3.68 3.31
N GLN A 65 8.79 -4.01 3.76
CA GLN A 65 8.48 -5.36 4.21
C GLN A 65 8.67 -6.37 3.07
N LEU A 66 8.14 -6.03 1.90
CA LEU A 66 8.24 -6.90 0.73
C LEU A 66 9.71 -7.10 0.36
N ARG A 67 10.48 -6.01 0.38
CA ARG A 67 11.90 -6.08 0.05
C ARG A 67 12.60 -7.11 0.91
N ARG A 68 12.29 -7.12 2.20
CA ARG A 68 12.89 -8.06 3.14
C ARG A 68 12.49 -9.49 2.80
N ALA A 69 11.25 -9.66 2.34
CA ALA A 69 10.75 -10.98 1.97
C ALA A 69 11.58 -11.60 0.85
N LEU A 70 11.88 -10.80 -0.16
CA LEU A 70 12.68 -11.27 -1.29
C LEU A 70 14.10 -11.60 -0.85
N GLN A 71 14.69 -10.72 -0.02
CA GLN A 71 16.04 -10.93 0.48
C GLN A 71 16.18 -12.28 1.17
N ALA A 72 15.20 -12.60 2.01
CA ALA A 72 15.22 -13.86 2.75
C ALA A 72 15.18 -15.05 1.78
N ASP A 73 14.35 -14.94 0.75
CA ASP A 73 14.21 -15.99 -0.25
C ASP A 73 15.52 -16.20 -1.01
N GLN A 74 16.20 -15.09 -1.30
CA GLN A 74 17.46 -15.14 -2.03
C GLN A 74 18.50 -16.00 -1.31
N LEU A 75 18.70 -15.71 -0.03
CA LEU A 75 19.67 -16.46 0.78
C LEU A 75 19.22 -17.91 0.97
N GLU A 76 17.97 -18.09 1.40
CA GLU A 76 17.42 -19.42 1.62
C GLU A 76 17.32 -20.19 0.31
N ASN A 77 17.82 -21.42 0.31
CA ASN A 77 17.78 -22.27 -0.88
C ASN A 77 16.34 -22.59 -1.26
N GLN A 78 16.06 -22.63 -2.56
CA GLN A 78 14.73 -22.94 -3.04
C GLN A 78 14.26 -24.29 -2.51
N ALA A 79 13.04 -24.33 -1.98
CA ALA A 79 12.49 -25.57 -1.44
C ALA A 79 12.31 -26.62 -2.54
N ALA A 80 12.75 -27.84 -2.24
CA ALA A 80 12.65 -28.95 -3.19
C ALA A 80 13.07 -30.27 -2.55
N PRO A 81 12.44 -30.67 -1.44
CA PRO A 81 12.76 -31.91 -0.73
C PRO A 81 12.62 -33.13 -1.65
N GLY A 1 10.68 -25.00 10.20
CA GLY A 1 10.42 -24.48 8.83
C GLY A 1 9.11 -24.98 8.26
N ILE A 2 8.34 -24.09 7.64
CA ILE A 2 7.07 -24.46 7.05
C ILE A 2 7.25 -25.51 5.95
N PRO A 3 6.62 -26.69 6.11
CA PRO A 3 6.72 -27.78 5.13
C PRO A 3 5.79 -27.58 3.93
N ALA A 4 5.77 -26.38 3.37
CA ALA A 4 4.92 -26.08 2.22
C ALA A 4 5.23 -24.71 1.62
N THR A 5 6.50 -24.30 1.71
CA THR A 5 6.97 -23.03 1.17
C THR A 5 6.17 -21.84 1.73
N ASN A 6 6.83 -20.70 1.84
CA ASN A 6 6.18 -19.49 2.36
C ASN A 6 4.96 -19.15 1.52
N LEU A 7 3.86 -18.81 2.19
CA LEU A 7 2.62 -18.47 1.51
C LEU A 7 1.85 -17.40 2.28
N SER A 8 1.80 -17.54 3.60
CA SER A 8 1.08 -16.58 4.44
C SER A 8 1.60 -15.17 4.23
N ARG A 9 2.92 -15.02 4.21
CA ARG A 9 3.55 -13.71 4.02
C ARG A 9 3.20 -13.15 2.64
N VAL A 10 3.46 -13.94 1.61
CA VAL A 10 3.20 -13.53 0.23
C VAL A 10 1.80 -12.93 0.09
N ALA A 11 0.81 -13.64 0.62
CA ALA A 11 -0.57 -13.19 0.55
C ALA A 11 -0.74 -11.85 1.26
N GLY A 12 -0.03 -11.67 2.36
CA GLY A 12 -0.13 -10.43 3.10
C GLY A 12 0.28 -9.22 2.28
N LEU A 13 1.52 -9.24 1.77
CA LEU A 13 2.03 -8.14 0.96
C LEU A 13 1.10 -7.82 -0.21
N GLU A 14 0.60 -8.86 -0.87
CA GLU A 14 -0.29 -8.68 -2.02
C GLU A 14 -1.60 -8.02 -1.63
N LYS A 15 -2.26 -8.55 -0.60
CA LYS A 15 -3.54 -8.00 -0.16
C LYS A 15 -3.40 -6.54 0.26
N GLN A 16 -2.27 -6.22 0.90
CA GLN A 16 -2.01 -4.86 1.36
C GLN A 16 -2.01 -3.87 0.20
N LEU A 17 -1.28 -4.21 -0.86
CA LEU A 17 -1.21 -3.34 -2.04
C LEU A 17 -2.58 -3.06 -2.62
N ALA A 18 -3.40 -4.10 -2.73
CA ALA A 18 -4.74 -3.97 -3.29
C ALA A 18 -5.60 -3.01 -2.48
N ILE A 19 -5.64 -3.21 -1.16
CA ILE A 19 -6.44 -2.37 -0.27
C ILE A 19 -5.99 -0.92 -0.30
N GLU A 20 -4.69 -0.70 -0.15
CA GLU A 20 -4.13 0.65 -0.14
C GLU A 20 -4.43 1.40 -1.43
N LEU A 21 -4.23 0.75 -2.56
CA LEU A 21 -4.48 1.37 -3.86
C LEU A 21 -5.93 1.84 -3.98
N LYS A 22 -6.87 1.03 -3.51
CA LYS A 22 -8.29 1.38 -3.57
C LYS A 22 -8.58 2.64 -2.77
N VAL A 23 -8.11 2.69 -1.53
CA VAL A 23 -8.34 3.85 -0.66
C VAL A 23 -7.59 5.08 -1.18
N LYS A 24 -6.33 4.90 -1.52
CA LYS A 24 -5.50 5.98 -2.02
C LYS A 24 -6.12 6.62 -3.26
N GLN A 25 -6.55 5.79 -4.20
CA GLN A 25 -7.16 6.28 -5.43
C GLN A 25 -8.40 7.12 -5.11
N GLY A 26 -9.20 6.63 -4.17
CA GLY A 26 -10.41 7.35 -3.79
C GLY A 26 -10.10 8.69 -3.16
N ALA A 27 -9.02 8.74 -2.37
CA ALA A 27 -8.62 9.98 -1.72
C ALA A 27 -8.17 11.00 -2.76
N GLU A 28 -7.43 10.51 -3.75
CA GLU A 28 -6.94 11.37 -4.82
C GLU A 28 -8.10 11.96 -5.61
N ASN A 29 -9.13 11.14 -5.83
CA ASN A 29 -10.31 11.58 -6.56
C ASN A 29 -10.94 12.77 -5.86
N MET A 30 -11.06 12.69 -4.54
CA MET A 30 -11.63 13.77 -3.75
C MET A 30 -10.80 15.03 -3.85
N ILE A 31 -9.49 14.90 -3.66
CA ILE A 31 -8.58 16.04 -3.72
C ILE A 31 -8.73 16.78 -5.05
N GLN A 32 -8.77 16.02 -6.14
CA GLN A 32 -8.91 16.60 -7.47
C GLN A 32 -10.27 17.27 -7.64
N THR A 33 -11.31 16.64 -7.10
CA THR A 33 -12.66 17.16 -7.19
C THR A 33 -12.82 18.48 -6.44
N TYR A 34 -12.41 18.49 -5.17
CA TYR A 34 -12.51 19.68 -4.34
C TYR A 34 -11.42 20.71 -4.70
N SER A 35 -10.82 20.55 -5.88
CA SER A 35 -9.77 21.46 -6.31
C SER A 35 -10.36 22.82 -6.68
N ASN A 36 -11.45 22.81 -7.44
CA ASN A 36 -12.11 24.03 -7.87
C ASN A 36 -13.39 23.73 -8.65
N GLY A 37 -14.47 24.42 -8.31
CA GLY A 37 -15.73 24.21 -9.00
C GLY A 37 -16.32 22.84 -8.72
N SER A 38 -17.65 22.73 -8.88
CA SER A 38 -18.36 21.49 -8.64
C SER A 38 -18.09 20.93 -7.25
N THR A 39 -18.69 21.56 -6.25
CA THR A 39 -18.53 21.13 -4.86
C THR A 39 -17.10 21.36 -4.37
N LYS A 40 -16.98 21.79 -3.11
CA LYS A 40 -15.68 22.07 -2.51
C LYS A 40 -15.80 22.21 -1.00
N ASP A 41 -16.47 21.24 -0.37
CA ASP A 41 -16.65 21.27 1.08
C ASP A 41 -15.30 21.23 1.79
N ARG A 42 -15.11 22.17 2.71
CA ARG A 42 -13.85 22.25 3.46
C ARG A 42 -13.67 21.04 4.37
N LYS A 43 -14.73 20.66 5.07
CA LYS A 43 -14.66 19.52 5.98
C LYS A 43 -14.21 18.25 5.27
N LEU A 44 -14.91 17.91 4.20
CA LEU A 44 -14.57 16.71 3.43
C LEU A 44 -13.21 16.85 2.75
N LEU A 45 -12.84 18.08 2.40
CA LEU A 45 -11.56 18.34 1.75
C LEU A 45 -10.42 17.80 2.61
N LEU A 46 -10.39 18.19 3.88
CA LEU A 46 -9.36 17.73 4.80
C LEU A 46 -9.54 16.25 5.11
N THR A 47 -10.79 15.83 5.21
CA THR A 47 -11.11 14.43 5.50
C THR A 47 -10.45 13.50 4.48
N ALA A 48 -10.56 13.88 3.21
CA ALA A 48 -9.97 13.08 2.14
C ALA A 48 -8.45 13.08 2.24
N GLN A 49 -7.87 14.26 2.49
CA GLN A 49 -6.43 14.39 2.65
C GLN A 49 -5.94 13.49 3.77
N GLN A 50 -6.72 13.41 4.84
CA GLN A 50 -6.39 12.59 5.98
C GLN A 50 -6.34 11.11 5.61
N MET A 51 -7.31 10.68 4.80
CA MET A 51 -7.36 9.28 4.37
C MET A 51 -6.15 8.94 3.50
N LEU A 52 -5.77 9.87 2.64
CA LEU A 52 -4.63 9.67 1.75
C LEU A 52 -3.33 9.49 2.56
N GLN A 53 -3.17 10.32 3.57
CA GLN A 53 -1.97 10.25 4.41
C GLN A 53 -1.84 8.88 5.06
N ASP A 54 -2.95 8.37 5.59
CA ASP A 54 -2.95 7.07 6.24
C ASP A 54 -2.55 5.97 5.25
N SER A 55 -3.06 6.07 4.02
CA SER A 55 -2.76 5.11 2.98
C SER A 55 -1.27 5.10 2.66
N LYS A 56 -0.67 6.27 2.58
CA LYS A 56 0.75 6.40 2.29
C LYS A 56 1.59 5.64 3.31
N THR A 57 1.25 5.80 4.59
CA THR A 57 1.97 5.13 5.66
C THR A 57 1.89 3.61 5.51
N LYS A 58 0.69 3.11 5.24
CA LYS A 58 0.47 1.68 5.07
C LYS A 58 1.31 1.15 3.91
N ILE A 59 1.26 1.83 2.78
CA ILE A 59 2.03 1.43 1.60
C ILE A 59 3.51 1.41 1.90
N ASP A 60 3.97 2.35 2.72
CA ASP A 60 5.38 2.42 3.09
C ASP A 60 5.83 1.12 3.74
N ILE A 61 5.06 0.65 4.71
CA ILE A 61 5.37 -0.60 5.39
C ILE A 61 5.38 -1.76 4.41
N ILE A 62 4.45 -1.74 3.47
CA ILE A 62 4.34 -2.78 2.45
C ILE A 62 5.65 -2.91 1.69
N ARG A 63 6.14 -1.79 1.14
CA ARG A 63 7.39 -1.79 0.39
C ARG A 63 8.50 -2.43 1.20
N MET A 64 8.52 -2.14 2.50
CA MET A 64 9.53 -2.70 3.39
C MET A 64 9.50 -4.23 3.35
N GLN A 65 8.29 -4.79 3.30
CA GLN A 65 8.11 -6.24 3.26
C GLN A 65 8.55 -6.79 1.90
N LEU A 66 8.20 -6.10 0.82
CA LEU A 66 8.54 -6.54 -0.52
C LEU A 66 10.05 -6.60 -0.72
N ARG A 67 10.75 -5.52 -0.38
CA ARG A 67 12.20 -5.47 -0.52
C ARG A 67 12.88 -6.56 0.30
N ARG A 68 12.43 -6.73 1.55
CA ARG A 68 12.99 -7.74 2.43
C ARG A 68 12.74 -9.14 1.87
N ALA A 69 11.57 -9.31 1.26
CA ALA A 69 11.19 -10.58 0.68
C ALA A 69 12.07 -10.94 -0.52
N LEU A 70 12.41 -9.94 -1.31
CA LEU A 70 13.23 -10.15 -2.51
C LEU A 70 14.65 -10.59 -2.14
N GLN A 71 15.30 -9.84 -1.25
CA GLN A 71 16.66 -10.15 -0.84
C GLN A 71 16.77 -11.57 -0.28
N ALA A 72 15.83 -11.93 0.58
CA ALA A 72 15.82 -13.24 1.19
C ALA A 72 15.50 -14.33 0.16
N ASP A 73 14.56 -14.04 -0.72
CA ASP A 73 14.17 -15.00 -1.76
C ASP A 73 15.34 -15.32 -2.66
N GLN A 74 16.15 -14.32 -2.97
CA GLN A 74 17.32 -14.49 -3.82
C GLN A 74 18.23 -15.58 -3.29
N LEU A 75 18.42 -15.60 -1.98
CA LEU A 75 19.27 -16.59 -1.34
C LEU A 75 18.70 -17.99 -1.57
N GLU A 76 17.41 -18.15 -1.27
CA GLU A 76 16.74 -19.43 -1.44
C GLU A 76 16.50 -19.72 -2.93
N ASN A 77 15.40 -20.41 -3.22
CA ASN A 77 15.05 -20.75 -4.60
C ASN A 77 13.72 -21.51 -4.65
N GLN A 78 12.80 -21.01 -5.48
CA GLN A 78 11.49 -21.63 -5.63
C GLN A 78 11.57 -22.90 -6.48
N ALA A 79 10.98 -23.98 -6.00
CA ALA A 79 10.99 -25.24 -6.74
C ALA A 79 10.17 -25.13 -8.02
N ALA A 80 10.77 -25.59 -9.13
CA ALA A 80 10.12 -25.55 -10.43
C ALA A 80 9.84 -24.12 -10.89
N PRO A 81 10.10 -23.81 -12.17
CA PRO A 81 9.87 -22.47 -12.72
C PRO A 81 8.40 -22.07 -12.69
N GLY A 1 9.68 -25.51 -8.50
CA GLY A 1 10.33 -26.25 -7.40
C GLY A 1 9.60 -26.12 -6.08
N ILE A 2 9.20 -24.90 -5.75
CA ILE A 2 8.48 -24.63 -4.50
C ILE A 2 7.17 -25.42 -4.44
N PRO A 3 6.96 -26.21 -3.37
CA PRO A 3 5.75 -27.00 -3.21
C PRO A 3 4.56 -26.17 -2.70
N ALA A 4 4.41 -24.97 -3.26
CA ALA A 4 3.32 -24.07 -2.87
C ALA A 4 3.39 -23.72 -1.39
N THR A 5 4.59 -23.46 -0.89
CA THR A 5 4.78 -23.10 0.52
C THR A 5 4.63 -21.60 0.72
N ASN A 6 5.26 -20.83 -0.16
CA ASN A 6 5.22 -19.37 -0.09
C ASN A 6 3.90 -18.82 -0.64
N LEU A 7 2.78 -19.38 -0.18
CA LEU A 7 1.47 -18.93 -0.63
C LEU A 7 0.90 -17.86 0.28
N SER A 8 0.97 -18.10 1.59
CA SER A 8 0.42 -17.18 2.58
C SER A 8 1.19 -15.85 2.61
N ARG A 9 2.52 -15.94 2.70
CA ARG A 9 3.36 -14.73 2.75
C ARG A 9 3.21 -13.87 1.51
N VAL A 10 3.28 -14.50 0.34
CA VAL A 10 3.15 -13.77 -0.92
C VAL A 10 1.76 -13.18 -1.10
N ALA A 11 0.75 -13.99 -0.88
CA ALA A 11 -0.64 -13.55 -1.02
C ALA A 11 -0.94 -12.38 -0.08
N GLY A 12 -0.41 -12.45 1.13
CA GLY A 12 -0.63 -11.39 2.11
C GLY A 12 -0.09 -10.06 1.64
N LEU A 13 1.13 -10.07 1.13
CA LEU A 13 1.77 -8.84 0.65
C LEU A 13 1.03 -8.28 -0.56
N GLU A 14 0.67 -9.17 -1.49
CA GLU A 14 -0.03 -8.76 -2.71
C GLU A 14 -1.37 -8.09 -2.39
N LYS A 15 -2.19 -8.75 -1.57
CA LYS A 15 -3.50 -8.21 -1.21
C LYS A 15 -3.37 -6.83 -0.57
N GLN A 16 -2.34 -6.65 0.26
CA GLN A 16 -2.10 -5.37 0.92
C GLN A 16 -1.93 -4.26 -0.11
N LEU A 17 -1.14 -4.54 -1.14
CA LEU A 17 -0.89 -3.56 -2.20
C LEU A 17 -2.18 -3.16 -2.91
N ALA A 18 -3.07 -4.12 -3.10
CA ALA A 18 -4.34 -3.87 -3.77
C ALA A 18 -5.24 -2.92 -2.97
N ILE A 19 -5.36 -3.19 -1.67
CA ILE A 19 -6.20 -2.37 -0.79
C ILE A 19 -5.71 -0.94 -0.68
N GLU A 20 -4.41 -0.77 -0.40
CA GLU A 20 -3.82 0.55 -0.25
C GLU A 20 -4.02 1.40 -1.50
N LEU A 21 -3.78 0.82 -2.66
CA LEU A 21 -3.94 1.53 -3.93
C LEU A 21 -5.37 2.03 -4.10
N LYS A 22 -6.33 1.18 -3.75
CA LYS A 22 -7.74 1.53 -3.86
C LYS A 22 -8.07 2.76 -3.03
N VAL A 23 -7.57 2.78 -1.79
CA VAL A 23 -7.81 3.89 -0.88
C VAL A 23 -7.17 5.18 -1.37
N LYS A 24 -5.90 5.09 -1.80
CA LYS A 24 -5.18 6.26 -2.29
C LYS A 24 -5.88 6.87 -3.50
N GLN A 25 -6.23 6.03 -4.48
CA GLN A 25 -6.90 6.49 -5.67
C GLN A 25 -8.26 7.10 -5.33
N GLY A 26 -8.99 6.43 -4.44
CA GLY A 26 -10.30 6.92 -4.04
C GLY A 26 -10.23 8.28 -3.39
N ALA A 27 -9.18 8.51 -2.60
CA ALA A 27 -8.99 9.78 -1.92
C ALA A 27 -8.69 10.88 -2.94
N GLU A 28 -7.85 10.56 -3.90
CA GLU A 28 -7.48 11.52 -4.94
C GLU A 28 -8.70 11.92 -5.76
N ASN A 29 -9.54 10.93 -6.07
CA ASN A 29 -10.75 11.18 -6.84
C ASN A 29 -11.63 12.22 -6.15
N MET A 30 -11.81 12.04 -4.84
CA MET A 30 -12.62 12.96 -4.06
C MET A 30 -12.00 14.35 -4.01
N ILE A 31 -10.69 14.39 -3.75
CA ILE A 31 -9.96 15.65 -3.67
C ILE A 31 -10.13 16.47 -4.96
N GLN A 32 -9.97 15.80 -6.09
CA GLN A 32 -10.11 16.46 -7.39
C GLN A 32 -11.52 17.01 -7.58
N THR A 33 -12.51 16.24 -7.16
CA THR A 33 -13.91 16.63 -7.29
C THR A 33 -14.21 17.86 -6.43
N TYR A 34 -13.61 17.92 -5.24
CA TYR A 34 -13.83 19.03 -4.32
C TYR A 34 -13.08 20.29 -4.75
N SER A 35 -11.92 20.11 -5.34
CA SER A 35 -11.10 21.25 -5.78
C SER A 35 -11.80 22.15 -6.79
N ASN A 36 -12.39 21.54 -7.83
CA ASN A 36 -13.06 22.32 -8.87
C ASN A 36 -14.29 23.06 -8.33
N GLY A 37 -15.21 23.41 -9.23
CA GLY A 37 -16.40 24.13 -8.84
C GLY A 37 -17.36 23.33 -7.97
N SER A 38 -17.77 22.16 -8.47
CA SER A 38 -18.68 21.30 -7.73
C SER A 38 -18.07 20.91 -6.39
N THR A 39 -18.79 21.20 -5.31
CA THR A 39 -18.32 20.89 -3.96
C THR A 39 -17.03 21.65 -3.64
N LYS A 40 -16.93 22.14 -2.41
CA LYS A 40 -15.74 22.88 -1.99
C LYS A 40 -15.69 23.03 -0.46
N ASP A 41 -16.13 22.01 0.24
CA ASP A 41 -16.12 22.02 1.70
C ASP A 41 -14.69 21.98 2.22
N ARG A 42 -14.37 22.88 3.15
CA ARG A 42 -13.02 22.96 3.72
C ARG A 42 -12.75 21.82 4.70
N LYS A 43 -13.59 21.69 5.71
CA LYS A 43 -13.42 20.67 6.74
C LYS A 43 -13.43 19.25 6.16
N LEU A 44 -14.45 18.94 5.37
CA LEU A 44 -14.57 17.62 4.78
C LEU A 44 -13.37 17.30 3.89
N LEU A 45 -12.93 18.27 3.09
CA LEU A 45 -11.78 18.07 2.23
C LEU A 45 -10.55 17.72 3.07
N LEU A 46 -10.41 18.40 4.21
CA LEU A 46 -9.30 18.15 5.11
C LEU A 46 -9.23 16.68 5.48
N THR A 47 -10.40 16.10 5.76
CA THR A 47 -10.48 14.69 6.11
C THR A 47 -9.90 13.83 5.01
N ALA A 48 -10.27 14.14 3.77
CA ALA A 48 -9.77 13.40 2.62
C ALA A 48 -8.26 13.60 2.45
N GLN A 49 -7.81 14.83 2.69
CA GLN A 49 -6.40 15.16 2.57
C GLN A 49 -5.57 14.28 3.50
N GLN A 50 -6.02 14.16 4.75
CA GLN A 50 -5.34 13.34 5.74
C GLN A 50 -5.34 11.88 5.29
N MET A 51 -6.46 11.46 4.69
CA MET A 51 -6.60 10.09 4.20
C MET A 51 -5.54 9.77 3.16
N LEU A 52 -5.37 10.68 2.21
CA LEU A 52 -4.39 10.49 1.14
C LEU A 52 -2.99 10.26 1.72
N GLN A 53 -2.61 11.09 2.68
CA GLN A 53 -1.31 10.97 3.32
C GLN A 53 -1.18 9.63 4.05
N ASP A 54 -2.24 9.24 4.75
CA ASP A 54 -2.25 7.99 5.50
C ASP A 54 -2.06 6.80 4.57
N SER A 55 -2.77 6.82 3.44
CA SER A 55 -2.69 5.74 2.46
C SER A 55 -1.26 5.54 1.97
N LYS A 56 -0.58 6.65 1.69
CA LYS A 56 0.80 6.60 1.21
C LYS A 56 1.69 5.90 2.23
N THR A 57 1.52 6.25 3.50
CA THR A 57 2.31 5.66 4.58
C THR A 57 2.16 4.15 4.60
N LYS A 58 0.94 3.66 4.44
CA LYS A 58 0.67 2.23 4.44
C LYS A 58 1.49 1.53 3.37
N ILE A 59 1.44 2.05 2.15
CA ILE A 59 2.19 1.49 1.04
C ILE A 59 3.69 1.43 1.33
N ASP A 60 4.21 2.49 1.95
CA ASP A 60 5.62 2.54 2.31
C ASP A 60 5.99 1.39 3.22
N ILE A 61 5.17 1.15 4.24
CA ILE A 61 5.40 0.08 5.19
C ILE A 61 5.45 -1.27 4.46
N ILE A 62 4.58 -1.43 3.48
CA ILE A 62 4.52 -2.65 2.70
C ILE A 62 5.84 -2.90 1.96
N ARG A 63 6.36 -1.85 1.32
CA ARG A 63 7.60 -1.94 0.59
C ARG A 63 8.70 -2.51 1.49
N MET A 64 8.73 -2.03 2.73
CA MET A 64 9.71 -2.49 3.71
C MET A 64 9.57 -3.99 3.95
N GLN A 65 8.32 -4.45 4.06
CA GLN A 65 8.05 -5.87 4.29
C GLN A 65 8.58 -6.72 3.13
N LEU A 66 8.31 -6.27 1.91
CA LEU A 66 8.77 -6.97 0.72
C LEU A 66 10.29 -7.11 0.73
N ARG A 67 10.97 -6.04 1.11
CA ARG A 67 12.43 -6.05 1.16
C ARG A 67 12.94 -7.13 2.12
N ARG A 68 12.33 -7.18 3.30
CA ARG A 68 12.72 -8.15 4.31
C ARG A 68 12.51 -9.58 3.81
N ALA A 69 11.44 -9.79 3.05
CA ALA A 69 11.14 -11.11 2.51
C ALA A 69 12.23 -11.58 1.57
N LEU A 70 12.62 -10.70 0.64
CA LEU A 70 13.66 -11.03 -0.33
C LEU A 70 14.98 -11.35 0.36
N GLN A 71 15.34 -10.54 1.36
CA GLN A 71 16.58 -10.73 2.09
C GLN A 71 16.60 -12.07 2.82
N ALA A 72 15.47 -12.43 3.43
CA ALA A 72 15.35 -13.68 4.16
C ALA A 72 15.61 -14.88 3.26
N ASP A 73 14.97 -14.91 2.09
CA ASP A 73 15.14 -16.00 1.15
C ASP A 73 16.61 -16.18 0.78
N GLN A 74 17.27 -15.06 0.47
CA GLN A 74 18.68 -15.09 0.11
C GLN A 74 19.52 -15.49 1.33
N LEU A 75 20.46 -16.41 1.11
CA LEU A 75 21.32 -16.89 2.19
C LEU A 75 20.47 -17.51 3.29
N GLU A 76 19.58 -18.42 2.90
CA GLU A 76 18.69 -19.09 3.84
C GLU A 76 19.47 -20.06 4.73
N ASN A 77 20.35 -20.83 4.12
CA ASN A 77 21.15 -21.81 4.85
C ASN A 77 21.99 -21.12 5.93
N GLN A 78 21.90 -21.64 7.15
CA GLN A 78 22.65 -21.08 8.27
C GLN A 78 24.13 -21.43 8.16
N ALA A 79 24.98 -20.43 8.39
CA ALA A 79 26.43 -20.63 8.31
C ALA A 79 26.90 -21.62 9.36
N ALA A 80 27.73 -22.57 8.94
CA ALA A 80 28.26 -23.60 9.84
C ALA A 80 29.32 -24.45 9.15
N PRO A 81 30.43 -24.75 9.84
CA PRO A 81 31.51 -25.57 9.27
C PRO A 81 31.03 -26.94 8.81
N GLY A 1 11.43 -21.99 10.48
CA GLY A 1 11.52 -22.34 9.03
C GLY A 1 10.68 -23.54 8.67
N ILE A 2 9.94 -23.42 7.57
CA ILE A 2 9.08 -24.51 7.11
C ILE A 2 8.46 -24.18 5.75
N PRO A 3 8.50 -25.13 4.80
CA PRO A 3 7.95 -24.94 3.44
C PRO A 3 6.45 -24.65 3.46
N ALA A 4 5.74 -25.26 4.41
CA ALA A 4 4.30 -25.08 4.53
C ALA A 4 3.92 -23.60 4.58
N THR A 5 4.57 -22.85 5.46
CA THR A 5 4.29 -21.43 5.60
C THR A 5 4.86 -20.63 4.43
N ASN A 6 5.31 -19.40 4.71
CA ASN A 6 5.88 -18.51 3.70
C ASN A 6 4.81 -17.93 2.79
N LEU A 7 3.89 -18.77 2.34
CA LEU A 7 2.81 -18.33 1.45
C LEU A 7 1.94 -17.28 2.12
N SER A 8 1.68 -17.47 3.42
CA SER A 8 0.85 -16.53 4.17
C SER A 8 1.44 -15.12 4.10
N ARG A 9 2.76 -15.02 4.26
CA ARG A 9 3.44 -13.73 4.23
C ARG A 9 3.33 -13.09 2.85
N VAL A 10 3.55 -13.88 1.80
CA VAL A 10 3.48 -13.39 0.43
C VAL A 10 2.10 -12.84 0.10
N ALA A 11 1.08 -13.68 0.25
CA ALA A 11 -0.29 -13.29 -0.05
C ALA A 11 -0.73 -12.11 0.81
N GLY A 12 -0.37 -12.13 2.08
CA GLY A 12 -0.74 -11.06 2.98
C GLY A 12 -0.18 -9.71 2.56
N LEU A 13 1.11 -9.68 2.24
CA LEU A 13 1.76 -8.45 1.81
C LEU A 13 1.24 -7.97 0.46
N GLU A 14 1.05 -8.91 -0.46
CA GLU A 14 0.56 -8.57 -1.80
C GLU A 14 -0.82 -7.94 -1.76
N LYS A 15 -1.74 -8.54 -1.01
CA LYS A 15 -3.11 -8.02 -0.91
C LYS A 15 -3.10 -6.60 -0.34
N GLN A 16 -2.28 -6.38 0.68
CA GLN A 16 -2.17 -5.06 1.31
C GLN A 16 -1.71 -4.02 0.30
N LEU A 17 -0.74 -4.41 -0.53
CA LEU A 17 -0.18 -3.52 -1.54
C LEU A 17 -1.26 -3.01 -2.49
N ALA A 18 -2.10 -3.92 -2.96
CA ALA A 18 -3.17 -3.57 -3.90
C ALA A 18 -4.22 -2.68 -3.24
N ILE A 19 -4.65 -3.06 -2.03
CA ILE A 19 -5.67 -2.31 -1.32
C ILE A 19 -5.24 -0.87 -1.03
N GLU A 20 -4.04 -0.70 -0.51
CA GLU A 20 -3.52 0.63 -0.17
C GLU A 20 -3.46 1.53 -1.39
N LEU A 21 -2.97 1.00 -2.51
CA LEU A 21 -2.87 1.78 -3.73
C LEU A 21 -4.23 2.29 -4.18
N LYS A 22 -5.23 1.42 -4.13
CA LYS A 22 -6.59 1.79 -4.53
C LYS A 22 -7.11 2.93 -3.66
N VAL A 23 -6.87 2.84 -2.35
CA VAL A 23 -7.32 3.87 -1.42
C VAL A 23 -6.66 5.21 -1.75
N LYS A 24 -5.38 5.16 -2.09
CA LYS A 24 -4.62 6.37 -2.42
C LYS A 24 -5.23 7.06 -3.64
N GLN A 25 -5.48 6.29 -4.70
CA GLN A 25 -6.05 6.83 -5.92
C GLN A 25 -7.44 7.42 -5.67
N GLY A 26 -8.25 6.69 -4.90
CA GLY A 26 -9.59 7.15 -4.59
C GLY A 26 -9.59 8.46 -3.82
N ALA A 27 -8.63 8.62 -2.91
CA ALA A 27 -8.52 9.83 -2.12
C ALA A 27 -8.14 11.01 -2.99
N GLU A 28 -7.20 10.78 -3.90
CA GLU A 28 -6.73 11.82 -4.81
C GLU A 28 -7.88 12.38 -5.64
N ASN A 29 -8.72 11.49 -6.16
CA ASN A 29 -9.86 11.90 -6.98
C ASN A 29 -10.80 12.79 -6.18
N MET A 30 -11.07 12.38 -4.94
CA MET A 30 -11.96 13.14 -4.06
C MET A 30 -11.38 14.51 -3.74
N ILE A 31 -10.08 14.56 -3.46
CA ILE A 31 -9.41 15.82 -3.13
C ILE A 31 -9.46 16.79 -4.29
N GLN A 32 -9.13 16.31 -5.48
CA GLN A 32 -9.13 17.15 -6.68
C GLN A 32 -10.53 17.65 -7.00
N THR A 33 -11.50 16.76 -6.93
CA THR A 33 -12.89 17.11 -7.22
C THR A 33 -13.43 18.16 -6.24
N TYR A 34 -13.23 17.90 -4.95
CA TYR A 34 -13.71 18.82 -3.92
C TYR A 34 -13.00 20.17 -4.00
N SER A 35 -11.70 20.14 -4.19
CA SER A 35 -10.92 21.38 -4.28
C SER A 35 -11.06 22.02 -5.66
N ASN A 36 -12.30 22.17 -6.12
CA ASN A 36 -12.54 22.78 -7.43
C ASN A 36 -14.02 23.14 -7.60
N GLY A 37 -14.58 22.89 -8.79
CA GLY A 37 -15.97 23.22 -9.06
C GLY A 37 -16.93 22.10 -8.71
N SER A 38 -18.20 22.47 -8.54
CA SER A 38 -19.27 21.53 -8.21
C SER A 38 -19.05 20.88 -6.85
N THR A 39 -18.31 21.57 -5.97
CA THR A 39 -18.02 21.07 -4.63
C THR A 39 -17.38 22.15 -3.77
N LYS A 40 -17.67 22.13 -2.48
CA LYS A 40 -17.09 23.12 -1.57
C LYS A 40 -17.09 22.59 -0.13
N ASP A 41 -17.13 21.27 0.01
CA ASP A 41 -17.12 20.65 1.33
C ASP A 41 -15.71 20.68 1.92
N ARG A 42 -15.41 21.73 2.67
CA ARG A 42 -14.09 21.88 3.29
C ARG A 42 -13.85 20.79 4.33
N LYS A 43 -14.83 20.53 5.17
CA LYS A 43 -14.70 19.52 6.21
C LYS A 43 -14.38 18.16 5.60
N LEU A 44 -15.14 17.78 4.57
CA LEU A 44 -14.94 16.51 3.90
C LEU A 44 -13.58 16.50 3.20
N LEU A 45 -13.20 17.65 2.64
CA LEU A 45 -11.92 17.78 1.95
C LEU A 45 -10.77 17.44 2.89
N LEU A 46 -10.86 17.94 4.12
CA LEU A 46 -9.83 17.69 5.13
C LEU A 46 -9.75 16.19 5.43
N THR A 47 -10.90 15.54 5.48
CA THR A 47 -10.95 14.11 5.76
C THR A 47 -10.30 13.31 4.64
N ALA A 48 -10.56 13.71 3.40
CA ALA A 48 -9.99 13.04 2.24
C ALA A 48 -8.47 13.20 2.18
N GLN A 49 -7.99 14.42 2.34
CA GLN A 49 -6.55 14.69 2.31
C GLN A 49 -5.85 13.87 3.38
N GLN A 50 -6.49 13.76 4.54
CA GLN A 50 -5.94 12.98 5.64
C GLN A 50 -5.81 11.51 5.24
N MET A 51 -6.82 11.03 4.52
CA MET A 51 -6.83 9.64 4.06
C MET A 51 -5.65 9.37 3.12
N LEU A 52 -5.44 10.29 2.18
CA LEU A 52 -4.35 10.15 1.21
C LEU A 52 -2.99 10.02 1.92
N GLN A 53 -2.77 10.88 2.90
CA GLN A 53 -1.51 10.86 3.65
C GLN A 53 -1.31 9.52 4.36
N ASP A 54 -2.36 9.06 5.03
CA ASP A 54 -2.30 7.79 5.75
C ASP A 54 -2.03 6.62 4.81
N SER A 55 -2.68 6.64 3.65
CA SER A 55 -2.51 5.59 2.66
C SER A 55 -1.08 5.54 2.14
N LYS A 56 -0.55 6.69 1.74
CA LYS A 56 0.81 6.76 1.21
C LYS A 56 1.82 6.23 2.23
N THR A 57 1.64 6.60 3.49
CA THR A 57 2.53 6.15 4.55
C THR A 57 2.55 4.64 4.64
N LYS A 58 1.37 4.03 4.65
CA LYS A 58 1.25 2.58 4.73
C LYS A 58 1.97 1.90 3.57
N ILE A 59 1.87 2.49 2.38
CA ILE A 59 2.52 1.96 1.21
C ILE A 59 4.03 1.88 1.39
N ASP A 60 4.60 2.91 2.01
CA ASP A 60 6.05 2.96 2.25
C ASP A 60 6.50 1.81 3.15
N ILE A 61 5.86 1.67 4.31
CA ILE A 61 6.21 0.60 5.25
C ILE A 61 5.98 -0.77 4.63
N ILE A 62 4.75 -1.02 4.18
CA ILE A 62 4.42 -2.29 3.57
C ILE A 62 5.39 -2.64 2.45
N ARG A 63 5.76 -1.62 1.67
CA ARG A 63 6.70 -1.82 0.57
C ARG A 63 7.99 -2.46 1.09
N MET A 64 8.46 -1.95 2.22
CA MET A 64 9.68 -2.48 2.84
C MET A 64 9.53 -3.96 3.12
N GLN A 65 8.37 -4.36 3.64
CA GLN A 65 8.10 -5.75 3.96
C GLN A 65 8.02 -6.59 2.68
N LEU A 66 7.53 -5.98 1.59
CA LEU A 66 7.39 -6.69 0.33
C LEU A 66 8.74 -7.25 -0.13
N ARG A 67 9.70 -6.36 -0.26
CA ARG A 67 11.04 -6.73 -0.69
C ARG A 67 11.69 -7.69 0.31
N ARG A 68 11.51 -7.41 1.60
CA ARG A 68 12.08 -8.25 2.65
C ARG A 68 11.56 -9.68 2.55
N ALA A 69 10.28 -9.83 2.24
CA ALA A 69 9.67 -11.14 2.12
C ALA A 69 10.22 -11.91 0.92
N LEU A 70 10.31 -11.23 -0.22
CA LEU A 70 10.80 -11.85 -1.45
C LEU A 70 12.23 -12.36 -1.29
N GLN A 71 13.11 -11.53 -0.75
CA GLN A 71 14.51 -11.91 -0.56
C GLN A 71 14.64 -13.09 0.39
N ALA A 72 13.90 -13.03 1.49
CA ALA A 72 13.93 -14.08 2.50
C ALA A 72 13.47 -15.42 1.95
N ASP A 73 12.29 -15.45 1.32
CA ASP A 73 11.76 -16.68 0.76
C ASP A 73 12.70 -17.22 -0.32
N GLN A 74 13.43 -16.31 -0.96
CA GLN A 74 14.37 -16.66 -2.01
C GLN A 74 15.65 -17.25 -1.41
N LEU A 75 15.49 -18.28 -0.58
CA LEU A 75 16.62 -18.93 0.07
C LEU A 75 16.20 -20.29 0.63
N GLU A 76 15.02 -20.31 1.27
CA GLU A 76 14.50 -21.54 1.85
C GLU A 76 15.47 -22.12 2.88
N ASN A 77 15.84 -23.40 2.72
CA ASN A 77 16.75 -24.06 3.63
C ASN A 77 17.46 -25.22 2.95
N GLN A 78 16.70 -25.96 2.14
CA GLN A 78 17.26 -27.10 1.41
C GLN A 78 18.44 -26.68 0.54
N ALA A 79 19.50 -27.47 0.56
CA ALA A 79 20.70 -27.17 -0.23
C ALA A 79 20.38 -27.12 -1.72
N ALA A 80 20.91 -26.09 -2.39
CA ALA A 80 20.69 -25.93 -3.81
C ALA A 80 21.30 -27.08 -4.61
N PRO A 81 20.57 -27.59 -5.63
CA PRO A 81 21.05 -28.70 -6.46
C PRO A 81 22.38 -28.38 -7.15
N GLY A 1 9.02 -23.03 -8.28
CA GLY A 1 7.94 -22.53 -7.37
C GLY A 1 8.14 -22.97 -5.94
N ILE A 2 7.94 -22.03 -5.01
CA ILE A 2 8.11 -22.33 -3.59
C ILE A 2 7.06 -23.33 -3.11
N PRO A 3 7.49 -24.39 -2.38
CA PRO A 3 6.57 -25.42 -1.89
C PRO A 3 5.58 -24.89 -0.86
N ALA A 4 5.20 -25.74 0.09
CA ALA A 4 4.25 -25.37 1.14
C ALA A 4 4.93 -24.58 2.25
N THR A 5 5.42 -23.39 1.92
CA THR A 5 6.09 -22.54 2.90
C THR A 5 6.10 -21.08 2.45
N ASN A 6 5.89 -20.18 3.42
CA ASN A 6 5.86 -18.74 3.14
C ASN A 6 4.75 -18.40 2.15
N LEU A 7 3.61 -19.07 2.28
CA LEU A 7 2.46 -18.83 1.41
C LEU A 7 1.66 -17.63 1.89
N SER A 8 1.37 -17.61 3.19
CA SER A 8 0.60 -16.52 3.78
C SER A 8 1.32 -15.19 3.66
N ARG A 9 2.66 -15.23 3.73
CA ARG A 9 3.46 -14.02 3.62
C ARG A 9 3.20 -13.27 2.32
N VAL A 10 3.25 -13.99 1.21
CA VAL A 10 3.03 -13.39 -0.11
C VAL A 10 1.60 -12.88 -0.27
N ALA A 11 0.64 -13.74 0.02
CA ALA A 11 -0.78 -13.38 -0.12
C ALA A 11 -1.15 -12.19 0.76
N GLY A 12 -0.67 -12.19 2.00
CA GLY A 12 -0.97 -11.11 2.91
C GLY A 12 -0.41 -9.77 2.45
N LEU A 13 0.87 -9.76 2.10
CA LEU A 13 1.52 -8.54 1.64
C LEU A 13 0.94 -8.07 0.31
N GLU A 14 0.75 -9.00 -0.61
CA GLU A 14 0.20 -8.70 -1.93
C GLU A 14 -1.17 -8.00 -1.83
N LYS A 15 -2.08 -8.60 -1.06
CA LYS A 15 -3.41 -8.03 -0.90
C LYS A 15 -3.32 -6.61 -0.33
N GLN A 16 -2.36 -6.41 0.57
CA GLN A 16 -2.15 -5.09 1.18
C GLN A 16 -1.94 -4.03 0.10
N LEU A 17 -1.09 -4.36 -0.88
CA LEU A 17 -0.81 -3.44 -1.97
C LEU A 17 -2.08 -3.09 -2.71
N ALA A 18 -2.93 -4.09 -2.93
CA ALA A 18 -4.20 -3.88 -3.61
C ALA A 18 -5.07 -2.88 -2.87
N ILE A 19 -5.07 -2.98 -1.54
CA ILE A 19 -5.86 -2.10 -0.70
C ILE A 19 -5.38 -0.65 -0.76
N GLU A 20 -4.07 -0.43 -0.59
CA GLU A 20 -3.52 0.92 -0.63
C GLU A 20 -3.78 1.60 -1.97
N LEU A 21 -3.58 0.85 -3.04
CA LEU A 21 -3.79 1.39 -4.39
C LEU A 21 -5.22 1.92 -4.53
N LYS A 22 -6.19 1.15 -4.06
CA LYS A 22 -7.60 1.54 -4.15
C LYS A 22 -7.86 2.82 -3.36
N VAL A 23 -7.34 2.86 -2.13
CA VAL A 23 -7.53 4.03 -1.26
C VAL A 23 -6.82 5.26 -1.83
N LYS A 24 -5.63 5.06 -2.36
CA LYS A 24 -4.85 6.16 -2.94
C LYS A 24 -5.57 6.78 -4.13
N GLN A 25 -6.02 5.94 -5.06
CA GLN A 25 -6.72 6.43 -6.23
C GLN A 25 -8.05 7.09 -5.85
N GLY A 26 -8.78 6.45 -4.95
CA GLY A 26 -10.05 6.98 -4.49
C GLY A 26 -9.90 8.31 -3.78
N ALA A 27 -8.80 8.46 -3.05
CA ALA A 27 -8.53 9.69 -2.31
C ALA A 27 -8.26 10.84 -3.26
N GLU A 28 -7.49 10.57 -4.30
CA GLU A 28 -7.14 11.58 -5.29
C GLU A 28 -8.40 12.11 -5.98
N ASN A 29 -9.30 11.20 -6.33
CA ASN A 29 -10.54 11.59 -7.00
C ASN A 29 -11.37 12.51 -6.10
N MET A 30 -11.41 12.19 -4.82
CA MET A 30 -12.16 13.00 -3.86
C MET A 30 -11.55 14.40 -3.76
N ILE A 31 -10.23 14.45 -3.67
CA ILE A 31 -9.52 15.72 -3.55
C ILE A 31 -9.82 16.64 -4.73
N GLN A 32 -9.67 16.10 -5.94
CA GLN A 32 -9.92 16.88 -7.15
C GLN A 32 -11.37 17.29 -7.28
N THR A 33 -12.28 16.37 -6.92
CA THR A 33 -13.72 16.65 -7.00
C THR A 33 -14.11 17.86 -6.17
N TYR A 34 -13.67 17.92 -4.92
CA TYR A 34 -13.99 19.03 -4.04
C TYR A 34 -13.22 20.29 -4.44
N SER A 35 -11.93 20.13 -4.76
CA SER A 35 -11.10 21.25 -5.15
C SER A 35 -11.72 22.03 -6.31
N ASN A 36 -11.63 23.36 -6.24
CA ASN A 36 -12.18 24.23 -7.28
C ASN A 36 -13.71 24.13 -7.32
N GLY A 37 -14.36 25.29 -7.42
CA GLY A 37 -15.81 25.32 -7.47
C GLY A 37 -16.45 25.16 -6.10
N SER A 38 -15.84 24.34 -5.24
CA SER A 38 -16.36 24.11 -3.89
C SER A 38 -17.75 23.48 -3.95
N THR A 39 -17.88 22.43 -4.76
CA THR A 39 -19.14 21.72 -4.91
C THR A 39 -19.65 21.21 -3.57
N LYS A 40 -18.73 20.80 -2.70
CA LYS A 40 -19.09 20.28 -1.39
C LYS A 40 -18.27 20.96 -0.29
N ASP A 41 -18.65 20.70 0.97
CA ASP A 41 -17.96 21.30 2.11
C ASP A 41 -16.45 21.02 2.06
N ARG A 42 -15.67 22.05 2.37
CA ARG A 42 -14.21 21.94 2.38
C ARG A 42 -13.73 20.97 3.46
N LYS A 43 -14.45 20.91 4.56
CA LYS A 43 -14.09 20.03 5.67
C LYS A 43 -13.90 18.59 5.19
N LEU A 44 -14.83 18.12 4.37
CA LEU A 44 -14.75 16.77 3.83
C LEU A 44 -13.51 16.62 2.96
N LEU A 45 -13.20 17.67 2.20
CA LEU A 45 -12.02 17.67 1.33
C LEU A 45 -10.76 17.42 2.15
N LEU A 46 -10.67 18.08 3.30
CA LEU A 46 -9.52 17.92 4.18
C LEU A 46 -9.37 16.47 4.61
N THR A 47 -10.49 15.84 4.94
CA THR A 47 -10.49 14.45 5.36
C THR A 47 -9.92 13.55 4.28
N ALA A 48 -10.30 13.79 3.04
CA ALA A 48 -9.82 13.01 1.91
C ALA A 48 -8.31 13.12 1.76
N GLN A 49 -7.80 14.34 1.88
CA GLN A 49 -6.36 14.59 1.76
C GLN A 49 -5.60 13.77 2.79
N GLN A 50 -6.12 13.74 4.01
CA GLN A 50 -5.50 12.98 5.09
C GLN A 50 -5.45 11.50 4.73
N MET A 51 -6.51 11.02 4.07
CA MET A 51 -6.60 9.64 3.65
C MET A 51 -5.47 9.30 2.67
N LEU A 52 -5.30 10.17 1.67
CA LEU A 52 -4.28 9.96 0.66
C LEU A 52 -2.90 9.85 1.28
N GLN A 53 -2.56 10.79 2.16
CA GLN A 53 -1.27 10.79 2.84
C GLN A 53 -1.07 9.53 3.67
N ASP A 54 -2.12 9.16 4.40
CA ASP A 54 -2.07 7.97 5.26
C ASP A 54 -1.81 6.71 4.44
N SER A 55 -2.50 6.60 3.31
CA SER A 55 -2.35 5.44 2.43
C SER A 55 -0.91 5.30 1.95
N LYS A 56 -0.33 6.42 1.52
CA LYS A 56 1.04 6.42 1.03
C LYS A 56 2.00 5.91 2.09
N THR A 57 1.76 6.32 3.34
CA THR A 57 2.60 5.91 4.46
C THR A 57 2.62 4.39 4.58
N LYS A 58 1.44 3.78 4.50
CA LYS A 58 1.33 2.32 4.61
C LYS A 58 2.10 1.64 3.48
N ILE A 59 1.96 2.18 2.27
CA ILE A 59 2.64 1.64 1.10
C ILE A 59 4.16 1.57 1.32
N ASP A 60 4.71 2.61 1.94
CA ASP A 60 6.14 2.67 2.20
C ASP A 60 6.57 1.57 3.18
N ILE A 61 5.83 1.45 4.28
CA ILE A 61 6.14 0.45 5.30
C ILE A 61 6.03 -0.97 4.72
N ILE A 62 4.94 -1.22 4.01
CA ILE A 62 4.70 -2.53 3.39
C ILE A 62 5.79 -2.85 2.38
N ARG A 63 6.18 -1.85 1.60
CA ARG A 63 7.22 -2.05 0.59
C ARG A 63 8.48 -2.62 1.23
N MET A 64 8.86 -2.06 2.37
CA MET A 64 10.05 -2.52 3.08
C MET A 64 9.87 -3.98 3.49
N GLN A 65 8.66 -4.32 3.92
CA GLN A 65 8.35 -5.68 4.34
C GLN A 65 8.58 -6.66 3.19
N LEU A 66 8.18 -6.26 1.98
CA LEU A 66 8.36 -7.10 0.80
C LEU A 66 9.83 -7.42 0.60
N ARG A 67 10.65 -6.38 0.75
CA ARG A 67 12.09 -6.52 0.60
C ARG A 67 12.62 -7.59 1.55
N ARG A 68 12.11 -7.58 2.78
CA ARG A 68 12.52 -8.55 3.79
C ARG A 68 12.17 -9.96 3.36
N ALA A 69 11.01 -10.12 2.73
CA ALA A 69 10.55 -11.41 2.27
C ALA A 69 11.52 -12.01 1.25
N LEU A 70 11.95 -11.17 0.31
CA LEU A 70 12.89 -11.59 -0.73
C LEU A 70 14.21 -12.01 -0.12
N GLN A 71 14.67 -11.25 0.87
CA GLN A 71 15.93 -11.53 1.54
C GLN A 71 15.85 -12.86 2.29
N ALA A 72 14.68 -13.14 2.87
CA ALA A 72 14.48 -14.36 3.63
C ALA A 72 14.63 -15.60 2.75
N ASP A 73 13.89 -15.63 1.65
CA ASP A 73 13.95 -16.76 0.72
C ASP A 73 15.26 -16.79 -0.06
N GLN A 74 15.52 -15.72 -0.81
CA GLN A 74 16.74 -15.61 -1.59
C GLN A 74 17.95 -15.31 -0.70
N LEU A 75 19.04 -16.03 -0.92
CA LEU A 75 20.25 -15.84 -0.14
C LEU A 75 21.41 -16.65 -0.71
N GLU A 76 22.53 -15.98 -0.94
CA GLU A 76 23.73 -16.62 -1.48
C GLU A 76 24.39 -17.51 -0.43
N ASN A 77 25.72 -17.42 -0.33
CA ASN A 77 26.47 -18.22 0.64
C ASN A 77 27.92 -17.75 0.70
N GLN A 78 28.45 -17.63 1.92
CA GLN A 78 29.83 -17.19 2.11
C GLN A 78 30.51 -18.00 3.20
N ALA A 79 31.75 -18.43 2.93
CA ALA A 79 32.52 -19.21 3.88
C ALA A 79 32.80 -18.42 5.16
N ALA A 80 32.68 -19.08 6.30
CA ALA A 80 32.91 -18.45 7.60
C ALA A 80 34.34 -17.91 7.68
N PRO A 81 34.52 -16.72 8.28
CA PRO A 81 35.84 -16.10 8.43
C PRO A 81 36.84 -17.01 9.15
N GLY A 1 3.18 -23.10 10.89
CA GLY A 1 4.05 -23.16 9.68
C GLY A 1 3.26 -23.04 8.39
N ILE A 2 3.58 -23.91 7.43
CA ILE A 2 2.90 -23.90 6.13
C ILE A 2 3.32 -25.10 5.29
N PRO A 3 2.34 -25.91 4.82
CA PRO A 3 2.60 -27.10 4.01
C PRO A 3 2.98 -26.76 2.57
N ALA A 4 3.92 -25.84 2.40
CA ALA A 4 4.36 -25.44 1.06
C ALA A 4 5.70 -24.70 1.13
N THR A 5 5.94 -23.81 0.17
CA THR A 5 7.18 -23.04 0.12
C THR A 5 7.10 -21.80 1.00
N ASN A 6 6.24 -20.86 0.63
CA ASN A 6 6.07 -19.62 1.37
C ASN A 6 5.02 -18.72 0.69
N LEU A 7 3.91 -19.31 0.31
CA LEU A 7 2.84 -18.58 -0.37
C LEU A 7 2.06 -17.71 0.62
N SER A 8 2.05 -18.12 1.88
CA SER A 8 1.32 -17.39 2.93
C SER A 8 1.74 -15.92 2.99
N ARG A 9 3.05 -15.68 3.03
CA ARG A 9 3.57 -14.32 3.10
C ARG A 9 3.18 -13.51 1.86
N VAL A 10 3.34 -14.11 0.69
CA VAL A 10 3.01 -13.43 -0.56
C VAL A 10 1.55 -13.00 -0.60
N ALA A 11 0.66 -13.91 -0.22
CA ALA A 11 -0.77 -13.62 -0.22
C ALA A 11 -1.11 -12.44 0.71
N GLY A 12 -0.55 -12.46 1.90
CA GLY A 12 -0.82 -11.39 2.86
C GLY A 12 -0.28 -10.05 2.42
N LEU A 13 0.95 -10.03 1.92
CA LEU A 13 1.57 -8.80 1.48
C LEU A 13 0.85 -8.21 0.26
N GLU A 14 0.50 -9.06 -0.69
CA GLU A 14 -0.19 -8.62 -1.89
C GLU A 14 -1.56 -8.05 -1.60
N LYS A 15 -2.34 -8.74 -0.77
CA LYS A 15 -3.69 -8.28 -0.42
C LYS A 15 -3.63 -6.89 0.20
N GLN A 16 -2.65 -6.68 1.07
CA GLN A 16 -2.47 -5.38 1.73
C GLN A 16 -2.27 -4.28 0.70
N LEU A 17 -1.45 -4.56 -0.29
CA LEU A 17 -1.14 -3.60 -1.35
C LEU A 17 -2.41 -3.19 -2.10
N ALA A 18 -3.24 -4.19 -2.41
CA ALA A 18 -4.48 -3.95 -3.13
C ALA A 18 -5.39 -2.99 -2.38
N ILE A 19 -5.56 -3.22 -1.08
CA ILE A 19 -6.40 -2.38 -0.25
C ILE A 19 -5.93 -0.94 -0.29
N GLU A 20 -4.61 -0.74 -0.27
CA GLU A 20 -4.04 0.60 -0.31
C GLU A 20 -4.39 1.32 -1.59
N LEU A 21 -4.35 0.61 -2.71
CA LEU A 21 -4.66 1.20 -4.01
C LEU A 21 -6.08 1.75 -4.03
N LYS A 22 -7.02 1.00 -3.47
CA LYS A 22 -8.43 1.42 -3.45
C LYS A 22 -8.60 2.73 -2.66
N VAL A 23 -8.02 2.78 -1.47
CA VAL A 23 -8.14 3.96 -0.61
C VAL A 23 -7.35 5.16 -1.16
N LYS A 24 -6.09 4.91 -1.51
CA LYS A 24 -5.22 5.96 -2.03
C LYS A 24 -5.78 6.57 -3.31
N GLN A 25 -6.09 5.72 -4.29
CA GLN A 25 -6.63 6.17 -5.57
C GLN A 25 -7.92 6.95 -5.35
N GLY A 26 -8.81 6.39 -4.54
CA GLY A 26 -10.08 7.05 -4.26
C GLY A 26 -9.89 8.38 -3.57
N ALA A 27 -8.87 8.47 -2.72
CA ALA A 27 -8.57 9.69 -2.00
C ALA A 27 -8.13 10.78 -2.98
N GLU A 28 -7.33 10.38 -3.96
CA GLU A 28 -6.85 11.32 -4.97
C GLU A 28 -8.02 11.94 -5.72
N ASN A 29 -9.01 11.11 -6.05
CA ASN A 29 -10.19 11.58 -6.75
C ASN A 29 -10.91 12.65 -5.92
N MET A 30 -11.01 12.40 -4.63
CA MET A 30 -11.65 13.34 -3.72
C MET A 30 -10.89 14.66 -3.66
N ILE A 31 -9.57 14.57 -3.60
CA ILE A 31 -8.72 15.75 -3.54
C ILE A 31 -8.90 16.63 -4.78
N GLN A 32 -8.82 16.02 -5.95
CA GLN A 32 -8.96 16.76 -7.21
C GLN A 32 -10.36 17.31 -7.39
N THR A 33 -11.37 16.50 -7.06
CA THR A 33 -12.76 16.90 -7.20
C THR A 33 -13.10 18.13 -6.37
N TYR A 34 -12.73 18.11 -5.08
CA TYR A 34 -13.02 19.23 -4.19
C TYR A 34 -12.13 20.43 -4.47
N SER A 35 -10.82 20.20 -4.53
CA SER A 35 -9.85 21.26 -4.78
C SER A 35 -10.02 21.86 -6.18
N ASN A 36 -10.01 23.19 -6.25
CA ASN A 36 -10.13 23.90 -7.51
C ASN A 36 -11.41 23.50 -8.26
N GLY A 37 -12.52 23.45 -7.53
CA GLY A 37 -13.78 23.08 -8.15
C GLY A 37 -14.89 22.82 -7.15
N SER A 38 -16.05 23.42 -7.38
CA SER A 38 -17.19 23.24 -6.50
C SER A 38 -17.61 21.77 -6.47
N THR A 39 -18.02 21.29 -5.30
CA THR A 39 -18.44 19.91 -5.16
C THR A 39 -19.39 19.73 -3.97
N LYS A 40 -18.96 20.19 -2.79
CA LYS A 40 -19.78 20.07 -1.59
C LYS A 40 -19.09 20.77 -0.40
N ASP A 41 -19.05 20.09 0.74
CA ASP A 41 -18.44 20.63 1.95
C ASP A 41 -16.91 20.70 1.83
N ARG A 42 -16.35 21.82 2.28
CA ARG A 42 -14.90 22.02 2.26
C ARG A 42 -14.22 21.12 3.30
N LYS A 43 -14.86 20.96 4.44
CA LYS A 43 -14.33 20.13 5.51
C LYS A 43 -13.99 18.74 5.00
N LEU A 44 -14.87 18.19 4.16
CA LEU A 44 -14.66 16.87 3.59
C LEU A 44 -13.35 16.83 2.81
N LEU A 45 -13.06 17.92 2.10
CA LEU A 45 -11.82 18.01 1.32
C LEU A 45 -10.62 17.82 2.24
N LEU A 46 -10.63 18.51 3.38
CA LEU A 46 -9.55 18.41 4.35
C LEU A 46 -9.41 16.96 4.81
N THR A 47 -10.55 16.31 5.04
CA THR A 47 -10.56 14.92 5.48
C THR A 47 -9.91 14.03 4.44
N ALA A 48 -10.20 14.30 3.16
CA ALA A 48 -9.64 13.53 2.07
C ALA A 48 -8.11 13.61 2.08
N GLN A 49 -7.60 14.79 2.41
CA GLN A 49 -6.16 14.99 2.49
C GLN A 49 -5.55 14.07 3.53
N GLN A 50 -6.20 14.00 4.69
CA GLN A 50 -5.73 13.14 5.78
C GLN A 50 -5.76 11.68 5.35
N MET A 51 -6.81 11.29 4.64
CA MET A 51 -6.96 9.93 4.16
C MET A 51 -5.81 9.53 3.25
N LEU A 52 -5.50 10.38 2.28
CA LEU A 52 -4.43 10.11 1.34
C LEU A 52 -3.08 10.00 2.05
N GLN A 53 -2.82 10.92 2.97
CA GLN A 53 -1.57 10.92 3.72
C GLN A 53 -1.35 9.60 4.44
N ASP A 54 -2.38 9.13 5.13
CA ASP A 54 -2.31 7.88 5.88
C ASP A 54 -2.14 6.69 4.95
N SER A 55 -2.86 6.70 3.84
CA SER A 55 -2.81 5.62 2.86
C SER A 55 -1.42 5.45 2.26
N LYS A 56 -0.87 6.55 1.74
CA LYS A 56 0.46 6.52 1.14
C LYS A 56 1.53 6.11 2.14
N THR A 57 1.44 6.63 3.35
CA THR A 57 2.40 6.32 4.41
C THR A 57 2.47 4.81 4.67
N LYS A 58 1.30 4.20 4.83
CA LYS A 58 1.23 2.77 5.08
C LYS A 58 1.87 1.98 3.95
N ILE A 59 1.64 2.42 2.72
CA ILE A 59 2.20 1.76 1.55
C ILE A 59 3.72 1.74 1.61
N ASP A 60 4.30 2.84 2.09
CA ASP A 60 5.75 2.94 2.20
C ASP A 60 6.27 1.86 3.15
N ILE A 61 5.60 1.70 4.27
CA ILE A 61 5.98 0.71 5.26
C ILE A 61 5.93 -0.69 4.65
N ILE A 62 4.82 -1.00 3.97
CA ILE A 62 4.65 -2.28 3.33
C ILE A 62 5.70 -2.49 2.23
N ARG A 63 6.04 -1.40 1.55
CA ARG A 63 7.04 -1.44 0.48
C ARG A 63 8.32 -2.08 0.97
N MET A 64 8.82 -1.61 2.12
CA MET A 64 10.03 -2.14 2.70
C MET A 64 9.85 -3.60 3.10
N GLN A 65 8.67 -3.92 3.62
CA GLN A 65 8.37 -5.30 4.04
C GLN A 65 8.56 -6.27 2.87
N LEU A 66 8.03 -5.91 1.71
CA LEU A 66 8.16 -6.74 0.52
C LEU A 66 9.62 -6.91 0.12
N ARG A 67 10.38 -5.82 0.20
CA ARG A 67 11.79 -5.85 -0.16
C ARG A 67 12.52 -6.97 0.59
N ARG A 68 12.30 -7.04 1.90
CA ARG A 68 12.94 -8.05 2.72
C ARG A 68 12.47 -9.45 2.35
N ALA A 69 11.19 -9.58 1.98
CA ALA A 69 10.63 -10.86 1.61
C ALA A 69 11.39 -11.49 0.45
N LEU A 70 11.70 -10.67 -0.56
CA LEU A 70 12.43 -11.14 -1.72
C LEU A 70 13.87 -11.52 -1.36
N GLN A 71 14.50 -10.70 -0.53
CA GLN A 71 15.88 -10.95 -0.11
C GLN A 71 16.01 -12.33 0.53
N ALA A 72 15.08 -12.66 1.41
CA ALA A 72 15.09 -13.95 2.11
C ALA A 72 14.72 -15.08 1.16
N ASP A 73 13.77 -14.80 0.26
CA ASP A 73 13.31 -15.80 -0.70
C ASP A 73 14.46 -16.36 -1.54
N GLN A 74 15.27 -15.47 -2.11
CA GLN A 74 16.39 -15.89 -2.94
C GLN A 74 17.44 -16.64 -2.12
N LEU A 75 17.80 -17.83 -2.58
CA LEU A 75 18.78 -18.66 -1.90
C LEU A 75 18.99 -19.98 -2.65
N GLU A 76 19.42 -19.87 -3.91
CA GLU A 76 19.66 -21.05 -4.74
C GLU A 76 20.56 -20.73 -5.93
N ASN A 77 20.38 -19.54 -6.50
CA ASN A 77 21.17 -19.12 -7.64
C ASN A 77 22.66 -19.24 -7.36
N GLN A 78 23.07 -18.73 -6.20
CA GLN A 78 24.48 -18.79 -5.79
C GLN A 78 24.88 -20.22 -5.42
N ALA A 79 25.99 -20.68 -5.99
CA ALA A 79 26.48 -22.02 -5.70
C ALA A 79 27.01 -22.13 -4.28
N ALA A 80 26.62 -23.20 -3.58
CA ALA A 80 27.06 -23.41 -2.21
C ALA A 80 28.58 -23.62 -2.13
N PRO A 81 29.15 -24.52 -2.95
CA PRO A 81 30.60 -24.78 -2.95
C PRO A 81 31.41 -23.56 -3.38
N GLY A 1 12.27 -30.55 -1.77
CA GLY A 1 11.37 -29.44 -2.18
C GLY A 1 10.72 -28.75 -0.99
N ILE A 2 9.42 -28.48 -1.09
CA ILE A 2 8.69 -27.81 -0.02
C ILE A 2 7.20 -27.72 -0.36
N PRO A 3 6.31 -28.17 0.54
CA PRO A 3 4.86 -28.13 0.32
C PRO A 3 4.35 -26.72 0.03
N ALA A 4 4.75 -25.77 0.89
CA ALA A 4 4.34 -24.39 0.72
C ALA A 4 5.06 -23.48 1.72
N THR A 5 4.41 -23.20 2.85
CA THR A 5 4.97 -22.33 3.90
C THR A 5 5.64 -21.10 3.30
N ASN A 6 4.94 -20.43 2.41
CA ASN A 6 5.46 -19.22 1.76
C ASN A 6 4.33 -18.46 1.07
N LEU A 7 3.39 -19.20 0.48
CA LEU A 7 2.27 -18.60 -0.22
C LEU A 7 1.47 -17.69 0.70
N SER A 8 1.33 -18.09 1.97
CA SER A 8 0.58 -17.30 2.94
C SER A 8 1.16 -15.90 3.05
N ARG A 9 2.48 -15.82 3.14
CA ARG A 9 3.17 -14.53 3.24
C ARG A 9 2.96 -13.71 1.97
N VAL A 10 3.07 -14.36 0.83
CA VAL A 10 2.90 -13.70 -0.46
C VAL A 10 1.53 -13.03 -0.57
N ALA A 11 0.49 -13.78 -0.23
CA ALA A 11 -0.88 -13.27 -0.32
C ALA A 11 -1.08 -12.07 0.61
N GLY A 12 -0.59 -12.17 1.84
CA GLY A 12 -0.75 -11.08 2.79
C GLY A 12 -0.14 -9.78 2.30
N LEU A 13 1.10 -9.84 1.83
CA LEU A 13 1.79 -8.65 1.33
C LEU A 13 1.15 -8.14 0.05
N GLU A 14 0.82 -9.07 -0.85
CA GLU A 14 0.22 -8.73 -2.13
C GLU A 14 -1.14 -8.05 -1.95
N LYS A 15 -1.98 -8.61 -1.10
CA LYS A 15 -3.31 -8.05 -0.85
C LYS A 15 -3.21 -6.64 -0.28
N GLN A 16 -2.26 -6.43 0.62
CA GLN A 16 -2.07 -5.11 1.22
C GLN A 16 -1.83 -4.06 0.15
N LEU A 17 -0.97 -4.37 -0.81
CA LEU A 17 -0.66 -3.46 -1.89
C LEU A 17 -1.90 -3.07 -2.68
N ALA A 18 -2.71 -4.08 -3.01
CA ALA A 18 -3.94 -3.86 -3.77
C ALA A 18 -4.93 -3.00 -3.00
N ILE A 19 -5.16 -3.33 -1.74
CA ILE A 19 -6.10 -2.59 -0.90
C ILE A 19 -5.74 -1.11 -0.85
N GLU A 20 -4.45 -0.82 -0.68
CA GLU A 20 -3.99 0.56 -0.60
C GLU A 20 -4.30 1.32 -1.89
N LEU A 21 -4.09 0.66 -3.03
CA LEU A 21 -4.35 1.28 -4.32
C LEU A 21 -5.80 1.73 -4.43
N LYS A 22 -6.71 0.92 -3.92
CA LYS A 22 -8.13 1.23 -3.96
C LYS A 22 -8.44 2.50 -3.16
N VAL A 23 -7.93 2.56 -1.93
CA VAL A 23 -8.13 3.71 -1.07
C VAL A 23 -7.47 4.96 -1.65
N LYS A 24 -6.25 4.79 -2.15
CA LYS A 24 -5.49 5.90 -2.74
C LYS A 24 -6.25 6.50 -3.91
N GLN A 25 -6.76 5.65 -4.79
CA GLN A 25 -7.52 6.10 -5.96
C GLN A 25 -8.77 6.85 -5.52
N GLY A 26 -9.50 6.27 -4.58
CA GLY A 26 -10.71 6.90 -4.08
C GLY A 26 -10.46 8.26 -3.46
N ALA A 27 -9.32 8.40 -2.79
CA ALA A 27 -8.96 9.65 -2.15
C ALA A 27 -8.70 10.72 -3.21
N GLU A 28 -8.02 10.34 -4.28
CA GLU A 28 -7.71 11.25 -5.37
C GLU A 28 -8.99 11.75 -6.03
N ASN A 29 -9.94 10.85 -6.22
CA ASN A 29 -11.21 11.21 -6.84
C ASN A 29 -11.94 12.26 -6.01
N MET A 30 -11.86 12.13 -4.68
CA MET A 30 -12.51 13.08 -3.78
C MET A 30 -11.79 14.42 -3.80
N ILE A 31 -10.48 14.39 -3.65
CA ILE A 31 -9.68 15.61 -3.64
C ILE A 31 -9.95 16.46 -4.88
N GLN A 32 -9.95 15.83 -6.05
CA GLN A 32 -10.19 16.54 -7.30
C GLN A 32 -11.62 17.06 -7.37
N THR A 33 -12.56 16.26 -6.88
CA THR A 33 -13.98 16.65 -6.90
C THR A 33 -14.25 17.92 -6.10
N TYR A 34 -13.78 17.96 -4.86
CA TYR A 34 -14.00 19.12 -4.00
C TYR A 34 -13.10 20.30 -4.40
N SER A 35 -11.81 20.04 -4.52
CA SER A 35 -10.85 21.08 -4.88
C SER A 35 -11.05 21.55 -6.32
N ASN A 36 -11.43 22.82 -6.47
CA ASN A 36 -11.65 23.43 -7.78
C ASN A 36 -12.27 24.82 -7.64
N GLY A 37 -13.12 24.98 -6.63
CA GLY A 37 -13.77 26.25 -6.40
C GLY A 37 -14.46 26.33 -5.06
N SER A 38 -15.26 25.30 -4.74
CA SER A 38 -15.98 25.27 -3.48
C SER A 38 -16.73 23.95 -3.29
N THR A 39 -17.50 23.56 -4.31
CA THR A 39 -18.26 22.32 -4.27
C THR A 39 -19.06 22.21 -2.97
N LYS A 40 -19.22 20.99 -2.46
CA LYS A 40 -19.95 20.77 -1.22
C LYS A 40 -19.12 21.28 -0.02
N ASP A 41 -19.19 20.58 1.10
CA ASP A 41 -18.42 20.98 2.28
C ASP A 41 -16.94 20.69 2.08
N ARG A 42 -16.11 21.69 2.29
CA ARG A 42 -14.66 21.52 2.12
C ARG A 42 -14.07 20.67 3.24
N LYS A 43 -14.83 20.50 4.32
CA LYS A 43 -14.37 19.70 5.45
C LYS A 43 -13.94 18.33 4.97
N LEU A 44 -14.71 17.76 4.05
CA LEU A 44 -14.41 16.45 3.49
C LEU A 44 -13.15 16.52 2.64
N LEU A 45 -12.93 17.67 2.01
CA LEU A 45 -11.75 17.87 1.17
C LEU A 45 -10.47 17.64 1.96
N LEU A 46 -10.39 18.26 3.15
CA LEU A 46 -9.23 18.12 4.01
C LEU A 46 -9.07 16.68 4.47
N THR A 47 -10.17 16.06 4.89
CA THR A 47 -10.15 14.69 5.35
C THR A 47 -9.68 13.74 4.25
N ALA A 48 -10.14 13.99 3.03
CA ALA A 48 -9.76 13.15 1.89
C ALA A 48 -8.26 13.22 1.65
N GLN A 49 -7.71 14.43 1.69
CA GLN A 49 -6.28 14.62 1.50
C GLN A 49 -5.50 13.84 2.55
N GLN A 50 -6.00 13.86 3.77
CA GLN A 50 -5.37 13.14 4.87
C GLN A 50 -5.32 11.65 4.59
N MET A 51 -6.40 11.13 3.99
CA MET A 51 -6.48 9.72 3.66
C MET A 51 -5.46 9.35 2.57
N LEU A 52 -5.39 10.19 1.54
CA LEU A 52 -4.48 9.96 0.43
C LEU A 52 -3.03 9.85 0.91
N GLN A 53 -2.59 10.84 1.67
CA GLN A 53 -1.23 10.86 2.19
C GLN A 53 -0.98 9.70 3.14
N ASP A 54 -1.96 9.40 3.99
CA ASP A 54 -1.85 8.32 4.96
C ASP A 54 -1.67 6.97 4.24
N SER A 55 -2.47 6.76 3.20
CA SER A 55 -2.42 5.52 2.44
C SER A 55 -1.03 5.30 1.84
N LYS A 56 -0.46 6.35 1.26
CA LYS A 56 0.86 6.27 0.65
C LYS A 56 1.90 5.84 1.68
N THR A 57 1.80 6.41 2.89
CA THR A 57 2.73 6.10 3.95
C THR A 57 2.77 4.59 4.23
N LYS A 58 1.58 4.00 4.34
CA LYS A 58 1.48 2.56 4.60
C LYS A 58 2.11 1.76 3.47
N ILE A 59 1.91 2.20 2.24
CA ILE A 59 2.46 1.51 1.08
C ILE A 59 3.99 1.50 1.11
N ASP A 60 4.57 2.64 1.49
CA ASP A 60 6.04 2.75 1.56
C ASP A 60 6.63 1.75 2.54
N ILE A 61 6.10 1.73 3.76
CA ILE A 61 6.59 0.82 4.80
C ILE A 61 6.37 -0.64 4.39
N ILE A 62 5.22 -0.94 3.79
CA ILE A 62 4.92 -2.30 3.36
C ILE A 62 5.95 -2.79 2.36
N ARG A 63 6.28 -1.95 1.39
CA ARG A 63 7.26 -2.30 0.36
C ARG A 63 8.58 -2.69 1.02
N MET A 64 9.00 -1.91 2.01
CA MET A 64 10.24 -2.18 2.72
C MET A 64 10.19 -3.56 3.37
N GLN A 65 9.03 -3.90 3.93
CA GLN A 65 8.83 -5.19 4.57
C GLN A 65 9.04 -6.32 3.57
N LEU A 66 8.58 -6.10 2.35
CA LEU A 66 8.72 -7.10 1.29
C LEU A 66 10.19 -7.40 1.03
N ARG A 67 10.99 -6.34 0.99
CA ARG A 67 12.42 -6.48 0.76
C ARG A 67 13.04 -7.41 1.82
N ARG A 68 12.67 -7.16 3.07
CA ARG A 68 13.17 -7.98 4.18
C ARG A 68 12.66 -9.41 4.06
N ALA A 69 11.41 -9.55 3.64
CA ALA A 69 10.80 -10.86 3.48
C ALA A 69 11.58 -11.70 2.47
N LEU A 70 12.04 -11.06 1.40
CA LEU A 70 12.81 -11.74 0.38
C LEU A 70 14.17 -12.19 0.90
N GLN A 71 14.80 -11.34 1.70
CA GLN A 71 16.11 -11.65 2.27
C GLN A 71 16.06 -12.94 3.08
N ALA A 72 15.04 -13.07 3.92
CA ALA A 72 14.88 -14.26 4.75
C ALA A 72 14.64 -15.51 3.90
N ASP A 73 13.83 -15.36 2.86
CA ASP A 73 13.50 -16.48 1.99
C ASP A 73 14.75 -17.02 1.28
N GLN A 74 15.52 -16.12 0.67
CA GLN A 74 16.73 -16.52 -0.04
C GLN A 74 17.75 -17.16 0.91
N LEU A 75 17.78 -16.67 2.15
CA LEU A 75 18.70 -17.20 3.15
C LEU A 75 18.21 -18.53 3.72
N GLU A 76 17.80 -19.42 2.82
CA GLU A 76 17.30 -20.74 3.21
C GLU A 76 17.07 -21.61 1.97
N ASN A 77 18.02 -21.55 1.05
CA ASN A 77 17.94 -22.32 -0.19
C ASN A 77 17.96 -23.81 0.09
N GLN A 78 17.20 -24.57 -0.70
CA GLN A 78 17.13 -26.02 -0.54
C GLN A 78 18.52 -26.64 -0.61
N ALA A 79 18.78 -27.60 0.26
CA ALA A 79 20.07 -28.27 0.30
C ALA A 79 20.42 -28.87 -1.05
N ALA A 80 21.66 -28.66 -1.48
CA ALA A 80 22.13 -29.17 -2.77
C ALA A 80 23.64 -28.98 -2.91
N PRO A 81 24.45 -29.53 -1.98
CA PRO A 81 25.90 -29.40 -2.02
C PRO A 81 26.50 -29.95 -3.31
N GLY A 1 8.28 -15.47 -8.98
CA GLY A 1 7.33 -15.93 -7.92
C GLY A 1 7.98 -16.92 -6.97
N ILE A 2 7.74 -16.72 -5.68
CA ILE A 2 8.30 -17.60 -4.65
C ILE A 2 7.83 -19.04 -4.85
N PRO A 3 8.76 -20.01 -4.81
CA PRO A 3 8.44 -21.43 -4.99
C PRO A 3 7.46 -21.94 -3.94
N ALA A 4 7.66 -21.51 -2.69
CA ALA A 4 6.79 -21.92 -1.58
C ALA A 4 7.08 -21.09 -0.33
N THR A 5 7.66 -21.73 0.68
CA THR A 5 7.99 -21.07 1.94
C THR A 5 6.75 -20.84 2.82
N ASN A 6 5.64 -20.47 2.19
CA ASN A 6 4.40 -20.23 2.93
C ASN A 6 3.22 -20.06 1.98
N LEU A 7 3.45 -19.33 0.88
CA LEU A 7 2.41 -19.07 -0.13
C LEU A 7 1.41 -18.03 0.36
N SER A 8 0.87 -18.24 1.55
CA SER A 8 -0.10 -17.30 2.13
C SER A 8 0.51 -15.92 2.26
N ARG A 9 1.78 -15.88 2.66
CA ARG A 9 2.49 -14.62 2.84
C ARG A 9 2.55 -13.85 1.51
N VAL A 10 2.83 -14.56 0.44
CA VAL A 10 2.91 -13.96 -0.89
C VAL A 10 1.62 -13.23 -1.26
N ALA A 11 0.51 -13.94 -1.16
CA ALA A 11 -0.79 -13.38 -1.48
C ALA A 11 -1.14 -12.25 -0.53
N GLY A 12 -0.77 -12.40 0.73
CA GLY A 12 -1.04 -11.38 1.73
C GLY A 12 -0.42 -10.05 1.37
N LEU A 13 0.83 -10.08 0.93
CA LEU A 13 1.55 -8.87 0.55
C LEU A 13 0.93 -8.23 -0.68
N GLU A 14 0.57 -9.07 -1.65
CA GLU A 14 -0.03 -8.60 -2.90
C GLU A 14 -1.37 -7.92 -2.65
N LYS A 15 -2.25 -8.58 -1.90
CA LYS A 15 -3.57 -8.01 -1.62
C LYS A 15 -3.44 -6.67 -0.90
N GLN A 16 -2.52 -6.59 0.05
CA GLN A 16 -2.29 -5.35 0.80
C GLN A 16 -1.94 -4.21 -0.14
N LEU A 17 -1.11 -4.50 -1.13
CA LEU A 17 -0.68 -3.50 -2.10
C LEU A 17 -1.88 -2.93 -2.85
N ALA A 18 -2.79 -3.81 -3.26
CA ALA A 18 -3.98 -3.41 -3.99
C ALA A 18 -4.94 -2.60 -3.12
N ILE A 19 -5.20 -3.08 -1.91
CA ILE A 19 -6.10 -2.40 -0.99
C ILE A 19 -5.65 -0.97 -0.71
N GLU A 20 -4.36 -0.81 -0.40
CA GLU A 20 -3.81 0.50 -0.11
C GLU A 20 -4.00 1.45 -1.29
N LEU A 21 -3.71 0.96 -2.50
CA LEU A 21 -3.87 1.77 -3.70
C LEU A 21 -5.33 2.15 -3.88
N LYS A 22 -6.23 1.27 -3.48
CA LYS A 22 -7.66 1.51 -3.60
C LYS A 22 -8.05 2.77 -2.84
N VAL A 23 -7.59 2.87 -1.59
CA VAL A 23 -7.89 4.02 -0.75
C VAL A 23 -7.13 5.26 -1.22
N LYS A 24 -5.87 5.08 -1.58
CA LYS A 24 -5.03 6.17 -2.05
C LYS A 24 -5.63 6.83 -3.28
N GLN A 25 -6.00 6.03 -4.27
CA GLN A 25 -6.58 6.53 -5.49
C GLN A 25 -7.90 7.23 -5.20
N GLY A 26 -8.71 6.62 -4.34
CA GLY A 26 -9.99 7.20 -3.98
C GLY A 26 -9.84 8.56 -3.34
N ALA A 27 -8.80 8.71 -2.51
CA ALA A 27 -8.54 9.98 -1.84
C ALA A 27 -8.14 11.04 -2.86
N GLU A 28 -7.32 10.63 -3.83
CA GLU A 28 -6.86 11.55 -4.87
C GLU A 28 -8.06 12.11 -5.64
N ASN A 29 -9.00 11.24 -5.97
CA ASN A 29 -10.19 11.66 -6.68
C ASN A 29 -10.98 12.67 -5.84
N MET A 30 -11.02 12.41 -4.54
CA MET A 30 -11.73 13.30 -3.61
C MET A 30 -11.05 14.68 -3.57
N ILE A 31 -9.72 14.69 -3.65
CA ILE A 31 -8.98 15.94 -3.61
C ILE A 31 -9.29 16.80 -4.83
N GLN A 32 -9.31 16.18 -6.01
CA GLN A 32 -9.59 16.89 -7.25
C GLN A 32 -11.05 17.31 -7.33
N THR A 33 -11.94 16.42 -6.92
CA THR A 33 -13.38 16.70 -6.95
C THR A 33 -13.76 17.78 -5.94
N TYR A 34 -13.29 17.62 -4.70
CA TYR A 34 -13.59 18.57 -3.63
C TYR A 34 -12.78 19.86 -3.79
N SER A 35 -12.31 20.14 -5.00
CA SER A 35 -11.53 21.33 -5.26
C SER A 35 -12.44 22.56 -5.33
N ASN A 36 -13.56 22.42 -6.03
CA ASN A 36 -14.52 23.51 -6.18
C ASN A 36 -15.80 23.01 -6.86
N GLY A 37 -15.62 22.22 -7.92
CA GLY A 37 -16.76 21.69 -8.64
C GLY A 37 -17.61 20.77 -7.79
N SER A 38 -18.92 20.98 -7.81
CA SER A 38 -19.87 20.18 -7.04
C SER A 38 -19.66 20.39 -5.54
N THR A 39 -18.59 19.81 -5.00
CA THR A 39 -18.28 19.93 -3.58
C THR A 39 -17.99 21.39 -3.22
N LYS A 40 -18.36 21.78 -2.01
CA LYS A 40 -18.14 23.15 -1.55
C LYS A 40 -17.49 23.18 -0.16
N ASP A 41 -17.91 22.26 0.70
CA ASP A 41 -17.38 22.18 2.06
C ASP A 41 -15.87 22.01 2.06
N ARG A 42 -15.18 22.93 2.74
CA ARG A 42 -13.72 22.87 2.83
C ARG A 42 -13.27 21.77 3.79
N LYS A 43 -14.01 21.60 4.87
CA LYS A 43 -13.68 20.58 5.87
C LYS A 43 -13.53 19.21 5.23
N LEU A 44 -14.46 18.87 4.34
CA LEU A 44 -14.42 17.59 3.65
C LEU A 44 -13.15 17.46 2.83
N LEU A 45 -12.75 18.55 2.19
CA LEU A 45 -11.54 18.58 1.36
C LEU A 45 -10.32 18.20 2.20
N LEU A 46 -10.22 18.79 3.39
CA LEU A 46 -9.10 18.52 4.29
C LEU A 46 -9.06 17.04 4.65
N THR A 47 -10.23 16.45 4.88
CA THR A 47 -10.32 15.04 5.22
C THR A 47 -9.68 14.17 4.14
N ALA A 48 -9.96 14.51 2.89
CA ALA A 48 -9.41 13.77 1.75
C ALA A 48 -7.89 13.82 1.77
N GLN A 49 -7.34 14.99 2.08
CA GLN A 49 -5.90 15.17 2.14
C GLN A 49 -5.29 14.20 3.14
N GLN A 50 -5.94 14.06 4.29
CA GLN A 50 -5.48 13.16 5.33
C GLN A 50 -5.45 11.73 4.82
N MET A 51 -6.47 11.37 4.05
CA MET A 51 -6.55 10.03 3.46
C MET A 51 -5.36 9.76 2.55
N LEU A 52 -4.93 10.78 1.84
CA LEU A 52 -3.81 10.66 0.92
C LEU A 52 -2.49 10.45 1.65
N GLN A 53 -2.24 11.23 2.70
CA GLN A 53 -1.00 11.11 3.46
C GLN A 53 -0.87 9.76 4.16
N ASP A 54 -1.94 9.31 4.82
CA ASP A 54 -1.90 8.04 5.52
C ASP A 54 -1.72 6.88 4.55
N SER A 55 -2.36 6.98 3.38
CA SER A 55 -2.24 5.93 2.37
C SER A 55 -0.81 5.79 1.91
N LYS A 56 -0.15 6.92 1.65
CA LYS A 56 1.24 6.93 1.22
C LYS A 56 2.10 6.14 2.19
N THR A 57 1.94 6.43 3.47
CA THR A 57 2.71 5.74 4.51
C THR A 57 2.52 4.23 4.42
N LYS A 58 1.27 3.81 4.22
CA LYS A 58 0.95 2.38 4.11
C LYS A 58 1.83 1.70 3.06
N ILE A 59 1.94 2.33 1.89
CA ILE A 59 2.76 1.78 0.81
C ILE A 59 4.21 1.59 1.28
N ASP A 60 4.72 2.58 2.00
CA ASP A 60 6.09 2.52 2.50
C ASP A 60 6.33 1.24 3.33
N ILE A 61 5.37 0.92 4.20
CA ILE A 61 5.48 -0.26 5.04
C ILE A 61 5.60 -1.53 4.19
N ILE A 62 4.75 -1.64 3.18
CA ILE A 62 4.78 -2.81 2.29
C ILE A 62 6.14 -2.98 1.65
N ARG A 63 6.73 -1.86 1.22
CA ARG A 63 8.05 -1.89 0.60
C ARG A 63 9.07 -2.57 1.49
N MET A 64 9.11 -2.14 2.74
CA MET A 64 10.05 -2.67 3.72
C MET A 64 9.74 -4.13 4.07
N GLN A 65 8.46 -4.44 4.26
CA GLN A 65 8.06 -5.80 4.62
C GLN A 65 8.42 -6.79 3.53
N LEU A 66 8.10 -6.45 2.28
CA LEU A 66 8.38 -7.31 1.14
C LEU A 66 9.88 -7.54 0.98
N ARG A 67 10.66 -6.47 1.03
CA ARG A 67 12.11 -6.59 0.88
C ARG A 67 12.71 -7.47 1.98
N ARG A 68 12.28 -7.23 3.22
CA ARG A 68 12.77 -8.00 4.35
C ARG A 68 12.42 -9.47 4.20
N ALA A 69 11.22 -9.75 3.70
CA ALA A 69 10.77 -11.12 3.51
C ALA A 69 11.68 -11.87 2.54
N LEU A 70 12.04 -11.20 1.45
CA LEU A 70 12.90 -11.81 0.44
C LEU A 70 14.30 -12.07 1.01
N GLN A 71 14.82 -11.10 1.75
CA GLN A 71 16.14 -11.22 2.35
C GLN A 71 16.21 -12.39 3.32
N ALA A 72 15.17 -12.55 4.13
CA ALA A 72 15.11 -13.64 5.11
C ALA A 72 15.17 -14.99 4.41
N ASP A 73 14.40 -15.14 3.35
CA ASP A 73 14.35 -16.39 2.60
C ASP A 73 15.72 -16.68 1.97
N GLN A 74 16.33 -15.65 1.41
CA GLN A 74 17.64 -15.78 0.78
C GLN A 74 18.76 -15.79 1.83
N LEU A 75 18.56 -16.57 2.89
CA LEU A 75 19.53 -16.68 3.97
C LEU A 75 19.09 -17.72 4.98
N GLU A 76 18.78 -18.92 4.50
CA GLU A 76 18.33 -20.00 5.37
C GLU A 76 18.38 -21.34 4.64
N ASN A 77 18.72 -22.39 5.38
CA ASN A 77 18.81 -23.74 4.82
C ASN A 77 18.84 -24.77 5.93
N GLN A 78 19.55 -24.46 7.02
CA GLN A 78 19.66 -25.35 8.15
C GLN A 78 18.29 -25.69 8.73
N ALA A 79 18.06 -26.97 8.99
CA ALA A 79 16.79 -27.42 9.54
C ALA A 79 16.49 -26.77 10.88
N ALA A 80 15.27 -26.28 11.04
CA ALA A 80 14.85 -25.62 12.27
C ALA A 80 13.36 -25.28 12.23
N PRO A 81 12.62 -25.58 13.30
CA PRO A 81 11.18 -25.29 13.37
C PRO A 81 10.89 -23.80 13.33
N GLY A 1 9.57 -29.31 -3.46
CA GLY A 1 8.31 -28.55 -3.19
C GLY A 1 8.44 -27.63 -1.99
N ILE A 2 7.98 -26.39 -2.15
CA ILE A 2 8.04 -25.41 -1.06
C ILE A 2 7.18 -25.85 0.12
N PRO A 3 7.74 -25.82 1.34
CA PRO A 3 7.02 -26.22 2.56
C PRO A 3 6.03 -25.16 3.03
N ALA A 4 5.36 -24.52 2.07
CA ALA A 4 4.37 -23.49 2.38
C ALA A 4 4.98 -22.38 3.24
N THR A 5 6.12 -21.86 2.79
CA THR A 5 6.81 -20.79 3.50
C THR A 5 7.29 -19.70 2.55
N ASN A 6 6.48 -19.41 1.54
CA ASN A 6 6.80 -18.39 0.55
C ASN A 6 5.52 -17.89 -0.13
N LEU A 7 4.68 -18.82 -0.55
CA LEU A 7 3.43 -18.47 -1.22
C LEU A 7 2.53 -17.68 -0.28
N SER A 8 2.44 -18.14 0.97
CA SER A 8 1.61 -17.47 1.97
C SER A 8 2.06 -16.04 2.20
N ARG A 9 3.38 -15.85 2.31
CA ARG A 9 3.94 -14.52 2.52
C ARG A 9 3.59 -13.57 1.38
N VAL A 10 3.72 -14.06 0.16
CA VAL A 10 3.41 -13.25 -1.02
C VAL A 10 1.95 -12.85 -1.04
N ALA A 11 1.06 -13.80 -0.74
CA ALA A 11 -0.37 -13.53 -0.72
C ALA A 11 -0.71 -12.42 0.26
N GLY A 12 -0.11 -12.48 1.45
CA GLY A 12 -0.36 -11.47 2.46
C GLY A 12 0.09 -10.09 2.03
N LEU A 13 1.26 -10.01 1.42
CA LEU A 13 1.80 -8.74 0.96
C LEU A 13 0.97 -8.17 -0.20
N GLU A 14 0.54 -9.04 -1.09
CA GLU A 14 -0.26 -8.63 -2.25
C GLU A 14 -1.62 -8.07 -1.81
N LYS A 15 -2.31 -8.80 -0.96
CA LYS A 15 -3.63 -8.36 -0.48
C LYS A 15 -3.53 -7.00 0.19
N GLN A 16 -2.49 -6.80 0.98
CA GLN A 16 -2.29 -5.53 1.67
C GLN A 16 -2.13 -4.39 0.67
N LEU A 17 -1.38 -4.64 -0.39
CA LEU A 17 -1.15 -3.65 -1.44
C LEU A 17 -2.46 -3.20 -2.07
N ALA A 18 -3.31 -4.16 -2.39
CA ALA A 18 -4.60 -3.87 -3.01
C ALA A 18 -5.49 -3.02 -2.09
N ILE A 19 -5.48 -3.35 -0.80
CA ILE A 19 -6.28 -2.64 0.17
C ILE A 19 -5.91 -1.16 0.26
N GLU A 20 -4.61 -0.90 0.41
CA GLU A 20 -4.13 0.48 0.51
C GLU A 20 -4.37 1.24 -0.79
N LEU A 21 -4.14 0.58 -1.92
CA LEU A 21 -4.32 1.20 -3.22
C LEU A 21 -5.74 1.71 -3.44
N LYS A 22 -6.74 0.90 -3.07
CA LYS A 22 -8.13 1.30 -3.24
C LYS A 22 -8.47 2.49 -2.35
N VAL A 23 -8.00 2.45 -1.10
CA VAL A 23 -8.25 3.53 -0.15
C VAL A 23 -7.58 4.82 -0.62
N LYS A 24 -6.35 4.69 -1.09
CA LYS A 24 -5.59 5.82 -1.58
C LYS A 24 -6.27 6.45 -2.80
N GLN A 25 -6.72 5.59 -3.70
CA GLN A 25 -7.40 6.04 -4.92
C GLN A 25 -8.66 6.83 -4.58
N GLY A 26 -9.42 6.33 -3.61
CA GLY A 26 -10.64 7.00 -3.20
C GLY A 26 -10.39 8.40 -2.66
N ALA A 27 -9.31 8.56 -1.91
CA ALA A 27 -8.95 9.85 -1.34
C ALA A 27 -8.53 10.82 -2.42
N GLU A 28 -7.74 10.34 -3.36
CA GLU A 28 -7.26 11.17 -4.47
C GLU A 28 -8.41 11.69 -5.30
N ASN A 29 -9.36 10.83 -5.61
CA ASN A 29 -10.52 11.21 -6.41
C ASN A 29 -11.31 12.31 -5.73
N MET A 30 -11.53 12.16 -4.42
CA MET A 30 -12.28 13.15 -3.64
C MET A 30 -11.57 14.50 -3.61
N ILE A 31 -10.27 14.48 -3.30
CA ILE A 31 -9.48 15.70 -3.23
C ILE A 31 -9.47 16.43 -4.57
N GLN A 32 -9.23 15.69 -5.65
CA GLN A 32 -9.20 16.28 -6.98
C GLN A 32 -10.55 16.82 -7.40
N THR A 33 -11.62 16.07 -7.09
CA THR A 33 -12.97 16.49 -7.43
C THR A 33 -13.29 17.86 -6.81
N TYR A 34 -12.96 18.02 -5.54
CA TYR A 34 -13.20 19.27 -4.82
C TYR A 34 -12.35 20.39 -5.41
N SER A 35 -11.06 20.11 -5.59
CA SER A 35 -10.13 21.09 -6.13
C SER A 35 -10.38 21.35 -7.62
N ASN A 36 -10.52 22.62 -7.99
CA ASN A 36 -10.75 23.00 -9.37
C ASN A 36 -11.94 22.24 -9.96
N GLY A 37 -13.11 22.39 -9.34
CA GLY A 37 -14.29 21.71 -9.83
C GLY A 37 -15.58 22.35 -9.33
N SER A 38 -16.58 21.52 -9.06
CA SER A 38 -17.87 22.01 -8.58
C SER A 38 -18.10 21.63 -7.13
N THR A 39 -17.12 21.91 -6.28
CA THR A 39 -17.22 21.60 -4.86
C THR A 39 -16.21 22.41 -4.06
N LYS A 40 -16.66 23.03 -2.98
CA LYS A 40 -15.79 23.84 -2.13
C LYS A 40 -15.93 23.44 -0.66
N ASP A 41 -16.26 22.18 -0.42
CA ASP A 41 -16.41 21.68 0.94
C ASP A 41 -15.05 21.52 1.60
N ARG A 42 -14.64 22.55 2.33
CA ARG A 42 -13.35 22.55 3.01
C ARG A 42 -13.31 21.49 4.12
N LYS A 43 -14.42 21.35 4.85
CA LYS A 43 -14.50 20.38 5.94
C LYS A 43 -14.18 18.98 5.43
N LEU A 44 -14.94 18.52 4.44
CA LEU A 44 -14.72 17.19 3.88
C LEU A 44 -13.40 17.12 3.12
N LEU A 45 -13.00 18.24 2.52
CA LEU A 45 -11.75 18.30 1.77
C LEU A 45 -10.59 17.86 2.66
N LEU A 46 -10.50 18.45 3.85
CA LEU A 46 -9.46 18.11 4.79
C LEU A 46 -9.62 16.65 5.23
N THR A 47 -10.88 16.24 5.40
CA THR A 47 -11.18 14.87 5.82
C THR A 47 -10.57 13.85 4.86
N ALA A 48 -10.78 14.08 3.56
CA ALA A 48 -10.25 13.18 2.53
C ALA A 48 -8.73 13.23 2.50
N GLN A 49 -8.18 14.43 2.62
CA GLN A 49 -6.73 14.63 2.61
C GLN A 49 -6.08 13.81 3.71
N GLN A 50 -6.70 13.82 4.89
CA GLN A 50 -6.21 13.07 6.02
C GLN A 50 -6.19 11.58 5.70
N MET A 51 -7.24 11.12 5.04
CA MET A 51 -7.35 9.72 4.66
C MET A 51 -6.18 9.31 3.76
N LEU A 52 -5.91 10.15 2.77
CA LEU A 52 -4.82 9.90 1.84
C LEU A 52 -3.48 9.79 2.57
N GLN A 53 -3.29 10.66 3.56
CA GLN A 53 -2.06 10.65 4.34
C GLN A 53 -1.83 9.30 5.00
N ASP A 54 -2.87 8.77 5.64
CA ASP A 54 -2.79 7.48 6.31
C ASP A 54 -2.44 6.38 5.30
N SER A 55 -3.09 6.44 4.14
CA SER A 55 -2.86 5.46 3.09
C SER A 55 -1.39 5.47 2.66
N LYS A 56 -0.83 6.66 2.46
CA LYS A 56 0.56 6.79 2.06
C LYS A 56 1.47 6.06 3.04
N THR A 57 1.17 6.20 4.32
CA THR A 57 1.95 5.54 5.36
C THR A 57 1.93 4.03 5.16
N LYS A 58 0.77 3.51 4.79
CA LYS A 58 0.61 2.07 4.57
C LYS A 58 1.57 1.58 3.47
N ILE A 59 1.62 2.31 2.36
CA ILE A 59 2.49 1.94 1.24
C ILE A 59 3.96 1.89 1.68
N ASP A 60 4.38 2.87 2.48
CA ASP A 60 5.76 2.93 2.95
C ASP A 60 6.16 1.66 3.70
N ILE A 61 5.39 1.32 4.73
CA ILE A 61 5.67 0.13 5.54
C ILE A 61 5.60 -1.15 4.70
N ILE A 62 4.55 -1.28 3.91
CA ILE A 62 4.37 -2.45 3.06
C ILE A 62 5.56 -2.65 2.13
N ARG A 63 6.01 -1.55 1.51
CA ARG A 63 7.16 -1.62 0.62
C ARG A 63 8.37 -2.20 1.35
N MET A 64 8.52 -1.82 2.61
CA MET A 64 9.63 -2.32 3.43
C MET A 64 9.57 -3.84 3.54
N GLN A 65 8.36 -4.37 3.71
CA GLN A 65 8.17 -5.81 3.83
C GLN A 65 8.49 -6.52 2.52
N LEU A 66 7.99 -5.96 1.41
CA LEU A 66 8.22 -6.55 0.09
C LEU A 66 9.70 -6.61 -0.26
N ARG A 67 10.40 -5.49 -0.09
CA ARG A 67 11.82 -5.42 -0.40
C ARG A 67 12.61 -6.43 0.43
N ARG A 68 12.30 -6.50 1.73
CA ARG A 68 12.99 -7.44 2.63
C ARG A 68 12.73 -8.89 2.21
N ALA A 69 11.51 -9.17 1.77
CA ALA A 69 11.13 -10.50 1.34
C ALA A 69 11.84 -10.90 0.04
N LEU A 70 11.94 -9.95 -0.88
CA LEU A 70 12.58 -10.21 -2.17
C LEU A 70 14.07 -10.50 -2.03
N GLN A 71 14.76 -9.67 -1.24
CA GLN A 71 16.20 -9.84 -1.05
C GLN A 71 16.53 -11.17 -0.39
N ALA A 72 15.86 -11.48 0.70
CA ALA A 72 16.10 -12.71 1.43
C ALA A 72 15.67 -13.94 0.65
N ASP A 73 14.43 -13.97 0.18
CA ASP A 73 13.92 -15.11 -0.58
C ASP A 73 14.63 -15.22 -1.92
N GLN A 74 14.52 -14.19 -2.74
CA GLN A 74 15.15 -14.18 -4.06
C GLN A 74 16.61 -13.74 -3.97
N LEU A 75 17.49 -14.48 -4.64
CA LEU A 75 18.92 -14.17 -4.65
C LEU A 75 19.59 -14.75 -5.89
N GLU A 76 18.87 -14.71 -7.01
CA GLU A 76 19.39 -15.22 -8.27
C GLU A 76 19.92 -16.65 -8.12
N ASN A 77 21.01 -16.95 -8.82
CA ASN A 77 21.64 -18.27 -8.76
C ASN A 77 22.92 -18.29 -9.57
N GLN A 78 22.91 -17.63 -10.73
CA GLN A 78 24.09 -17.57 -11.59
C GLN A 78 25.18 -16.73 -10.95
N ALA A 79 26.43 -17.21 -11.03
CA ALA A 79 27.56 -16.51 -10.46
C ALA A 79 27.73 -15.13 -11.09
N ALA A 80 27.95 -14.13 -10.24
CA ALA A 80 28.13 -12.75 -10.70
C ALA A 80 26.86 -12.20 -11.33
N PRO A 81 26.46 -10.97 -10.95
CA PRO A 81 25.25 -10.34 -11.48
C PRO A 81 25.36 -10.02 -12.97
N GLY A 1 13.33 -17.60 6.51
CA GLY A 1 11.92 -17.15 6.55
C GLY A 1 10.94 -18.28 6.82
N ILE A 2 11.28 -19.12 7.80
CA ILE A 2 10.44 -20.26 8.17
C ILE A 2 10.36 -21.29 7.04
N PRO A 3 10.65 -22.57 7.35
CA PRO A 3 10.60 -23.65 6.35
C PRO A 3 9.18 -23.98 5.90
N ALA A 4 9.02 -24.20 4.59
CA ALA A 4 7.73 -24.54 4.00
C ALA A 4 6.76 -23.36 4.02
N THR A 5 6.36 -22.94 5.21
CA THR A 5 5.44 -21.81 5.35
C THR A 5 6.04 -20.54 4.75
N ASN A 6 5.31 -19.91 3.83
CA ASN A 6 5.76 -18.69 3.19
C ASN A 6 4.73 -18.18 2.19
N LEU A 7 4.06 -19.11 1.51
CA LEU A 7 3.03 -18.75 0.53
C LEU A 7 1.97 -17.84 1.14
N SER A 8 1.56 -18.14 2.36
CA SER A 8 0.55 -17.35 3.05
C SER A 8 1.02 -15.89 3.19
N ARG A 9 2.27 -15.72 3.59
CA ARG A 9 2.84 -14.39 3.76
C ARG A 9 2.90 -13.64 2.43
N VAL A 10 3.26 -14.37 1.38
CA VAL A 10 3.35 -13.79 0.05
C VAL A 10 2.03 -13.18 -0.41
N ALA A 11 0.96 -13.97 -0.31
CA ALA A 11 -0.36 -13.51 -0.71
C ALA A 11 -0.84 -12.36 0.16
N GLY A 12 -0.55 -12.45 1.46
CA GLY A 12 -0.97 -11.42 2.39
C GLY A 12 -0.40 -10.06 2.03
N LEU A 13 0.89 -10.03 1.71
CA LEU A 13 1.56 -8.79 1.36
C LEU A 13 0.99 -8.22 0.06
N GLU A 14 0.80 -9.08 -0.94
CA GLU A 14 0.27 -8.65 -2.22
C GLU A 14 -1.14 -8.08 -2.10
N LYS A 15 -2.00 -8.77 -1.37
CA LYS A 15 -3.39 -8.31 -1.20
C LYS A 15 -3.42 -6.92 -0.56
N GLN A 16 -2.52 -6.69 0.39
CA GLN A 16 -2.45 -5.40 1.06
C GLN A 16 -2.17 -4.27 0.06
N LEU A 17 -1.20 -4.50 -0.82
CA LEU A 17 -0.84 -3.50 -1.82
C LEU A 17 -2.04 -3.12 -2.69
N ALA A 18 -2.80 -4.11 -3.12
CA ALA A 18 -3.97 -3.87 -3.96
C ALA A 18 -4.99 -2.99 -3.27
N ILE A 19 -5.36 -3.34 -2.04
CA ILE A 19 -6.33 -2.58 -1.27
C ILE A 19 -5.86 -1.16 -1.03
N GLU A 20 -4.60 -1.03 -0.62
CA GLU A 20 -4.01 0.28 -0.34
C GLU A 20 -4.07 1.21 -1.55
N LEU A 21 -3.71 0.68 -2.72
CA LEU A 21 -3.72 1.48 -3.94
C LEU A 21 -5.12 2.03 -4.22
N LYS A 22 -6.14 1.19 -4.03
CA LYS A 22 -7.51 1.60 -4.26
C LYS A 22 -7.90 2.73 -3.32
N VAL A 23 -7.55 2.60 -2.05
CA VAL A 23 -7.86 3.60 -1.04
C VAL A 23 -7.16 4.93 -1.36
N LYS A 24 -5.89 4.84 -1.73
CA LYS A 24 -5.10 6.02 -2.06
C LYS A 24 -5.72 6.78 -3.23
N GLN A 25 -6.11 6.04 -4.26
CA GLN A 25 -6.73 6.64 -5.44
C GLN A 25 -8.03 7.35 -5.08
N GLY A 26 -8.80 6.72 -4.18
CA GLY A 26 -10.06 7.30 -3.76
C GLY A 26 -9.90 8.67 -3.14
N ALA A 27 -8.85 8.82 -2.32
CA ALA A 27 -8.58 10.09 -1.66
C ALA A 27 -8.17 11.14 -2.67
N GLU A 28 -7.33 10.73 -3.62
CA GLU A 28 -6.87 11.64 -4.66
C GLU A 28 -8.04 12.13 -5.52
N ASN A 29 -8.97 11.22 -5.80
CA ASN A 29 -10.14 11.56 -6.60
C ASN A 29 -10.94 12.68 -5.94
N MET A 30 -11.14 12.56 -4.63
CA MET A 30 -11.88 13.56 -3.87
C MET A 30 -11.14 14.89 -3.85
N ILE A 31 -9.81 14.83 -3.67
CA ILE A 31 -9.00 16.03 -3.62
C ILE A 31 -9.03 16.80 -4.93
N GLN A 32 -8.81 16.11 -6.04
CA GLN A 32 -8.82 16.74 -7.35
C GLN A 32 -10.20 17.32 -7.70
N THR A 33 -11.24 16.56 -7.36
CA THR A 33 -12.61 16.99 -7.65
C THR A 33 -12.98 18.24 -6.85
N TYR A 34 -12.60 18.25 -5.58
CA TYR A 34 -12.90 19.37 -4.69
C TYR A 34 -12.01 20.59 -4.97
N SER A 35 -11.47 20.66 -6.18
CA SER A 35 -10.62 21.78 -6.56
C SER A 35 -11.46 23.02 -6.84
N ASN A 36 -12.53 22.83 -7.62
CA ASN A 36 -13.42 23.92 -7.97
C ASN A 36 -14.63 23.41 -8.74
N GLY A 37 -15.82 23.74 -8.26
CA GLY A 37 -17.05 23.31 -8.92
C GLY A 37 -18.20 23.19 -7.94
N SER A 38 -19.03 22.16 -8.13
CA SER A 38 -20.16 21.93 -7.26
C SER A 38 -19.68 21.52 -5.87
N THR A 39 -18.81 20.52 -5.83
CA THR A 39 -18.25 20.03 -4.57
C THR A 39 -17.16 20.95 -4.07
N LYS A 40 -17.19 21.26 -2.78
CA LYS A 40 -16.18 22.15 -2.19
C LYS A 40 -16.28 22.15 -0.67
N ASP A 41 -16.53 20.98 -0.08
CA ASP A 41 -16.63 20.86 1.37
C ASP A 41 -15.26 21.01 2.01
N ARG A 42 -15.12 22.00 2.88
CA ARG A 42 -13.85 22.27 3.55
C ARG A 42 -13.53 21.20 4.60
N LYS A 43 -14.53 20.87 5.42
CA LYS A 43 -14.34 19.87 6.46
C LYS A 43 -13.92 18.53 5.87
N LEU A 44 -14.65 18.08 4.85
CA LEU A 44 -14.36 16.83 4.19
C LEU A 44 -13.05 16.91 3.43
N LEU A 45 -12.75 18.10 2.89
CA LEU A 45 -11.52 18.30 2.13
C LEU A 45 -10.31 17.95 2.99
N LEU A 46 -10.29 18.43 4.22
CA LEU A 46 -9.20 18.15 5.14
C LEU A 46 -9.15 16.66 5.48
N THR A 47 -10.32 16.08 5.71
CA THR A 47 -10.41 14.67 6.04
C THR A 47 -9.82 13.80 4.93
N ALA A 48 -10.12 14.17 3.68
CA ALA A 48 -9.62 13.45 2.53
C ALA A 48 -8.09 13.47 2.48
N GLN A 49 -7.52 14.64 2.73
CA GLN A 49 -6.07 14.79 2.74
C GLN A 49 -5.46 13.85 3.77
N GLN A 50 -6.10 13.77 4.93
CA GLN A 50 -5.63 12.89 6.00
C GLN A 50 -5.63 11.45 5.52
N MET A 51 -6.65 11.08 4.78
CA MET A 51 -6.77 9.73 4.24
C MET A 51 -5.61 9.41 3.31
N LEU A 52 -5.34 10.33 2.39
CA LEU A 52 -4.26 10.16 1.42
C LEU A 52 -2.93 9.97 2.13
N GLN A 53 -2.66 10.80 3.13
CA GLN A 53 -1.43 10.74 3.90
C GLN A 53 -1.29 9.39 4.59
N ASP A 54 -2.38 8.89 5.14
CA ASP A 54 -2.38 7.61 5.85
C ASP A 54 -2.08 6.46 4.89
N SER A 55 -2.73 6.48 3.73
CA SER A 55 -2.54 5.42 2.73
C SER A 55 -1.13 5.42 2.16
N LYS A 56 -0.63 6.60 1.77
CA LYS A 56 0.71 6.68 1.20
C LYS A 56 1.75 6.20 2.19
N THR A 57 1.53 6.48 3.47
CA THR A 57 2.45 6.07 4.53
C THR A 57 2.40 4.55 4.75
N LYS A 58 1.20 3.99 4.82
CA LYS A 58 1.02 2.56 5.02
C LYS A 58 1.61 1.77 3.86
N ILE A 59 1.43 2.28 2.64
CA ILE A 59 1.94 1.62 1.45
C ILE A 59 3.47 1.55 1.48
N ASP A 60 4.11 2.65 1.86
CA ASP A 60 5.56 2.70 1.93
C ASP A 60 6.07 1.61 2.87
N ILE A 61 5.41 1.47 4.01
CA ILE A 61 5.79 0.46 4.99
C ILE A 61 5.67 -0.94 4.40
N ILE A 62 4.57 -1.17 3.68
CA ILE A 62 4.33 -2.46 3.04
C ILE A 62 5.46 -2.80 2.08
N ARG A 63 5.80 -1.84 1.22
CA ARG A 63 6.88 -2.04 0.25
C ARG A 63 8.13 -2.54 0.94
N MET A 64 8.43 -1.97 2.11
CA MET A 64 9.60 -2.38 2.88
C MET A 64 9.48 -3.86 3.26
N GLN A 65 8.27 -4.28 3.60
CA GLN A 65 8.02 -5.66 3.98
C GLN A 65 8.30 -6.61 2.82
N LEU A 66 7.84 -6.23 1.63
CA LEU A 66 8.03 -7.05 0.44
C LEU A 66 9.52 -7.26 0.14
N ARG A 67 10.25 -6.16 0.02
CA ARG A 67 11.68 -6.24 -0.27
C ARG A 67 12.41 -7.03 0.82
N ARG A 68 12.03 -6.77 2.07
CA ARG A 68 12.64 -7.45 3.22
C ARG A 68 12.38 -8.95 3.17
N ALA A 69 11.20 -9.33 2.70
CA ALA A 69 10.83 -10.74 2.63
C ALA A 69 11.74 -11.50 1.66
N LEU A 70 11.94 -10.92 0.48
CA LEU A 70 12.79 -11.56 -0.53
C LEU A 70 14.26 -11.62 -0.08
N GLN A 71 14.75 -10.52 0.49
CA GLN A 71 16.13 -10.47 0.97
C GLN A 71 16.38 -11.49 2.07
N ALA A 72 15.44 -11.60 2.99
CA ALA A 72 15.57 -12.54 4.11
C ALA A 72 15.64 -13.98 3.63
N ASP A 73 14.69 -14.37 2.79
CA ASP A 73 14.65 -15.73 2.27
C ASP A 73 15.86 -16.03 1.39
N GLN A 74 16.21 -15.10 0.52
CA GLN A 74 17.36 -15.25 -0.37
C GLN A 74 18.66 -14.96 0.34
N LEU A 75 18.86 -15.57 1.50
CA LEU A 75 20.08 -15.37 2.29
C LEU A 75 20.18 -16.44 3.39
N GLU A 76 21.28 -17.18 3.39
CA GLU A 76 21.51 -18.21 4.39
C GLU A 76 22.02 -17.63 5.69
N ASN A 77 21.45 -18.09 6.81
CA ASN A 77 21.85 -17.62 8.13
C ASN A 77 23.33 -17.87 8.37
N GLN A 78 23.83 -18.99 7.85
CA GLN A 78 25.23 -19.36 8.01
C GLN A 78 25.81 -19.88 6.71
N ALA A 79 27.02 -19.42 6.37
CA ALA A 79 27.69 -19.83 5.14
C ALA A 79 27.94 -21.34 5.15
N ALA A 80 27.66 -21.98 4.01
CA ALA A 80 27.85 -23.42 3.86
C ALA A 80 27.06 -24.20 4.90
N PRO A 81 25.71 -24.00 4.94
CA PRO A 81 24.85 -24.70 5.90
C PRO A 81 24.81 -26.20 5.64
N GLY A 1 8.17 -34.16 0.12
CA GLY A 1 7.15 -33.17 -0.34
C GLY A 1 7.40 -31.79 0.23
N ILE A 2 7.34 -30.78 -0.64
CA ILE A 2 7.56 -29.40 -0.23
C ILE A 2 6.45 -28.92 0.70
N PRO A 3 6.81 -28.28 1.83
CA PRO A 3 5.84 -27.77 2.80
C PRO A 3 4.85 -26.79 2.16
N ALA A 4 5.35 -26.07 1.15
CA ALA A 4 4.53 -25.09 0.44
C ALA A 4 4.10 -23.94 1.35
N THR A 5 4.98 -23.58 2.29
CA THR A 5 4.71 -22.49 3.22
C THR A 5 5.25 -21.17 2.68
N ASN A 6 4.44 -20.51 1.84
CA ASN A 6 4.85 -19.24 1.24
C ASN A 6 3.66 -18.54 0.60
N LEU A 7 2.76 -19.31 0.01
CA LEU A 7 1.57 -18.75 -0.64
C LEU A 7 0.76 -17.89 0.33
N SER A 8 0.76 -18.27 1.60
CA SER A 8 0.02 -17.52 2.62
C SER A 8 0.63 -16.14 2.85
N ARG A 9 1.95 -16.10 3.03
CA ARG A 9 2.66 -14.85 3.28
C ARG A 9 2.59 -13.92 2.08
N VAL A 10 2.82 -14.48 0.89
CA VAL A 10 2.79 -13.70 -0.35
C VAL A 10 1.42 -13.08 -0.56
N ALA A 11 0.40 -13.88 -0.35
CA ALA A 11 -0.99 -13.45 -0.53
C ALA A 11 -1.31 -12.26 0.37
N GLY A 12 -0.88 -12.32 1.62
CA GLY A 12 -1.14 -11.24 2.56
C GLY A 12 -0.51 -9.93 2.13
N LEU A 13 0.75 -10.00 1.69
CA LEU A 13 1.47 -8.79 1.26
C LEU A 13 0.85 -8.21 -0.01
N GLU A 14 0.50 -9.08 -0.96
CA GLU A 14 -0.08 -8.63 -2.21
C GLU A 14 -1.43 -7.95 -2.02
N LYS A 15 -2.31 -8.58 -1.24
CA LYS A 15 -3.64 -8.03 -0.98
C LYS A 15 -3.55 -6.64 -0.34
N GLN A 16 -2.64 -6.50 0.62
CA GLN A 16 -2.44 -5.22 1.30
C GLN A 16 -2.00 -4.14 0.31
N LEU A 17 -1.13 -4.53 -0.62
CA LEU A 17 -0.62 -3.61 -1.63
C LEU A 17 -1.77 -3.03 -2.45
N ALA A 18 -2.73 -3.89 -2.78
CA ALA A 18 -3.88 -3.47 -3.55
C ALA A 18 -4.76 -2.48 -2.78
N ILE A 19 -4.98 -2.78 -1.49
CA ILE A 19 -5.82 -1.93 -0.65
C ILE A 19 -5.26 -0.51 -0.54
N GLU A 20 -3.97 -0.39 -0.23
CA GLU A 20 -3.34 0.92 -0.09
C GLU A 20 -3.48 1.74 -1.37
N LEU A 21 -3.27 1.09 -2.51
CA LEU A 21 -3.37 1.77 -3.80
C LEU A 21 -4.77 2.34 -4.01
N LYS A 22 -5.79 1.56 -3.65
CA LYS A 22 -7.18 1.98 -3.82
C LYS A 22 -7.48 3.25 -3.03
N VAL A 23 -7.06 3.27 -1.77
CA VAL A 23 -7.30 4.44 -0.91
C VAL A 23 -6.57 5.66 -1.43
N LYS A 24 -5.32 5.46 -1.86
CA LYS A 24 -4.50 6.56 -2.36
C LYS A 24 -5.15 7.22 -3.58
N GLN A 25 -5.54 6.40 -4.56
CA GLN A 25 -6.16 6.89 -5.77
C GLN A 25 -7.51 7.53 -5.47
N GLY A 26 -8.34 6.82 -4.71
CA GLY A 26 -9.65 7.34 -4.36
C GLY A 26 -9.57 8.69 -3.69
N ALA A 27 -8.53 8.88 -2.88
CA ALA A 27 -8.32 10.14 -2.17
C ALA A 27 -8.03 11.25 -3.17
N GLU A 28 -7.23 10.92 -4.18
CA GLU A 28 -6.88 11.87 -5.23
C GLU A 28 -8.13 12.34 -5.98
N ASN A 29 -8.99 11.38 -6.33
CA ASN A 29 -10.22 11.69 -7.04
C ASN A 29 -11.09 12.65 -6.22
N MET A 30 -11.15 12.42 -4.92
CA MET A 30 -11.94 13.25 -4.02
C MET A 30 -11.39 14.68 -3.98
N ILE A 31 -10.06 14.79 -3.87
CA ILE A 31 -9.41 16.09 -3.82
C ILE A 31 -9.65 16.89 -5.10
N GLN A 32 -9.52 16.22 -6.24
CA GLN A 32 -9.72 16.87 -7.54
C GLN A 32 -11.17 17.28 -7.74
N THR A 33 -12.10 16.37 -7.41
CA THR A 33 -13.52 16.63 -7.57
C THR A 33 -13.98 17.80 -6.70
N TYR A 34 -13.62 17.75 -5.42
CA TYR A 34 -13.99 18.81 -4.48
C TYR A 34 -13.37 20.15 -4.86
N SER A 35 -12.11 20.12 -5.26
CA SER A 35 -11.42 21.35 -5.63
C SER A 35 -12.06 21.99 -6.86
N ASN A 36 -12.58 23.20 -6.68
CA ASN A 36 -13.20 23.96 -7.76
C ASN A 36 -14.40 23.23 -8.36
N GLY A 37 -15.59 23.78 -8.17
CA GLY A 37 -16.80 23.19 -8.73
C GLY A 37 -17.06 21.77 -8.24
N SER A 38 -18.33 21.36 -8.31
CA SER A 38 -18.73 20.02 -7.90
C SER A 38 -18.40 19.77 -6.43
N THR A 39 -19.03 20.53 -5.54
CA THR A 39 -18.80 20.40 -4.11
C THR A 39 -17.38 20.80 -3.75
N LYS A 40 -17.21 21.43 -2.59
CA LYS A 40 -15.89 21.87 -2.15
C LYS A 40 -15.87 22.16 -0.65
N ASP A 41 -16.47 21.27 0.13
CA ASP A 41 -16.50 21.42 1.58
C ASP A 41 -15.09 21.35 2.16
N ARG A 42 -14.74 22.34 2.97
CA ARG A 42 -13.41 22.38 3.58
C ARG A 42 -13.22 21.24 4.58
N LYS A 43 -14.23 21.00 5.41
CA LYS A 43 -14.16 19.94 6.40
C LYS A 43 -13.92 18.59 5.73
N LEU A 44 -14.71 18.29 4.71
CA LEU A 44 -14.57 17.04 3.98
C LEU A 44 -13.24 16.98 3.25
N LEU A 45 -12.82 18.12 2.71
CA LEU A 45 -11.56 18.21 1.98
C LEU A 45 -10.39 17.76 2.85
N LEU A 46 -10.33 18.28 4.07
CA LEU A 46 -9.27 17.93 5.01
C LEU A 46 -9.29 16.45 5.35
N THR A 47 -10.50 15.91 5.54
CA THR A 47 -10.67 14.50 5.87
C THR A 47 -10.10 13.60 4.79
N ALA A 48 -10.44 13.90 3.53
CA ALA A 48 -9.97 13.11 2.40
C ALA A 48 -8.45 13.14 2.30
N GLN A 49 -7.89 14.35 2.35
CA GLN A 49 -6.45 14.51 2.28
C GLN A 49 -5.77 13.73 3.38
N GLN A 50 -6.42 13.71 4.55
CA GLN A 50 -5.90 12.99 5.70
C GLN A 50 -5.78 11.50 5.37
N MET A 51 -6.78 10.97 4.66
CA MET A 51 -6.78 9.57 4.28
C MET A 51 -5.59 9.28 3.38
N LEU A 52 -5.31 10.21 2.47
CA LEU A 52 -4.20 10.06 1.54
C LEU A 52 -2.88 9.96 2.29
N GLN A 53 -2.72 10.80 3.30
CA GLN A 53 -1.49 10.82 4.10
C GLN A 53 -1.23 9.45 4.71
N ASP A 54 -2.25 8.88 5.36
CA ASP A 54 -2.13 7.58 5.99
C ASP A 54 -1.85 6.51 4.95
N SER A 55 -2.51 6.60 3.81
CA SER A 55 -2.34 5.64 2.72
C SER A 55 -0.88 5.57 2.28
N LYS A 56 -0.26 6.74 2.12
CA LYS A 56 1.14 6.82 1.69
C LYS A 56 2.04 6.08 2.67
N THR A 57 1.91 6.39 3.95
CA THR A 57 2.71 5.77 4.99
C THR A 57 2.56 4.24 4.94
N LYS A 58 1.33 3.78 4.74
CA LYS A 58 1.06 2.34 4.66
C LYS A 58 1.83 1.71 3.51
N ILE A 59 1.83 2.38 2.36
CA ILE A 59 2.51 1.89 1.18
C ILE A 59 4.01 1.74 1.42
N ASP A 60 4.62 2.74 2.04
CA ASP A 60 6.05 2.72 2.32
C ASP A 60 6.42 1.59 3.28
N ILE A 61 5.67 1.47 4.37
CA ILE A 61 5.93 0.44 5.37
C ILE A 61 5.71 -0.96 4.80
N ILE A 62 4.56 -1.17 4.17
CA ILE A 62 4.22 -2.46 3.59
C ILE A 62 5.24 -2.89 2.53
N ARG A 63 5.39 -2.07 1.50
CA ARG A 63 6.32 -2.36 0.42
C ARG A 63 7.70 -2.71 0.96
N MET A 64 8.12 -1.99 2.00
CA MET A 64 9.42 -2.25 2.61
C MET A 64 9.48 -3.67 3.16
N GLN A 65 8.36 -4.12 3.74
CA GLN A 65 8.27 -5.46 4.30
C GLN A 65 8.47 -6.52 3.22
N LEU A 66 7.84 -6.30 2.07
CA LEU A 66 7.95 -7.24 0.96
C LEU A 66 9.40 -7.40 0.52
N ARG A 67 10.10 -6.29 0.39
CA ARG A 67 11.50 -6.30 -0.02
C ARG A 67 12.32 -7.18 0.92
N ARG A 68 12.08 -7.02 2.22
CA ARG A 68 12.79 -7.80 3.24
C ARG A 68 12.53 -9.29 3.06
N ALA A 69 11.33 -9.64 2.62
CA ALA A 69 10.96 -11.03 2.42
C ALA A 69 11.79 -11.69 1.33
N LEU A 70 11.90 -11.02 0.19
CA LEU A 70 12.66 -11.54 -0.94
C LEU A 70 14.17 -11.55 -0.66
N GLN A 71 14.66 -10.45 -0.08
CA GLN A 71 16.07 -10.33 0.24
C GLN A 71 16.52 -11.37 1.25
N ALA A 72 15.72 -11.55 2.30
CA ALA A 72 16.02 -12.52 3.35
C ALA A 72 16.04 -13.94 2.80
N ASP A 73 15.02 -14.28 2.01
CA ASP A 73 14.92 -15.61 1.43
C ASP A 73 16.12 -15.92 0.55
N GLN A 74 16.43 -15.02 -0.37
CA GLN A 74 17.56 -15.19 -1.27
C GLN A 74 18.88 -15.08 -0.52
N LEU A 75 19.82 -15.96 -0.85
CA LEU A 75 21.12 -15.96 -0.19
C LEU A 75 22.08 -16.89 -0.93
N GLU A 76 21.62 -18.09 -1.26
CA GLU A 76 22.44 -19.07 -1.96
C GLU A 76 22.71 -18.60 -3.39
N ASN A 77 22.54 -19.49 -4.38
CA ASN A 77 22.78 -19.14 -5.77
C ASN A 77 22.43 -20.30 -6.72
N GLN A 78 22.76 -21.51 -6.31
CA GLN A 78 22.48 -22.69 -7.13
C GLN A 78 20.99 -23.01 -7.14
N ALA A 79 20.44 -23.19 -8.34
CA ALA A 79 19.02 -23.51 -8.50
C ALA A 79 18.73 -24.94 -8.08
N ALA A 80 17.67 -25.13 -7.29
CA ALA A 80 17.26 -26.45 -6.83
C ALA A 80 18.33 -27.06 -5.90
N PRO A 81 17.90 -27.71 -4.80
CA PRO A 81 18.83 -28.34 -3.85
C PRO A 81 19.71 -29.38 -4.51
N GLY A 1 9.91 -29.35 2.82
CA GLY A 1 10.22 -29.06 4.26
C GLY A 1 10.22 -27.59 4.56
N ILE A 2 10.84 -26.80 3.69
CA ILE A 2 10.91 -25.34 3.87
C ILE A 2 9.51 -24.71 3.82
N PRO A 3 8.70 -25.03 2.78
CA PRO A 3 7.35 -24.47 2.66
C PRO A 3 6.43 -24.95 3.77
N ALA A 4 5.68 -24.02 4.35
CA ALA A 4 4.75 -24.36 5.44
C ALA A 4 3.90 -23.15 5.83
N THR A 5 4.52 -21.97 5.84
CA THR A 5 3.82 -20.74 6.20
C THR A 5 4.27 -19.57 5.32
N ASN A 6 5.46 -19.70 4.75
CA ASN A 6 6.02 -18.66 3.90
C ASN A 6 5.00 -18.21 2.83
N LEU A 7 4.27 -19.16 2.28
CA LEU A 7 3.27 -18.86 1.27
C LEU A 7 2.24 -17.86 1.79
N SER A 8 1.79 -18.07 3.03
CA SER A 8 0.82 -17.19 3.65
C SER A 8 1.35 -15.76 3.71
N ARG A 9 2.63 -15.63 4.01
CA ARG A 9 3.27 -14.32 4.09
C ARG A 9 3.17 -13.57 2.76
N VAL A 10 3.42 -14.28 1.67
CA VAL A 10 3.34 -13.69 0.33
C VAL A 10 1.95 -13.16 0.03
N ALA A 11 0.94 -13.98 0.24
CA ALA A 11 -0.44 -13.59 -0.01
C ALA A 11 -0.84 -12.40 0.85
N GLY A 12 -0.41 -12.42 2.11
CA GLY A 12 -0.74 -11.34 3.02
C GLY A 12 -0.18 -10.01 2.56
N LEU A 13 1.03 -10.02 2.05
CA LEU A 13 1.68 -8.80 1.56
C LEU A 13 0.98 -8.28 0.30
N GLU A 14 0.67 -9.18 -0.62
CA GLU A 14 0.02 -8.81 -1.87
C GLU A 14 -1.37 -8.21 -1.62
N LYS A 15 -2.16 -8.88 -0.79
CA LYS A 15 -3.51 -8.40 -0.50
C LYS A 15 -3.48 -7.01 0.14
N GLN A 16 -2.57 -6.79 1.07
CA GLN A 16 -2.45 -5.51 1.75
C GLN A 16 -2.19 -4.38 0.75
N LEU A 17 -1.18 -4.56 -0.09
CA LEU A 17 -0.81 -3.56 -1.09
C LEU A 17 -2.03 -3.16 -1.92
N ALA A 18 -2.83 -4.14 -2.31
CA ALA A 18 -4.02 -3.89 -3.11
C ALA A 18 -4.98 -2.96 -2.39
N ILE A 19 -5.14 -3.17 -1.08
CA ILE A 19 -6.03 -2.35 -0.27
C ILE A 19 -5.63 -0.88 -0.30
N GLU A 20 -4.36 -0.60 -0.02
CA GLU A 20 -3.86 0.78 -0.01
C GLU A 20 -4.02 1.44 -1.37
N LEU A 21 -3.81 0.67 -2.44
CA LEU A 21 -3.93 1.22 -3.80
C LEU A 21 -5.33 1.76 -4.05
N LYS A 22 -6.34 0.99 -3.64
CA LYS A 22 -7.73 1.40 -3.83
C LYS A 22 -8.08 2.60 -2.96
N VAL A 23 -7.70 2.55 -1.68
CA VAL A 23 -7.98 3.62 -0.75
C VAL A 23 -7.30 4.92 -1.16
N LYS A 24 -6.02 4.82 -1.51
CA LYS A 24 -5.24 5.98 -1.93
C LYS A 24 -5.82 6.59 -3.20
N GLN A 25 -6.13 5.74 -4.17
CA GLN A 25 -6.70 6.21 -5.43
C GLN A 25 -8.03 6.92 -5.22
N GLY A 26 -8.88 6.33 -4.39
CA GLY A 26 -10.17 6.92 -4.10
C GLY A 26 -10.07 8.23 -3.37
N ALA A 27 -9.13 8.31 -2.42
CA ALA A 27 -8.93 9.53 -1.65
C ALA A 27 -8.43 10.64 -2.55
N GLU A 28 -7.51 10.31 -3.44
CA GLU A 28 -6.94 11.28 -4.38
C GLU A 28 -8.03 11.80 -5.31
N ASN A 29 -8.91 10.92 -5.76
CA ASN A 29 -9.98 11.29 -6.66
C ASN A 29 -10.84 12.40 -6.03
N MET A 30 -11.16 12.22 -4.75
CA MET A 30 -11.96 13.19 -4.01
C MET A 30 -11.18 14.49 -3.81
N ILE A 31 -9.91 14.37 -3.47
CA ILE A 31 -9.06 15.54 -3.25
C ILE A 31 -9.01 16.43 -4.48
N GLN A 32 -8.84 15.83 -5.65
CA GLN A 32 -8.78 16.57 -6.90
C GLN A 32 -10.08 17.29 -7.19
N THR A 33 -11.20 16.58 -7.05
CA THR A 33 -12.52 17.14 -7.31
C THR A 33 -12.85 18.31 -6.37
N TYR A 34 -12.67 18.08 -5.07
CA TYR A 34 -12.96 19.10 -4.07
C TYR A 34 -12.03 20.30 -4.19
N SER A 35 -10.75 20.04 -4.40
CA SER A 35 -9.76 21.11 -4.54
C SER A 35 -10.15 22.05 -5.68
N ASN A 36 -10.42 21.47 -6.84
CA ASN A 36 -10.81 22.24 -8.01
C ASN A 36 -12.22 22.79 -7.83
N GLY A 37 -12.40 24.08 -8.14
CA GLY A 37 -13.72 24.69 -7.99
C GLY A 37 -14.79 23.94 -8.74
N SER A 38 -15.72 23.36 -7.99
CA SER A 38 -16.84 22.61 -8.57
C SER A 38 -17.75 22.05 -7.49
N THR A 39 -17.15 21.36 -6.51
CA THR A 39 -17.91 20.79 -5.42
C THR A 39 -18.33 21.89 -4.43
N LYS A 40 -18.09 21.68 -3.13
CA LYS A 40 -18.46 22.67 -2.12
C LYS A 40 -18.08 22.21 -0.71
N ASP A 41 -18.31 20.93 -0.44
CA ASP A 41 -18.00 20.37 0.88
C ASP A 41 -16.54 20.60 1.25
N ARG A 42 -16.30 21.64 2.03
CA ARG A 42 -14.94 21.98 2.48
C ARG A 42 -14.45 21.02 3.55
N LYS A 43 -15.31 20.73 4.52
CA LYS A 43 -14.97 19.84 5.62
C LYS A 43 -14.50 18.49 5.09
N LEU A 44 -15.26 17.92 4.16
CA LEU A 44 -14.92 16.62 3.58
C LEU A 44 -13.55 16.69 2.89
N LEU A 45 -13.26 17.83 2.25
CA LEU A 45 -11.98 18.01 1.57
C LEU A 45 -10.83 17.79 2.54
N LEU A 46 -10.94 18.35 3.73
CA LEU A 46 -9.91 18.20 4.75
C LEU A 46 -9.73 16.72 5.12
N THR A 47 -10.85 16.03 5.28
CA THR A 47 -10.83 14.61 5.62
C THR A 47 -10.15 13.79 4.53
N ALA A 48 -10.45 14.12 3.27
CA ALA A 48 -9.87 13.42 2.13
C ALA A 48 -8.34 13.51 2.15
N GLN A 49 -7.83 14.69 2.46
CA GLN A 49 -6.40 14.91 2.53
C GLN A 49 -5.77 13.98 3.57
N GLN A 50 -6.42 13.89 4.72
CA GLN A 50 -5.96 13.02 5.80
C GLN A 50 -5.97 11.57 5.34
N MET A 51 -6.99 11.22 4.55
CA MET A 51 -7.12 9.87 4.03
C MET A 51 -5.91 9.48 3.21
N LEU A 52 -5.45 10.39 2.36
CA LEU A 52 -4.29 10.15 1.52
C LEU A 52 -3.03 9.99 2.36
N GLN A 53 -2.90 10.81 3.39
CA GLN A 53 -1.73 10.78 4.27
C GLN A 53 -1.59 9.40 4.93
N ASP A 54 -2.69 8.89 5.45
CA ASP A 54 -2.68 7.59 6.12
C ASP A 54 -2.35 6.45 5.16
N SER A 55 -2.98 6.47 3.99
CA SER A 55 -2.76 5.43 2.99
C SER A 55 -1.30 5.38 2.54
N LYS A 56 -0.73 6.54 2.24
CA LYS A 56 0.66 6.63 1.79
C LYS A 56 1.61 6.05 2.83
N THR A 57 1.37 6.36 4.10
CA THR A 57 2.23 5.87 5.18
C THR A 57 2.26 4.35 5.21
N LYS A 58 1.09 3.73 5.19
CA LYS A 58 0.98 2.27 5.22
C LYS A 58 1.74 1.65 4.04
N ILE A 59 1.61 2.27 2.87
CA ILE A 59 2.28 1.78 1.68
C ILE A 59 3.79 1.78 1.84
N ASP A 60 4.32 2.81 2.50
CA ASP A 60 5.75 2.92 2.73
C ASP A 60 6.29 1.76 3.55
N ILE A 61 5.65 1.49 4.68
CA ILE A 61 6.07 0.40 5.55
C ILE A 61 5.92 -0.96 4.87
N ILE A 62 4.73 -1.21 4.31
CA ILE A 62 4.46 -2.47 3.62
C ILE A 62 5.44 -2.68 2.47
N ARG A 63 5.68 -1.62 1.71
CA ARG A 63 6.60 -1.70 0.57
C ARG A 63 7.96 -2.22 1.02
N MET A 64 8.43 -1.73 2.16
CA MET A 64 9.72 -2.14 2.70
C MET A 64 9.73 -3.64 2.94
N GLN A 65 8.66 -4.15 3.54
CA GLN A 65 8.54 -5.57 3.84
C GLN A 65 8.56 -6.39 2.56
N LEU A 66 7.97 -5.86 1.50
CA LEU A 66 7.92 -6.54 0.21
C LEU A 66 9.29 -6.60 -0.44
N ARG A 67 10.04 -5.50 -0.36
CA ARG A 67 11.37 -5.43 -0.95
C ARG A 67 12.29 -6.50 -0.38
N ARG A 68 12.36 -6.57 0.95
CA ARG A 68 13.21 -7.55 1.61
C ARG A 68 12.74 -8.97 1.31
N ALA A 69 11.44 -9.16 1.21
CA ALA A 69 10.86 -10.47 0.93
C ALA A 69 11.32 -10.99 -0.44
N LEU A 70 11.29 -10.12 -1.44
CA LEU A 70 11.69 -10.48 -2.79
C LEU A 70 13.17 -10.86 -2.85
N GLN A 71 14.00 -10.07 -2.17
CA GLN A 71 15.44 -10.33 -2.14
C GLN A 71 15.74 -11.70 -1.56
N ALA A 72 15.11 -12.01 -0.43
CA ALA A 72 15.31 -13.29 0.24
C ALA A 72 14.86 -14.45 -0.66
N ASP A 73 13.71 -14.28 -1.30
CA ASP A 73 13.17 -15.30 -2.18
C ASP A 73 14.10 -15.58 -3.36
N GLN A 74 14.70 -14.51 -3.89
CA GLN A 74 15.62 -14.63 -5.01
C GLN A 74 16.44 -13.35 -5.19
N LEU A 75 17.72 -13.53 -5.50
CA LEU A 75 18.62 -12.40 -5.72
C LEU A 75 19.96 -12.88 -6.25
N GLU A 76 20.41 -12.26 -7.34
CA GLU A 76 21.67 -12.63 -7.97
C GLU A 76 22.86 -12.23 -7.10
N ASN A 77 23.98 -11.88 -7.75
CA ASN A 77 25.20 -11.45 -7.06
C ASN A 77 25.89 -12.64 -6.38
N GLN A 78 25.17 -13.32 -5.49
CA GLN A 78 25.74 -14.46 -4.78
C GLN A 78 25.96 -15.63 -5.72
N ALA A 79 27.14 -16.23 -5.65
CA ALA A 79 27.47 -17.37 -6.49
C ALA A 79 26.62 -18.58 -6.14
N ALA A 80 26.10 -19.25 -7.17
CA ALA A 80 25.26 -20.44 -6.99
C ALA A 80 23.95 -20.09 -6.27
N PRO A 81 22.82 -20.67 -6.73
CA PRO A 81 21.50 -20.42 -6.14
C PRO A 81 21.46 -20.77 -4.65
N GLY A 1 18.01 -25.81 -1.03
CA GLY A 1 17.14 -26.06 -2.22
C GLY A 1 15.91 -25.17 -2.23
N ILE A 2 15.25 -25.07 -1.08
CA ILE A 2 14.04 -24.25 -0.95
C ILE A 2 12.99 -24.68 -1.98
N PRO A 3 12.12 -25.64 -1.61
CA PRO A 3 11.07 -26.15 -2.49
C PRO A 3 10.02 -25.08 -2.83
N ALA A 4 8.77 -25.52 -2.99
CA ALA A 4 7.67 -24.62 -3.31
C ALA A 4 7.32 -23.71 -2.13
N THR A 5 6.06 -23.78 -1.69
CA THR A 5 5.59 -22.97 -0.57
C THR A 5 5.81 -21.48 -0.82
N ASN A 6 6.12 -20.74 0.24
CA ASN A 6 6.35 -19.29 0.16
C ASN A 6 5.29 -18.60 -0.70
N LEU A 7 4.07 -19.12 -0.64
CA LEU A 7 2.95 -18.55 -1.40
C LEU A 7 2.10 -17.63 -0.53
N SER A 8 1.85 -18.07 0.70
CA SER A 8 1.04 -17.29 1.64
C SER A 8 1.62 -15.91 1.86
N ARG A 9 2.94 -15.85 2.07
CA ARG A 9 3.62 -14.58 2.31
C ARG A 9 3.48 -13.64 1.12
N VAL A 10 3.71 -14.16 -0.08
CA VAL A 10 3.60 -13.36 -1.30
C VAL A 10 2.20 -12.81 -1.49
N ALA A 11 1.21 -13.69 -1.37
CA ALA A 11 -0.19 -13.29 -1.54
C ALA A 11 -0.58 -12.22 -0.52
N GLY A 12 -0.12 -12.38 0.72
CA GLY A 12 -0.44 -11.42 1.75
C GLY A 12 0.07 -10.03 1.44
N LEU A 13 1.29 -9.97 0.93
CA LEU A 13 1.91 -8.69 0.59
C LEU A 13 1.18 -8.02 -0.58
N GLU A 14 0.85 -8.82 -1.59
CA GLU A 14 0.17 -8.32 -2.77
C GLU A 14 -1.24 -7.80 -2.45
N LYS A 15 -2.00 -8.59 -1.69
CA LYS A 15 -3.35 -8.20 -1.32
C LYS A 15 -3.36 -6.85 -0.60
N GLN A 16 -2.41 -6.67 0.31
CA GLN A 16 -2.31 -5.42 1.06
C GLN A 16 -2.13 -4.24 0.11
N LEU A 17 -1.25 -4.42 -0.89
CA LEU A 17 -0.99 -3.37 -1.87
C LEU A 17 -2.25 -2.99 -2.62
N ALA A 18 -3.06 -4.00 -2.97
CA ALA A 18 -4.30 -3.78 -3.69
C ALA A 18 -5.25 -2.89 -2.90
N ILE A 19 -5.42 -3.21 -1.62
CA ILE A 19 -6.30 -2.44 -0.75
C ILE A 19 -5.87 -0.99 -0.67
N GLU A 20 -4.55 -0.77 -0.64
CA GLU A 20 -3.99 0.57 -0.58
C GLU A 20 -4.43 1.41 -1.78
N LEU A 21 -4.32 0.82 -2.97
CA LEU A 21 -4.69 1.52 -4.19
C LEU A 21 -6.16 1.94 -4.17
N LYS A 22 -7.02 1.06 -3.65
CA LYS A 22 -8.44 1.34 -3.56
C LYS A 22 -8.71 2.57 -2.70
N VAL A 23 -8.10 2.61 -1.52
CA VAL A 23 -8.28 3.73 -0.60
C VAL A 23 -7.62 5.01 -1.12
N LYS A 24 -6.38 4.88 -1.57
CA LYS A 24 -5.63 6.02 -2.08
C LYS A 24 -6.35 6.67 -3.25
N GLN A 25 -6.77 5.86 -4.22
CA GLN A 25 -7.47 6.38 -5.39
C GLN A 25 -8.76 7.09 -4.98
N GLY A 26 -9.49 6.47 -4.05
CA GLY A 26 -10.73 7.05 -3.58
C GLY A 26 -10.53 8.44 -2.99
N ALA A 27 -9.46 8.60 -2.23
CA ALA A 27 -9.15 9.89 -1.61
C ALA A 27 -8.84 10.91 -2.68
N GLU A 28 -8.09 10.48 -3.70
CA GLU A 28 -7.72 11.36 -4.81
C GLU A 28 -8.96 11.81 -5.56
N ASN A 29 -9.92 10.91 -5.73
CA ASN A 29 -11.15 11.23 -6.43
C ASN A 29 -11.88 12.38 -5.74
N MET A 30 -11.97 12.32 -4.42
CA MET A 30 -12.64 13.37 -3.66
C MET A 30 -11.89 14.69 -3.77
N ILE A 31 -10.57 14.64 -3.60
CA ILE A 31 -9.75 15.84 -3.69
C ILE A 31 -9.96 16.55 -5.04
N GLN A 32 -9.95 15.77 -6.11
CA GLN A 32 -10.14 16.32 -7.45
C GLN A 32 -11.54 16.92 -7.60
N THR A 33 -12.53 16.23 -7.03
CA THR A 33 -13.91 16.69 -7.11
C THR A 33 -14.07 18.06 -6.45
N TYR A 34 -13.49 18.22 -5.26
CA TYR A 34 -13.57 19.47 -4.53
C TYR A 34 -12.83 20.58 -5.26
N SER A 35 -11.64 20.26 -5.77
CA SER A 35 -10.83 21.23 -6.50
C SER A 35 -11.50 21.62 -7.81
N ASN A 36 -12.36 20.73 -8.31
CA ASN A 36 -13.05 20.97 -9.58
C ASN A 36 -13.73 22.34 -9.59
N GLY A 37 -14.69 22.54 -8.68
CA GLY A 37 -15.40 23.81 -8.62
C GLY A 37 -16.73 23.73 -7.91
N SER A 38 -17.55 22.75 -8.28
CA SER A 38 -18.86 22.59 -7.68
C SER A 38 -18.76 22.34 -6.17
N THR A 39 -18.27 21.16 -5.80
CA THR A 39 -18.11 20.81 -4.40
C THR A 39 -16.94 21.57 -3.78
N LYS A 40 -17.13 22.10 -2.57
CA LYS A 40 -16.08 22.85 -1.90
C LYS A 40 -16.15 22.67 -0.37
N ASP A 41 -16.43 21.45 0.07
CA ASP A 41 -16.51 21.17 1.51
C ASP A 41 -15.12 21.28 2.13
N ARG A 42 -14.97 22.19 3.08
CA ARG A 42 -13.69 22.41 3.75
C ARG A 42 -13.37 21.28 4.73
N LYS A 43 -14.36 20.89 5.53
CA LYS A 43 -14.17 19.83 6.51
C LYS A 43 -13.69 18.54 5.85
N LEU A 44 -14.40 18.11 4.82
CA LEU A 44 -14.04 16.88 4.10
C LEU A 44 -12.77 17.06 3.29
N LEU A 45 -12.53 18.28 2.79
CA LEU A 45 -11.33 18.56 2.01
C LEU A 45 -10.08 18.20 2.80
N LEU A 46 -9.99 18.71 4.02
CA LEU A 46 -8.85 18.45 4.89
C LEU A 46 -8.82 16.96 5.24
N THR A 47 -9.99 16.40 5.49
CA THR A 47 -10.12 14.99 5.83
C THR A 47 -9.53 14.11 4.74
N ALA A 48 -9.77 14.50 3.48
CA ALA A 48 -9.27 13.76 2.33
C ALA A 48 -7.75 13.79 2.30
N GLN A 49 -7.17 14.96 2.57
CA GLN A 49 -5.72 15.12 2.57
C GLN A 49 -5.09 14.15 3.56
N GLN A 50 -5.70 14.06 4.75
CA GLN A 50 -5.21 13.18 5.79
C GLN A 50 -5.29 11.72 5.33
N MET A 51 -6.35 11.40 4.60
CA MET A 51 -6.56 10.06 4.08
C MET A 51 -5.45 9.67 3.10
N LEU A 52 -5.20 10.55 2.15
CA LEU A 52 -4.18 10.32 1.13
C LEU A 52 -2.80 10.10 1.79
N GLN A 53 -2.47 10.97 2.74
CA GLN A 53 -1.20 10.88 3.44
C GLN A 53 -1.11 9.60 4.27
N ASP A 54 -2.23 9.25 4.92
CA ASP A 54 -2.28 8.05 5.76
C ASP A 54 -1.99 6.80 4.94
N SER A 55 -2.64 6.67 3.80
CA SER A 55 -2.46 5.52 2.92
C SER A 55 -1.00 5.38 2.48
N LYS A 56 -0.41 6.51 2.08
CA LYS A 56 0.97 6.53 1.63
C LYS A 56 1.92 5.99 2.69
N THR A 57 1.68 6.39 3.94
CA THR A 57 2.50 5.95 5.06
C THR A 57 2.46 4.43 5.21
N LYS A 58 1.25 3.88 5.17
CA LYS A 58 1.07 2.44 5.30
C LYS A 58 1.74 1.69 4.17
N ILE A 59 1.59 2.21 2.95
CA ILE A 59 2.20 1.59 1.77
C ILE A 59 3.72 1.54 1.89
N ASP A 60 4.31 2.65 2.34
CA ASP A 60 5.76 2.71 2.49
C ASP A 60 6.25 1.60 3.41
N ILE A 61 5.52 1.38 4.50
CA ILE A 61 5.87 0.34 5.46
C ILE A 61 5.82 -1.04 4.82
N ILE A 62 4.76 -1.28 4.04
CA ILE A 62 4.59 -2.57 3.36
C ILE A 62 5.74 -2.84 2.39
N ARG A 63 6.10 -1.82 1.59
CA ARG A 63 7.18 -1.97 0.62
C ARG A 63 8.45 -2.47 1.29
N MET A 64 8.80 -1.86 2.41
CA MET A 64 9.99 -2.24 3.15
C MET A 64 9.90 -3.71 3.58
N GLN A 65 8.70 -4.12 3.97
CA GLN A 65 8.46 -5.50 4.39
C GLN A 65 8.67 -6.47 3.24
N LEU A 66 8.29 -6.06 2.03
CA LEU A 66 8.43 -6.89 0.85
C LEU A 66 9.89 -7.26 0.62
N ARG A 67 10.74 -6.24 0.61
CA ARG A 67 12.16 -6.42 0.38
C ARG A 67 12.79 -7.30 1.48
N ARG A 68 12.43 -7.00 2.72
CA ARG A 68 12.96 -7.76 3.86
C ARG A 68 12.44 -9.20 3.85
N ALA A 69 11.21 -9.38 3.37
CA ALA A 69 10.60 -10.70 3.31
C ALA A 69 11.33 -11.62 2.34
N LEU A 70 11.74 -11.08 1.20
CA LEU A 70 12.43 -11.84 0.18
C LEU A 70 13.86 -12.18 0.59
N GLN A 71 14.60 -11.19 1.08
CA GLN A 71 15.99 -11.41 1.49
C GLN A 71 16.10 -12.48 2.57
N ALA A 72 15.28 -12.36 3.59
CA ALA A 72 15.29 -13.31 4.70
C ALA A 72 14.88 -14.70 4.24
N ASP A 73 13.84 -14.76 3.41
CA ASP A 73 13.35 -16.04 2.90
C ASP A 73 14.44 -16.74 2.07
N GLN A 74 15.21 -15.94 1.34
CA GLN A 74 16.28 -16.47 0.51
C GLN A 74 17.18 -15.34 0.00
N LEU A 75 18.49 -15.61 -0.03
CA LEU A 75 19.46 -14.62 -0.49
C LEU A 75 20.83 -15.28 -0.67
N GLU A 76 20.84 -16.43 -1.34
CA GLU A 76 22.07 -17.17 -1.58
C GLU A 76 22.93 -16.46 -2.63
N ASN A 77 22.32 -16.13 -3.76
CA ASN A 77 23.03 -15.46 -4.84
C ASN A 77 23.41 -14.02 -4.44
N GLN A 78 24.63 -13.64 -4.76
CA GLN A 78 25.12 -12.29 -4.44
C GLN A 78 24.27 -11.23 -5.10
N ALA A 79 23.99 -10.16 -4.36
CA ALA A 79 23.18 -9.05 -4.87
C ALA A 79 23.77 -8.49 -6.17
N ALA A 80 22.93 -8.37 -7.19
CA ALA A 80 23.37 -7.85 -8.48
C ALA A 80 22.19 -7.72 -9.45
N PRO A 81 21.12 -7.00 -9.06
CA PRO A 81 19.94 -6.81 -9.91
C PRO A 81 20.24 -6.01 -11.16
N GLY A 1 8.01 -32.39 5.67
CA GLY A 1 8.15 -31.29 4.68
C GLY A 1 6.91 -30.42 4.61
N ILE A 2 7.11 -29.10 4.59
CA ILE A 2 6.00 -28.16 4.54
C ILE A 2 5.22 -28.30 3.23
N PRO A 3 3.91 -28.56 3.31
CA PRO A 3 3.06 -28.70 2.13
C PRO A 3 2.77 -27.36 1.47
N ALA A 4 2.43 -26.37 2.29
CA ALA A 4 2.13 -25.04 1.81
C ALA A 4 1.93 -24.07 2.96
N THR A 5 2.63 -22.94 2.90
CA THR A 5 2.56 -21.92 3.94
C THR A 5 3.16 -20.62 3.43
N ASN A 6 4.23 -20.74 2.64
CA ASN A 6 4.91 -19.59 2.08
C ASN A 6 3.96 -18.72 1.25
N LEU A 7 3.07 -19.39 0.52
CA LEU A 7 2.11 -18.68 -0.32
C LEU A 7 1.26 -17.71 0.51
N SER A 8 1.01 -18.08 1.77
CA SER A 8 0.23 -17.24 2.67
C SER A 8 0.88 -15.87 2.84
N ARG A 9 2.19 -15.86 3.00
CA ARG A 9 2.93 -14.62 3.18
C ARG A 9 2.74 -13.70 1.98
N VAL A 10 2.88 -14.25 0.77
CA VAL A 10 2.72 -13.49 -0.45
C VAL A 10 1.29 -12.96 -0.58
N ALA A 11 0.33 -13.78 -0.20
CA ALA A 11 -1.07 -13.40 -0.28
C ALA A 11 -1.37 -12.19 0.61
N GLY A 12 -0.80 -12.20 1.81
CA GLY A 12 -1.01 -11.10 2.74
C GLY A 12 -0.43 -9.79 2.23
N LEU A 13 0.80 -9.83 1.75
CA LEU A 13 1.45 -8.64 1.23
C LEU A 13 0.77 -8.14 -0.03
N GLU A 14 0.39 -9.07 -0.90
CA GLU A 14 -0.26 -8.74 -2.16
C GLU A 14 -1.60 -8.04 -1.93
N LYS A 15 -2.43 -8.61 -1.06
CA LYS A 15 -3.74 -8.03 -0.78
C LYS A 15 -3.62 -6.61 -0.23
N GLN A 16 -2.63 -6.41 0.65
CA GLN A 16 -2.41 -5.09 1.25
C GLN A 16 -2.14 -4.05 0.17
N LEU A 17 -1.30 -4.39 -0.80
CA LEU A 17 -0.97 -3.49 -1.88
C LEU A 17 -2.21 -3.10 -2.67
N ALA A 18 -3.07 -4.08 -2.93
CA ALA A 18 -4.30 -3.86 -3.67
C ALA A 18 -5.21 -2.87 -2.93
N ILE A 19 -5.34 -3.05 -1.62
CA ILE A 19 -6.17 -2.17 -0.81
C ILE A 19 -5.64 -0.75 -0.82
N GLU A 20 -4.33 -0.60 -0.71
CA GLU A 20 -3.69 0.71 -0.71
C GLU A 20 -3.99 1.47 -1.99
N LEU A 21 -3.86 0.80 -3.13
CA LEU A 21 -4.12 1.42 -4.42
C LEU A 21 -5.54 1.94 -4.50
N LYS A 22 -6.49 1.17 -3.98
CA LYS A 22 -7.90 1.56 -4.01
C LYS A 22 -8.13 2.80 -3.14
N VAL A 23 -7.56 2.80 -1.94
CA VAL A 23 -7.72 3.92 -1.01
C VAL A 23 -7.07 5.19 -1.56
N LYS A 24 -5.84 5.05 -2.07
CA LYS A 24 -5.11 6.19 -2.61
C LYS A 24 -5.81 6.76 -3.84
N GLN A 25 -6.22 5.88 -4.75
CA GLN A 25 -6.91 6.31 -5.96
C GLN A 25 -8.21 7.02 -5.62
N GLY A 26 -8.97 6.45 -4.69
CA GLY A 26 -10.22 7.04 -4.28
C GLY A 26 -10.02 8.37 -3.57
N ALA A 27 -8.94 8.48 -2.81
CA ALA A 27 -8.63 9.70 -2.08
C ALA A 27 -8.30 10.83 -3.04
N GLU A 28 -7.50 10.51 -4.05
CA GLU A 28 -7.11 11.49 -5.06
C GLU A 28 -8.32 12.03 -5.80
N ASN A 29 -9.26 11.13 -6.12
CA ASN A 29 -10.47 11.52 -6.83
C ASN A 29 -11.25 12.57 -6.03
N MET A 30 -11.40 12.32 -4.73
CA MET A 30 -12.12 13.24 -3.86
C MET A 30 -11.40 14.59 -3.77
N ILE A 31 -10.08 14.54 -3.57
CA ILE A 31 -9.29 15.76 -3.48
C ILE A 31 -9.52 16.67 -4.69
N GLN A 32 -9.47 16.07 -5.87
CA GLN A 32 -9.68 16.81 -7.11
C GLN A 32 -11.11 17.29 -7.23
N THR A 33 -12.05 16.47 -6.74
CA THR A 33 -13.46 16.81 -6.81
C THR A 33 -13.77 18.12 -6.09
N TYR A 34 -13.35 18.24 -4.83
CA TYR A 34 -13.60 19.45 -4.05
C TYR A 34 -12.70 20.60 -4.50
N SER A 35 -11.41 20.32 -4.65
CA SER A 35 -10.45 21.33 -5.05
C SER A 35 -10.77 21.89 -6.44
N ASN A 36 -10.77 23.20 -6.56
CA ASN A 36 -11.05 23.88 -7.82
C ASN A 36 -12.39 23.44 -8.41
N GLY A 37 -13.41 23.37 -7.57
CA GLY A 37 -14.73 22.97 -8.04
C GLY A 37 -15.74 22.80 -6.92
N SER A 38 -16.89 23.44 -7.06
CA SER A 38 -17.96 23.34 -6.06
C SER A 38 -18.56 21.95 -6.07
N THR A 39 -18.88 21.44 -4.88
CA THR A 39 -19.47 20.10 -4.77
C THR A 39 -19.98 19.84 -3.35
N LYS A 40 -19.21 20.24 -2.35
CA LYS A 40 -19.60 20.04 -0.97
C LYS A 40 -18.66 20.80 -0.03
N ASP A 41 -18.92 20.68 1.28
CA ASP A 41 -18.11 21.36 2.29
C ASP A 41 -16.62 21.03 2.14
N ARG A 42 -15.80 22.04 2.39
CA ARG A 42 -14.34 21.89 2.30
C ARG A 42 -13.83 20.92 3.36
N LYS A 43 -14.61 20.71 4.41
CA LYS A 43 -14.22 19.82 5.49
C LYS A 43 -13.86 18.43 4.95
N LEU A 44 -14.65 17.95 4.00
CA LEU A 44 -14.39 16.65 3.39
C LEU A 44 -13.08 16.66 2.62
N LEU A 45 -12.83 17.76 1.91
CA LEU A 45 -11.60 17.89 1.14
C LEU A 45 -10.37 17.72 2.03
N LEU A 46 -10.41 18.36 3.20
CA LEU A 46 -9.31 18.27 4.15
C LEU A 46 -9.12 16.82 4.59
N THR A 47 -10.22 16.13 4.83
CA THR A 47 -10.19 14.74 5.24
C THR A 47 -9.48 13.88 4.20
N ALA A 48 -9.80 14.14 2.93
CA ALA A 48 -9.19 13.40 1.83
C ALA A 48 -7.67 13.58 1.84
N GLN A 49 -7.23 14.79 2.15
CA GLN A 49 -5.80 15.09 2.20
C GLN A 49 -5.11 14.20 3.23
N GLN A 50 -5.72 14.09 4.40
CA GLN A 50 -5.18 13.26 5.47
C GLN A 50 -5.19 11.79 5.07
N MET A 51 -6.27 11.38 4.40
CA MET A 51 -6.41 10.00 3.95
C MET A 51 -5.28 9.60 3.03
N LEU A 52 -4.99 10.44 2.04
CA LEU A 52 -3.94 10.18 1.08
C LEU A 52 -2.59 10.01 1.76
N GLN A 53 -2.29 10.92 2.69
CA GLN A 53 -1.02 10.87 3.42
C GLN A 53 -0.92 9.60 4.27
N ASP A 54 -2.01 9.27 4.96
CA ASP A 54 -2.05 8.09 5.82
C ASP A 54 -1.82 6.81 5.01
N SER A 55 -2.51 6.71 3.88
CA SER A 55 -2.38 5.53 3.02
C SER A 55 -0.95 5.37 2.54
N LYS A 56 -0.35 6.46 2.09
CA LYS A 56 1.02 6.44 1.59
C LYS A 56 1.98 5.98 2.67
N THR A 57 1.74 6.40 3.91
CA THR A 57 2.59 6.03 5.03
C THR A 57 2.63 4.52 5.19
N LYS A 58 1.47 3.88 5.17
CA LYS A 58 1.38 2.43 5.32
C LYS A 58 2.08 1.73 4.15
N ILE A 59 1.89 2.27 2.95
CA ILE A 59 2.50 1.69 1.76
C ILE A 59 4.02 1.67 1.86
N ASP A 60 4.58 2.75 2.40
CA ASP A 60 6.03 2.86 2.56
C ASP A 60 6.55 1.76 3.48
N ILE A 61 5.88 1.58 4.62
CA ILE A 61 6.27 0.56 5.59
C ILE A 61 6.15 -0.83 4.99
N ILE A 62 5.02 -1.11 4.37
CA ILE A 62 4.79 -2.41 3.76
C ILE A 62 5.82 -2.67 2.66
N ARG A 63 6.13 -1.64 1.89
CA ARG A 63 7.11 -1.74 0.82
C ARG A 63 8.42 -2.31 1.34
N MET A 64 8.86 -1.78 2.48
CA MET A 64 10.10 -2.25 3.10
C MET A 64 9.99 -3.73 3.46
N GLN A 65 8.81 -4.12 3.95
CA GLN A 65 8.56 -5.50 4.33
C GLN A 65 8.68 -6.44 3.14
N LEU A 66 8.13 -6.02 2.00
CA LEU A 66 8.17 -6.82 0.78
C LEU A 66 9.60 -7.12 0.38
N ARG A 67 10.40 -6.06 0.31
CA ARG A 67 11.80 -6.18 -0.07
C ARG A 67 12.53 -7.14 0.88
N ARG A 68 12.24 -7.01 2.17
CA ARG A 68 12.85 -7.87 3.18
C ARG A 68 12.49 -9.34 2.98
N ALA A 69 11.24 -9.58 2.57
CA ALA A 69 10.76 -10.95 2.35
C ALA A 69 11.54 -11.64 1.26
N LEU A 70 11.75 -10.95 0.14
CA LEU A 70 12.49 -11.52 -0.99
C LEU A 70 13.95 -11.77 -0.63
N GLN A 71 14.56 -10.82 0.07
CA GLN A 71 15.95 -10.94 0.46
C GLN A 71 16.19 -12.15 1.37
N ALA A 72 15.30 -12.35 2.33
CA ALA A 72 15.42 -13.47 3.26
C ALA A 72 15.25 -14.81 2.56
N ASP A 73 14.17 -14.97 1.81
CA ASP A 73 13.90 -16.22 1.10
C ASP A 73 14.95 -16.49 0.03
N GLN A 74 15.29 -15.46 -0.74
CA GLN A 74 16.27 -15.59 -1.81
C GLN A 74 17.69 -15.55 -1.24
N LEU A 75 17.91 -16.24 -0.14
CA LEU A 75 19.23 -16.28 0.51
C LEU A 75 19.21 -17.26 1.67
N GLU A 76 20.10 -18.26 1.61
CA GLU A 76 20.21 -19.27 2.66
C GLU A 76 18.88 -20.01 2.86
N ASN A 77 18.90 -21.31 2.57
CA ASN A 77 17.70 -22.13 2.72
C ASN A 77 17.42 -22.41 4.19
N GLN A 78 16.18 -22.20 4.60
CA GLN A 78 15.78 -22.43 5.99
C GLN A 78 15.91 -23.91 6.34
N ALA A 79 16.40 -24.20 7.55
CA ALA A 79 16.58 -25.57 8.00
C ALA A 79 15.26 -26.33 7.93
N ALA A 80 15.33 -27.57 7.44
CA ALA A 80 14.14 -28.41 7.31
C ALA A 80 14.51 -29.86 7.01
N PRO A 81 13.85 -30.82 7.67
CA PRO A 81 14.12 -32.24 7.47
C PRO A 81 13.88 -32.68 6.03
N GLY A 1 9.52 -28.84 -4.05
CA GLY A 1 10.58 -29.05 -3.02
C GLY A 1 10.50 -28.03 -1.89
N ILE A 2 9.29 -27.79 -1.40
CA ILE A 2 9.08 -26.84 -0.32
C ILE A 2 7.63 -26.86 0.15
N PRO A 3 7.40 -27.09 1.46
CA PRO A 3 6.04 -27.13 2.04
C PRO A 3 5.34 -25.78 1.91
N ALA A 4 4.04 -25.83 1.64
CA ALA A 4 3.26 -24.60 1.50
C ALA A 4 3.40 -23.71 2.72
N THR A 5 3.91 -22.49 2.50
CA THR A 5 4.11 -21.52 3.57
C THR A 5 4.41 -20.14 3.00
N ASN A 6 5.32 -20.10 2.03
CA ASN A 6 5.71 -18.85 1.40
C ASN A 6 4.51 -18.20 0.70
N LEU A 7 3.66 -19.04 0.10
CA LEU A 7 2.48 -18.55 -0.60
C LEU A 7 1.63 -17.66 0.30
N SER A 8 1.52 -18.04 1.57
CA SER A 8 0.74 -17.27 2.52
C SER A 8 1.31 -15.86 2.69
N ARG A 9 2.63 -15.78 2.80
CA ARG A 9 3.29 -14.49 2.96
C ARG A 9 3.14 -13.63 1.71
N VAL A 10 3.37 -14.24 0.55
CA VAL A 10 3.27 -13.53 -0.72
C VAL A 10 1.88 -12.96 -0.93
N ALA A 11 0.86 -13.80 -0.75
CA ALA A 11 -0.53 -13.39 -0.93
C ALA A 11 -0.88 -12.24 0.02
N GLY A 12 -0.39 -12.33 1.25
CA GLY A 12 -0.66 -11.29 2.23
C GLY A 12 -0.13 -9.93 1.79
N LEU A 13 1.09 -9.92 1.28
CA LEU A 13 1.72 -8.69 0.82
C LEU A 13 1.00 -8.13 -0.40
N GLU A 14 0.65 -9.02 -1.32
CA GLU A 14 -0.04 -8.62 -2.55
C GLU A 14 -1.41 -8.01 -2.26
N LYS A 15 -2.21 -8.67 -1.43
CA LYS A 15 -3.54 -8.18 -1.10
C LYS A 15 -3.47 -6.80 -0.46
N GLN A 16 -2.49 -6.60 0.41
CA GLN A 16 -2.32 -5.30 1.08
C GLN A 16 -2.12 -4.19 0.06
N LEU A 17 -1.29 -4.45 -0.94
CA LEU A 17 -1.01 -3.47 -1.99
C LEU A 17 -2.27 -3.10 -2.74
N ALA A 18 -3.07 -4.11 -3.09
CA ALA A 18 -4.31 -3.90 -3.82
C ALA A 18 -5.28 -3.04 -3.02
N ILE A 19 -5.43 -3.35 -1.74
CA ILE A 19 -6.32 -2.61 -0.85
C ILE A 19 -5.92 -1.13 -0.79
N GLU A 20 -4.62 -0.88 -0.70
CA GLU A 20 -4.11 0.49 -0.63
C GLU A 20 -4.45 1.27 -1.89
N LEU A 21 -4.30 0.62 -3.04
CA LEU A 21 -4.59 1.26 -4.32
C LEU A 21 -6.04 1.72 -4.41
N LYS A 22 -6.96 0.90 -3.90
CA LYS A 22 -8.38 1.23 -3.93
C LYS A 22 -8.68 2.47 -3.09
N VAL A 23 -8.17 2.50 -1.87
CA VAL A 23 -8.39 3.63 -0.97
C VAL A 23 -7.69 4.90 -1.48
N LYS A 24 -6.42 4.75 -1.85
CA LYS A 24 -5.63 5.87 -2.35
C LYS A 24 -6.26 6.49 -3.59
N GLN A 25 -6.67 5.64 -4.52
CA GLN A 25 -7.29 6.12 -5.75
C GLN A 25 -8.60 6.85 -5.45
N GLY A 26 -9.41 6.25 -4.58
CA GLY A 26 -10.68 6.87 -4.21
C GLY A 26 -10.48 8.21 -3.55
N ALA A 27 -9.40 8.34 -2.78
CA ALA A 27 -9.08 9.58 -2.10
C ALA A 27 -8.76 10.66 -3.11
N GLU A 28 -8.02 10.28 -4.15
CA GLU A 28 -7.64 11.22 -5.20
C GLU A 28 -8.87 11.80 -5.87
N ASN A 29 -9.85 10.94 -6.14
CA ASN A 29 -11.09 11.36 -6.77
C ASN A 29 -11.80 12.42 -5.94
N MET A 30 -11.89 12.18 -4.63
CA MET A 30 -12.54 13.10 -3.71
C MET A 30 -11.75 14.40 -3.58
N ILE A 31 -10.44 14.27 -3.44
CA ILE A 31 -9.57 15.44 -3.30
C ILE A 31 -9.62 16.35 -4.52
N GLN A 32 -9.54 15.75 -5.71
CA GLN A 32 -9.59 16.52 -6.95
C GLN A 32 -10.94 17.20 -7.13
N THR A 33 -12.01 16.46 -6.84
CA THR A 33 -13.36 16.99 -6.98
C THR A 33 -13.60 18.17 -6.03
N TYR A 34 -13.24 17.99 -4.77
CA TYR A 34 -13.43 19.02 -3.75
C TYR A 34 -12.50 20.21 -3.97
N SER A 35 -11.26 19.94 -4.35
CA SER A 35 -10.27 20.99 -4.57
C SER A 35 -10.78 22.02 -5.58
N ASN A 36 -11.52 21.56 -6.59
CA ASN A 36 -12.05 22.46 -7.60
C ASN A 36 -13.25 21.83 -8.31
N GLY A 37 -14.32 22.62 -8.45
CA GLY A 37 -15.52 22.14 -9.10
C GLY A 37 -16.77 22.50 -8.33
N SER A 38 -17.74 21.58 -8.30
CA SER A 38 -18.97 21.81 -7.57
C SER A 38 -18.72 21.76 -6.06
N THR A 39 -18.07 20.70 -5.63
CA THR A 39 -17.74 20.51 -4.22
C THR A 39 -16.46 21.27 -3.86
N LYS A 40 -16.43 21.85 -2.66
CA LYS A 40 -15.26 22.60 -2.21
C LYS A 40 -15.33 22.88 -0.71
N ASP A 41 -15.82 21.91 0.05
CA ASP A 41 -15.91 22.05 1.50
C ASP A 41 -14.52 21.98 2.12
N ARG A 42 -14.21 22.94 2.99
CA ARG A 42 -12.90 22.98 3.64
C ARG A 42 -12.71 21.82 4.62
N LYS A 43 -13.70 21.61 5.48
CA LYS A 43 -13.63 20.52 6.46
C LYS A 43 -13.48 19.18 5.75
N LEU A 44 -14.35 18.94 4.78
CA LEU A 44 -14.30 17.69 4.02
C LEU A 44 -12.99 17.58 3.25
N LEU A 45 -12.49 18.72 2.77
CA LEU A 45 -11.24 18.75 2.02
C LEU A 45 -10.13 18.10 2.84
N LEU A 46 -9.91 18.64 4.04
CA LEU A 46 -8.88 18.11 4.93
C LEU A 46 -9.09 16.62 5.18
N THR A 47 -10.35 16.22 5.27
CA THR A 47 -10.69 14.82 5.51
C THR A 47 -10.11 13.91 4.42
N ALA A 48 -10.34 14.26 3.17
CA ALA A 48 -9.83 13.49 2.04
C ALA A 48 -8.30 13.49 2.03
N GLN A 49 -7.73 14.66 2.30
CA GLN A 49 -6.28 14.82 2.33
C GLN A 49 -5.66 13.84 3.33
N GLN A 50 -6.26 13.76 4.51
CA GLN A 50 -5.79 12.86 5.55
C GLN A 50 -5.89 11.41 5.08
N MET A 51 -6.96 11.11 4.35
CA MET A 51 -7.19 9.77 3.84
C MET A 51 -6.07 9.33 2.91
N LEU A 52 -5.75 10.17 1.93
CA LEU A 52 -4.71 9.85 0.96
C LEU A 52 -3.35 9.75 1.65
N GLN A 53 -3.04 10.73 2.49
CA GLN A 53 -1.78 10.76 3.21
C GLN A 53 -1.57 9.48 4.03
N ASP A 54 -2.63 9.07 4.72
CA ASP A 54 -2.56 7.86 5.54
C ASP A 54 -2.28 6.63 4.69
N SER A 55 -2.93 6.55 3.53
CA SER A 55 -2.76 5.42 2.62
C SER A 55 -1.30 5.29 2.18
N LYS A 56 -0.71 6.40 1.75
CA LYS A 56 0.68 6.41 1.29
C LYS A 56 1.62 5.88 2.37
N THR A 57 1.48 6.42 3.58
CA THR A 57 2.31 6.02 4.71
C THR A 57 2.26 4.51 4.93
N LYS A 58 1.05 3.96 4.94
CA LYS A 58 0.87 2.52 5.14
C LYS A 58 1.59 1.73 4.06
N ILE A 59 1.50 2.22 2.83
CA ILE A 59 2.14 1.56 1.69
C ILE A 59 3.66 1.56 1.85
N ASP A 60 4.20 2.66 2.37
CA ASP A 60 5.64 2.78 2.57
C ASP A 60 6.14 1.66 3.48
N ILE A 61 5.44 1.45 4.59
CA ILE A 61 5.80 0.39 5.53
C ILE A 61 5.73 -0.96 4.85
N ILE A 62 4.70 -1.15 4.03
CA ILE A 62 4.51 -2.40 3.30
C ILE A 62 5.72 -2.73 2.45
N ARG A 63 6.10 -1.79 1.58
CA ARG A 63 7.24 -1.98 0.69
C ARG A 63 8.48 -2.41 1.48
N MET A 64 8.67 -1.83 2.66
CA MET A 64 9.81 -2.18 3.49
C MET A 64 9.75 -3.66 3.87
N GLN A 65 8.55 -4.15 4.14
CA GLN A 65 8.36 -5.55 4.51
C GLN A 65 8.64 -6.47 3.33
N LEU A 66 8.16 -6.09 2.15
CA LEU A 66 8.37 -6.88 0.94
C LEU A 66 9.84 -7.00 0.59
N ARG A 67 10.54 -5.85 0.57
CA ARG A 67 11.97 -5.85 0.24
C ARG A 67 12.74 -6.67 1.26
N ARG A 68 12.32 -6.63 2.52
CA ARG A 68 12.96 -7.39 3.57
C ARG A 68 12.80 -8.88 3.33
N ALA A 69 11.59 -9.26 2.92
CA ALA A 69 11.28 -10.66 2.65
C ALA A 69 12.12 -11.18 1.50
N LEU A 70 12.35 -10.32 0.50
CA LEU A 70 13.15 -10.68 -0.66
C LEU A 70 14.62 -10.88 -0.28
N GLN A 71 15.16 -9.94 0.46
CA GLN A 71 16.55 -10.02 0.89
C GLN A 71 16.80 -11.28 1.70
N ALA A 72 15.86 -11.59 2.60
CA ALA A 72 15.96 -12.77 3.44
C ALA A 72 15.81 -14.04 2.59
N ASP A 73 14.94 -13.99 1.59
CA ASP A 73 14.70 -15.13 0.72
C ASP A 73 16.01 -15.58 0.08
N GLN A 74 16.70 -14.65 -0.57
CA GLN A 74 17.98 -14.96 -1.20
C GLN A 74 19.02 -15.30 -0.15
N LEU A 75 18.84 -14.71 1.04
CA LEU A 75 19.75 -14.93 2.16
C LEU A 75 19.66 -16.37 2.68
N GLU A 76 20.20 -17.31 1.92
CA GLU A 76 20.18 -18.73 2.28
C GLU A 76 18.83 -19.14 2.87
N ASN A 77 18.87 -20.07 3.84
CA ASN A 77 17.65 -20.54 4.50
C ASN A 77 17.97 -21.48 5.65
N GLN A 78 18.90 -22.41 5.42
CA GLN A 78 19.28 -23.37 6.45
C GLN A 78 20.09 -22.68 7.55
N ALA A 79 19.80 -23.03 8.79
CA ALA A 79 20.49 -22.46 9.94
C ALA A 79 21.99 -22.76 9.88
N ALA A 80 22.80 -21.73 10.11
CA ALA A 80 24.26 -21.86 10.09
C ALA A 80 24.77 -22.26 8.69
N PRO A 81 25.81 -21.57 8.20
CA PRO A 81 26.39 -21.85 6.88
C PRO A 81 26.87 -23.29 6.75
N GLY A 1 -0.97 -21.28 2.57
CA GLY A 1 -0.48 -22.69 2.45
C GLY A 1 1.02 -22.80 2.54
N ILE A 2 1.49 -23.77 3.32
CA ILE A 2 2.93 -23.98 3.50
C ILE A 2 3.62 -24.29 2.17
N PRO A 3 3.07 -25.20 1.34
CA PRO A 3 3.66 -25.56 0.04
C PRO A 3 3.87 -24.33 -0.85
N ALA A 4 4.83 -24.44 -1.77
CA ALA A 4 5.15 -23.35 -2.69
C ALA A 4 5.78 -22.16 -1.94
N THR A 5 6.77 -22.47 -1.10
CA THR A 5 7.48 -21.44 -0.33
C THR A 5 6.52 -20.50 0.38
N ASN A 6 5.50 -21.07 1.02
CA ASN A 6 4.52 -20.27 1.76
C ASN A 6 3.89 -19.21 0.86
N LEU A 7 3.26 -19.66 -0.22
CA LEU A 7 2.60 -18.75 -1.17
C LEU A 7 1.62 -17.83 -0.46
N SER A 8 1.13 -18.27 0.70
CA SER A 8 0.18 -17.49 1.48
C SER A 8 0.74 -16.10 1.81
N ARG A 9 1.98 -16.07 2.27
CA ARG A 9 2.63 -14.81 2.62
C ARG A 9 2.71 -13.89 1.42
N VAL A 10 3.11 -14.44 0.27
CA VAL A 10 3.23 -13.67 -0.95
C VAL A 10 1.89 -13.04 -1.35
N ALA A 11 0.83 -13.83 -1.25
CA ALA A 11 -0.51 -13.35 -1.59
C ALA A 11 -0.93 -12.21 -0.67
N GLY A 12 -0.62 -12.35 0.61
CA GLY A 12 -0.98 -11.32 1.57
C GLY A 12 -0.33 -9.98 1.27
N LEU A 13 0.93 -10.02 0.85
CA LEU A 13 1.66 -8.80 0.53
C LEU A 13 1.13 -8.14 -0.74
N GLU A 14 0.78 -8.97 -1.72
CA GLU A 14 0.27 -8.45 -2.99
C GLU A 14 -1.10 -7.80 -2.78
N LYS A 15 -1.98 -8.51 -2.08
CA LYS A 15 -3.32 -8.02 -1.82
C LYS A 15 -3.28 -6.76 -0.95
N GLN A 16 -2.41 -6.75 0.05
CA GLN A 16 -2.29 -5.60 0.94
C GLN A 16 -1.89 -4.38 0.15
N LEU A 17 -0.94 -4.55 -0.75
CA LEU A 17 -0.48 -3.46 -1.60
C LEU A 17 -1.69 -2.85 -2.30
N ALA A 18 -2.57 -3.72 -2.77
CA ALA A 18 -3.79 -3.29 -3.45
C ALA A 18 -4.70 -2.52 -2.49
N ILE A 19 -4.74 -2.96 -1.23
CA ILE A 19 -5.57 -2.32 -0.22
C ILE A 19 -5.27 -0.82 -0.15
N GLU A 20 -3.98 -0.49 -0.07
CA GLU A 20 -3.55 0.89 -0.01
C GLU A 20 -3.95 1.67 -1.25
N LEU A 21 -3.72 1.08 -2.42
CA LEU A 21 -4.07 1.73 -3.68
C LEU A 21 -5.55 2.11 -3.72
N LYS A 22 -6.40 1.24 -3.19
CA LYS A 22 -7.84 1.50 -3.17
C LYS A 22 -8.17 2.74 -2.35
N VAL A 23 -7.67 2.78 -1.12
CA VAL A 23 -7.91 3.91 -0.22
C VAL A 23 -7.30 5.20 -0.78
N LYS A 24 -6.06 5.09 -1.25
CA LYS A 24 -5.34 6.23 -1.81
C LYS A 24 -6.09 6.83 -2.99
N GLN A 25 -6.56 5.97 -3.88
CA GLN A 25 -7.29 6.41 -5.06
C GLN A 25 -8.58 7.13 -4.66
N GLY A 26 -9.27 6.58 -3.67
CA GLY A 26 -10.51 7.17 -3.21
C GLY A 26 -10.33 8.59 -2.70
N ALA A 27 -9.23 8.81 -1.97
CA ALA A 27 -8.93 10.13 -1.43
C ALA A 27 -8.61 11.10 -2.55
N GLU A 28 -7.82 10.64 -3.51
CA GLU A 28 -7.44 11.47 -4.64
C GLU A 28 -8.67 11.88 -5.44
N ASN A 29 -9.61 10.96 -5.60
CA ASN A 29 -10.84 11.22 -6.33
C ASN A 29 -11.60 12.40 -5.72
N MET A 30 -11.75 12.37 -4.40
CA MET A 30 -12.46 13.44 -3.70
C MET A 30 -11.68 14.75 -3.75
N ILE A 31 -10.36 14.65 -3.54
CA ILE A 31 -9.50 15.85 -3.57
C ILE A 31 -9.69 16.64 -4.86
N GLN A 32 -9.66 15.93 -5.99
CA GLN A 32 -9.82 16.57 -7.29
C GLN A 32 -11.21 17.19 -7.43
N THR A 33 -12.22 16.48 -6.94
CA THR A 33 -13.60 16.97 -7.03
C THR A 33 -13.81 18.25 -6.23
N TYR A 34 -13.31 18.26 -5.00
CA TYR A 34 -13.45 19.42 -4.12
C TYR A 34 -12.69 20.64 -4.65
N SER A 35 -11.48 20.42 -5.14
CA SER A 35 -10.66 21.50 -5.66
C SER A 35 -11.44 22.33 -6.69
N ASN A 36 -12.16 21.64 -7.58
CA ASN A 36 -12.96 22.31 -8.60
C ASN A 36 -13.75 21.31 -9.41
N GLY A 37 -15.07 21.50 -9.48
CA GLY A 37 -15.93 20.61 -10.22
C GLY A 37 -17.40 20.84 -9.94
N SER A 38 -17.78 20.76 -8.67
CA SER A 38 -19.17 20.96 -8.27
C SER A 38 -19.32 20.82 -6.75
N THR A 39 -18.40 21.43 -6.01
CA THR A 39 -18.42 21.37 -4.56
C THR A 39 -17.33 22.26 -3.95
N LYS A 40 -17.50 22.63 -2.69
CA LYS A 40 -16.53 23.47 -2.01
C LYS A 40 -16.48 23.17 -0.52
N ASP A 41 -16.87 21.95 -0.16
CA ASP A 41 -16.86 21.51 1.23
C ASP A 41 -15.43 21.21 1.68
N ARG A 42 -14.63 22.26 1.85
CA ARG A 42 -13.24 22.11 2.25
C ARG A 42 -13.09 21.27 3.52
N LYS A 43 -14.10 21.33 4.39
CA LYS A 43 -14.07 20.56 5.64
C LYS A 43 -13.78 19.09 5.34
N LEU A 44 -14.61 18.49 4.49
CA LEU A 44 -14.45 17.10 4.12
C LEU A 44 -13.13 16.93 3.35
N LEU A 45 -12.74 17.95 2.60
CA LEU A 45 -11.50 17.90 1.85
C LEU A 45 -10.33 17.61 2.77
N LEU A 46 -10.22 18.39 3.84
CA LEU A 46 -9.14 18.21 4.81
C LEU A 46 -9.16 16.79 5.35
N THR A 47 -10.36 16.30 5.66
CA THR A 47 -10.50 14.93 6.16
C THR A 47 -9.89 13.96 5.17
N ALA A 48 -10.14 14.20 3.88
CA ALA A 48 -9.61 13.36 2.81
C ALA A 48 -8.10 13.55 2.70
N GLN A 49 -7.65 14.79 2.89
CA GLN A 49 -6.23 15.12 2.82
C GLN A 49 -5.44 14.25 3.81
N GLN A 50 -5.97 14.12 5.01
CA GLN A 50 -5.32 13.31 6.04
C GLN A 50 -5.33 11.84 5.63
N MET A 51 -6.44 11.41 5.05
CA MET A 51 -6.59 10.03 4.59
C MET A 51 -5.48 9.66 3.61
N LEU A 52 -5.25 10.53 2.63
CA LEU A 52 -4.22 10.29 1.63
C LEU A 52 -2.85 10.15 2.26
N GLN A 53 -2.52 11.06 3.18
CA GLN A 53 -1.23 11.04 3.85
C GLN A 53 -1.02 9.73 4.60
N ASP A 54 -2.02 9.32 5.35
CA ASP A 54 -1.95 8.08 6.12
C ASP A 54 -1.78 6.88 5.19
N SER A 55 -2.50 6.90 4.07
CA SER A 55 -2.43 5.82 3.10
C SER A 55 -1.02 5.65 2.56
N LYS A 56 -0.39 6.77 2.21
CA LYS A 56 0.97 6.76 1.68
C LYS A 56 1.94 6.13 2.68
N THR A 57 1.76 6.46 3.96
CA THR A 57 2.61 5.92 5.01
C THR A 57 2.53 4.40 5.04
N LYS A 58 1.32 3.87 4.94
CA LYS A 58 1.12 2.43 4.94
C LYS A 58 1.80 1.78 3.75
N ILE A 59 1.69 2.43 2.59
CA ILE A 59 2.32 1.93 1.37
C ILE A 59 3.82 1.77 1.54
N ASP A 60 4.44 2.75 2.17
CA ASP A 60 5.89 2.72 2.41
C ASP A 60 6.25 1.53 3.27
N ILE A 61 5.42 1.27 4.29
CA ILE A 61 5.65 0.16 5.20
C ILE A 61 5.58 -1.17 4.47
N ILE A 62 4.59 -1.33 3.60
CA ILE A 62 4.42 -2.56 2.83
C ILE A 62 5.66 -2.85 1.99
N ARG A 63 6.13 -1.83 1.26
CA ARG A 63 7.31 -1.98 0.43
C ARG A 63 8.49 -2.50 1.24
N MET A 64 8.63 -1.99 2.47
CA MET A 64 9.70 -2.41 3.36
C MET A 64 9.60 -3.90 3.64
N GLN A 65 8.39 -4.36 3.96
CA GLN A 65 8.16 -5.78 4.25
C GLN A 65 8.55 -6.65 3.07
N LEU A 66 8.19 -6.20 1.86
CA LEU A 66 8.50 -6.94 0.65
C LEU A 66 10.00 -7.09 0.46
N ARG A 67 10.75 -6.02 0.73
CA ARG A 67 12.21 -6.04 0.60
C ARG A 67 12.81 -7.14 1.47
N ARG A 68 12.45 -7.15 2.75
CA ARG A 68 12.96 -8.14 3.69
C ARG A 68 12.47 -9.53 3.31
N ALA A 69 11.23 -9.61 2.85
CA ALA A 69 10.63 -10.89 2.45
C ALA A 69 11.44 -11.54 1.35
N LEU A 70 11.88 -10.74 0.38
CA LEU A 70 12.67 -11.24 -0.74
C LEU A 70 14.00 -11.78 -0.25
N GLN A 71 14.65 -11.02 0.65
CA GLN A 71 15.94 -11.41 1.20
C GLN A 71 15.85 -12.75 1.94
N ALA A 72 14.80 -12.90 2.76
CA ALA A 72 14.61 -14.12 3.53
C ALA A 72 14.42 -15.33 2.61
N ASP A 73 13.56 -15.17 1.61
CA ASP A 73 13.28 -16.25 0.66
C ASP A 73 14.53 -16.63 -0.12
N GLN A 74 15.27 -15.61 -0.57
CA GLN A 74 16.49 -15.82 -1.35
C GLN A 74 17.66 -16.19 -0.44
N LEU A 75 17.40 -17.07 0.53
CA LEU A 75 18.46 -17.51 1.45
C LEU A 75 17.93 -18.63 2.36
N GLU A 76 18.67 -19.73 2.41
CA GLU A 76 18.29 -20.88 3.22
C GLU A 76 19.53 -21.69 3.62
N ASN A 77 19.39 -23.01 3.68
CA ASN A 77 20.50 -23.88 4.05
C ASN A 77 21.55 -23.90 2.95
N GLN A 78 22.82 -23.86 3.34
CA GLN A 78 23.92 -23.88 2.38
C GLN A 78 23.87 -25.14 1.52
N ALA A 79 24.12 -24.98 0.23
CA ALA A 79 24.10 -26.09 -0.71
C ALA A 79 25.15 -27.13 -0.33
N ALA A 80 24.74 -28.40 -0.33
CA ALA A 80 25.65 -29.49 0.00
C ALA A 80 26.77 -29.61 -1.02
N PRO A 81 28.02 -29.84 -0.55
CA PRO A 81 29.17 -29.98 -1.44
C PRO A 81 29.05 -31.16 -2.40
N GLY A 1 15.03 -20.34 -1.24
CA GLY A 1 14.59 -21.30 -2.30
C GLY A 1 13.12 -21.64 -2.20
N ILE A 2 12.29 -20.61 -1.99
CA ILE A 2 10.84 -20.77 -1.88
C ILE A 2 10.45 -22.05 -1.12
N PRO A 3 10.95 -22.21 0.12
CA PRO A 3 10.65 -23.40 0.94
C PRO A 3 9.17 -23.48 1.32
N ALA A 4 8.89 -23.93 2.54
CA ALA A 4 7.52 -24.05 3.01
C ALA A 4 6.87 -22.68 3.18
N THR A 5 7.50 -21.83 3.99
CA THR A 5 6.98 -20.48 4.23
C THR A 5 7.32 -19.55 3.07
N ASN A 6 6.29 -19.04 2.40
CA ASN A 6 6.48 -18.13 1.27
C ASN A 6 5.13 -17.75 0.65
N LEU A 7 4.30 -18.75 0.39
CA LEU A 7 3.00 -18.53 -0.22
C LEU A 7 2.11 -17.65 0.67
N SER A 8 2.09 -17.96 1.96
CA SER A 8 1.28 -17.20 2.91
C SER A 8 1.71 -15.74 2.98
N ARG A 9 3.02 -15.52 3.07
CA ARG A 9 3.56 -14.16 3.16
C ARG A 9 3.26 -13.36 1.89
N VAL A 10 3.48 -13.97 0.74
CA VAL A 10 3.24 -13.30 -0.54
C VAL A 10 1.77 -12.89 -0.70
N ALA A 11 0.87 -13.82 -0.42
CA ALA A 11 -0.55 -13.56 -0.54
C ALA A 11 -1.00 -12.42 0.37
N GLY A 12 -0.51 -12.43 1.60
CA GLY A 12 -0.87 -11.40 2.55
C GLY A 12 -0.37 -10.02 2.15
N LEU A 13 0.90 -9.94 1.79
CA LEU A 13 1.52 -8.68 1.39
C LEU A 13 0.90 -8.16 0.10
N GLU A 14 0.66 -9.06 -0.84
CA GLU A 14 0.10 -8.70 -2.14
C GLU A 14 -1.29 -8.08 -1.99
N LYS A 15 -2.17 -8.75 -1.26
CA LYS A 15 -3.53 -8.26 -1.07
C LYS A 15 -3.53 -6.88 -0.40
N GLN A 16 -2.63 -6.68 0.55
CA GLN A 16 -2.53 -5.41 1.26
C GLN A 16 -2.27 -4.27 0.28
N LEU A 17 -1.35 -4.50 -0.65
CA LEU A 17 -0.99 -3.49 -1.64
C LEU A 17 -2.20 -3.07 -2.47
N ALA A 18 -2.99 -4.06 -2.88
CA ALA A 18 -4.19 -3.80 -3.68
C ALA A 18 -5.17 -2.89 -2.95
N ILE A 19 -5.44 -3.23 -1.69
CA ILE A 19 -6.36 -2.44 -0.86
C ILE A 19 -5.90 -1.00 -0.74
N GLU A 20 -4.61 -0.81 -0.53
CA GLU A 20 -4.05 0.53 -0.39
C GLU A 20 -4.30 1.38 -1.63
N LEU A 21 -4.09 0.77 -2.80
CA LEU A 21 -4.28 1.47 -4.07
C LEU A 21 -5.71 2.00 -4.19
N LYS A 22 -6.67 1.18 -3.81
CA LYS A 22 -8.08 1.56 -3.88
C LYS A 22 -8.36 2.81 -3.04
N VAL A 23 -7.90 2.80 -1.80
CA VAL A 23 -8.12 3.92 -0.89
C VAL A 23 -7.34 5.16 -1.32
N LYS A 24 -6.08 4.98 -1.65
CA LYS A 24 -5.22 6.10 -2.07
C LYS A 24 -5.79 6.79 -3.31
N GLN A 25 -6.13 6.01 -4.32
CA GLN A 25 -6.69 6.54 -5.55
C GLN A 25 -8.02 7.23 -5.29
N GLY A 26 -8.85 6.60 -4.46
CA GLY A 26 -10.14 7.17 -4.13
C GLY A 26 -10.02 8.53 -3.47
N ALA A 27 -9.01 8.66 -2.60
CA ALA A 27 -8.76 9.92 -1.91
C ALA A 27 -8.37 10.99 -2.92
N GLU A 28 -7.56 10.59 -3.89
CA GLU A 28 -7.11 11.51 -4.93
C GLU A 28 -8.31 12.07 -5.69
N ASN A 29 -9.29 11.21 -5.95
CA ASN A 29 -10.51 11.62 -6.65
C ASN A 29 -11.22 12.72 -5.88
N MET A 30 -11.31 12.54 -4.56
CA MET A 30 -11.98 13.52 -3.71
C MET A 30 -11.19 14.82 -3.64
N ILE A 31 -9.87 14.71 -3.56
CA ILE A 31 -9.00 15.89 -3.48
C ILE A 31 -9.14 16.77 -4.72
N GLN A 32 -9.05 16.15 -5.90
CA GLN A 32 -9.15 16.88 -7.16
C GLN A 32 -10.56 17.42 -7.40
N THR A 33 -11.56 16.58 -7.15
CA THR A 33 -12.95 16.97 -7.34
C THR A 33 -13.35 18.10 -6.40
N TYR A 34 -13.01 17.96 -5.13
CA TYR A 34 -13.34 18.96 -4.12
C TYR A 34 -12.45 20.19 -4.23
N SER A 35 -11.66 20.26 -5.29
CA SER A 35 -10.77 21.40 -5.50
C SER A 35 -11.55 22.68 -5.78
N ASN A 36 -12.51 22.60 -6.69
CA ASN A 36 -13.34 23.74 -7.05
C ASN A 36 -14.65 23.29 -7.67
N GLY A 37 -14.56 22.41 -8.66
CA GLY A 37 -15.74 21.90 -9.33
C GLY A 37 -16.62 21.09 -8.40
N SER A 38 -17.94 21.19 -8.59
CA SER A 38 -18.89 20.46 -7.76
C SER A 38 -18.76 20.88 -6.29
N THR A 39 -18.39 19.92 -5.42
CA THR A 39 -18.25 20.21 -4.00
C THR A 39 -17.36 21.42 -3.77
N LYS A 40 -17.87 22.36 -2.97
CA LYS A 40 -17.14 23.59 -2.65
C LYS A 40 -16.53 23.52 -1.26
N ASP A 41 -17.26 22.91 -0.33
CA ASP A 41 -16.81 22.78 1.05
C ASP A 41 -15.43 22.11 1.13
N ARG A 42 -14.43 22.87 1.52
CA ARG A 42 -13.07 22.36 1.65
C ARG A 42 -12.93 21.48 2.89
N LYS A 43 -13.92 21.52 3.77
CA LYS A 43 -13.90 20.73 5.00
C LYS A 43 -13.64 19.27 4.68
N LEU A 44 -14.40 18.73 3.74
CA LEU A 44 -14.23 17.33 3.33
C LEU A 44 -12.89 17.16 2.62
N LEU A 45 -12.49 18.20 1.89
CA LEU A 45 -11.21 18.17 1.18
C LEU A 45 -10.06 17.88 2.13
N LEU A 46 -10.08 18.56 3.28
CA LEU A 46 -9.04 18.37 4.30
C LEU A 46 -9.08 16.94 4.83
N THR A 47 -10.28 16.45 5.12
CA THR A 47 -10.44 15.10 5.65
C THR A 47 -9.88 14.08 4.67
N ALA A 48 -10.17 14.26 3.38
CA ALA A 48 -9.69 13.35 2.35
C ALA A 48 -8.16 13.30 2.34
N GLN A 49 -7.53 14.47 2.49
CA GLN A 49 -6.08 14.55 2.51
C GLN A 49 -5.51 13.70 3.63
N GLN A 50 -6.16 13.77 4.79
CA GLN A 50 -5.74 12.99 5.95
C GLN A 50 -5.78 11.51 5.61
N MET A 51 -6.83 11.11 4.89
CA MET A 51 -7.00 9.73 4.47
C MET A 51 -5.79 9.26 3.67
N LEU A 52 -5.37 10.10 2.73
CA LEU A 52 -4.22 9.79 1.89
C LEU A 52 -2.97 9.54 2.74
N GLN A 53 -2.75 10.40 3.72
CA GLN A 53 -1.58 10.28 4.60
C GLN A 53 -1.56 8.93 5.31
N ASP A 54 -2.72 8.51 5.82
CA ASP A 54 -2.83 7.24 6.53
C ASP A 54 -2.43 6.07 5.63
N SER A 55 -2.97 6.05 4.42
CA SER A 55 -2.69 4.98 3.46
C SER A 55 -1.21 4.97 3.06
N LYS A 56 -0.66 6.14 2.76
CA LYS A 56 0.74 6.25 2.36
C LYS A 56 1.67 5.67 3.42
N THR A 57 1.41 6.00 4.68
CA THR A 57 2.23 5.51 5.78
C THR A 57 2.25 3.98 5.82
N LYS A 58 1.06 3.39 5.78
CA LYS A 58 0.93 1.93 5.81
C LYS A 58 1.67 1.30 4.63
N ILE A 59 1.53 1.91 3.46
CA ILE A 59 2.19 1.41 2.25
C ILE A 59 3.70 1.43 2.41
N ASP A 60 4.21 2.43 3.12
CA ASP A 60 5.65 2.57 3.34
C ASP A 60 6.19 1.37 4.10
N ILE A 61 5.54 1.02 5.21
CA ILE A 61 5.96 -0.12 6.02
C ILE A 61 5.83 -1.41 5.23
N ILE A 62 4.69 -1.61 4.57
CA ILE A 62 4.45 -2.79 3.77
C ILE A 62 5.51 -2.94 2.69
N ARG A 63 5.83 -1.84 2.02
CA ARG A 63 6.82 -1.83 0.96
C ARG A 63 8.13 -2.42 1.46
N MET A 64 8.52 -2.03 2.68
CA MET A 64 9.75 -2.52 3.29
C MET A 64 9.69 -4.04 3.46
N GLN A 65 8.51 -4.54 3.82
CA GLN A 65 8.33 -5.97 4.01
C GLN A 65 8.52 -6.73 2.70
N LEU A 66 7.93 -6.22 1.63
CA LEU A 66 8.04 -6.84 0.31
C LEU A 66 9.49 -6.90 -0.17
N ARG A 67 10.15 -5.75 -0.18
CA ARG A 67 11.55 -5.68 -0.62
C ARG A 67 12.41 -6.62 0.22
N ARG A 68 12.14 -6.68 1.52
CA ARG A 68 12.89 -7.53 2.42
C ARG A 68 12.70 -9.01 2.05
N ALA A 69 11.47 -9.37 1.68
CA ALA A 69 11.16 -10.74 1.30
C ALA A 69 11.96 -11.17 0.08
N LEU A 70 12.03 -10.29 -0.92
CA LEU A 70 12.77 -10.59 -2.14
C LEU A 70 14.26 -10.72 -1.87
N GLN A 71 14.80 -9.83 -1.04
CA GLN A 71 16.22 -9.86 -0.72
C GLN A 71 16.61 -11.18 -0.04
N ALA A 72 15.80 -11.59 0.93
CA ALA A 72 16.07 -12.82 1.67
C ALA A 72 15.92 -14.06 0.78
N ASP A 73 14.82 -14.14 0.05
CA ASP A 73 14.57 -15.28 -0.83
C ASP A 73 15.58 -15.32 -1.98
N GLN A 74 15.62 -14.25 -2.76
CA GLN A 74 16.53 -14.16 -3.90
C GLN A 74 17.97 -14.03 -3.43
N LEU A 75 18.81 -14.98 -3.84
CA LEU A 75 20.22 -14.99 -3.48
C LEU A 75 20.91 -16.20 -4.11
N GLU A 76 21.71 -16.93 -3.33
CA GLU A 76 22.40 -18.11 -3.84
C GLU A 76 23.06 -18.87 -2.69
N ASN A 77 23.73 -18.15 -1.81
CA ASN A 77 24.40 -18.74 -0.65
C ASN A 77 25.05 -17.66 0.21
N GLN A 78 24.77 -17.68 1.50
CA GLN A 78 25.33 -16.70 2.42
C GLN A 78 26.85 -16.84 2.51
N ALA A 79 27.53 -15.70 2.63
CA ALA A 79 28.99 -15.68 2.73
C ALA A 79 29.46 -16.45 3.95
N ALA A 80 30.46 -17.30 3.76
CA ALA A 80 31.02 -18.10 4.85
C ALA A 80 32.27 -18.85 4.40
N PRO A 81 33.31 -18.90 5.25
CA PRO A 81 34.56 -19.60 4.93
C PRO A 81 34.34 -21.10 4.72
N GLY A 1 12.05 -18.56 -8.20
CA GLY A 1 10.87 -19.08 -8.94
C GLY A 1 9.57 -18.84 -8.21
N ILE A 2 8.56 -18.38 -8.93
CA ILE A 2 7.25 -18.10 -8.35
C ILE A 2 6.64 -19.35 -7.73
N PRO A 3 6.60 -20.49 -8.46
CA PRO A 3 6.03 -21.74 -7.95
C PRO A 3 6.79 -22.26 -6.72
N ALA A 4 6.05 -22.80 -5.76
CA ALA A 4 6.64 -23.34 -4.54
C ALA A 4 7.26 -22.23 -3.69
N THR A 5 7.22 -22.41 -2.38
CA THR A 5 7.77 -21.43 -1.44
C THR A 5 6.95 -20.13 -1.47
N ASN A 6 5.64 -20.27 -1.29
CA ASN A 6 4.73 -19.12 -1.30
C ASN A 6 3.34 -19.55 -0.87
N LEU A 7 2.77 -18.81 0.09
CA LEU A 7 1.43 -19.11 0.59
C LEU A 7 0.76 -17.84 1.12
N SER A 8 0.18 -17.93 2.32
CA SER A 8 -0.51 -16.80 2.93
C SER A 8 0.38 -15.56 2.97
N ARG A 9 1.68 -15.77 3.20
CA ARG A 9 2.63 -14.67 3.26
C ARG A 9 2.61 -13.84 1.98
N VAL A 10 2.70 -14.53 0.84
CA VAL A 10 2.69 -13.86 -0.46
C VAL A 10 1.36 -13.17 -0.74
N ALA A 11 0.27 -13.92 -0.61
CA ALA A 11 -1.05 -13.38 -0.86
C ALA A 11 -1.34 -12.16 0.01
N GLY A 12 -0.89 -12.22 1.26
CA GLY A 12 -1.11 -11.11 2.17
C GLY A 12 -0.42 -9.84 1.72
N LEU A 13 0.83 -9.97 1.28
CA LEU A 13 1.59 -8.82 0.82
C LEU A 13 1.00 -8.24 -0.46
N GLU A 14 0.69 -9.12 -1.42
CA GLU A 14 0.13 -8.70 -2.70
C GLU A 14 -1.18 -7.94 -2.51
N LYS A 15 -2.09 -8.49 -1.70
CA LYS A 15 -3.37 -7.84 -1.47
C LYS A 15 -3.18 -6.47 -0.83
N GLN A 16 -2.17 -6.34 0.03
CA GLN A 16 -1.88 -5.07 0.68
C GLN A 16 -1.63 -3.98 -0.35
N LEU A 17 -0.77 -4.26 -1.31
CA LEU A 17 -0.46 -3.30 -2.36
C LEU A 17 -1.71 -2.90 -3.12
N ALA A 18 -2.57 -3.86 -3.36
CA ALA A 18 -3.82 -3.62 -4.08
C ALA A 18 -4.73 -2.67 -3.33
N ILE A 19 -4.91 -2.91 -2.03
CA ILE A 19 -5.77 -2.08 -1.20
C ILE A 19 -5.24 -0.65 -1.08
N GLU A 20 -3.97 -0.53 -0.72
CA GLU A 20 -3.34 0.78 -0.56
C GLU A 20 -3.47 1.64 -1.82
N LEU A 21 -3.20 1.04 -2.97
CA LEU A 21 -3.29 1.77 -4.24
C LEU A 21 -4.74 2.23 -4.50
N LYS A 22 -5.69 1.36 -4.18
CA LYS A 22 -7.10 1.68 -4.38
C LYS A 22 -7.51 2.87 -3.51
N VAL A 23 -7.07 2.85 -2.26
CA VAL A 23 -7.39 3.93 -1.33
C VAL A 23 -6.76 5.24 -1.77
N LYS A 24 -5.49 5.17 -2.20
CA LYS A 24 -4.76 6.35 -2.65
C LYS A 24 -5.46 6.97 -3.86
N GLN A 25 -5.85 6.13 -4.81
CA GLN A 25 -6.52 6.59 -6.01
C GLN A 25 -7.86 7.24 -5.66
N GLY A 26 -8.61 6.57 -4.78
CA GLY A 26 -9.91 7.09 -4.36
C GLY A 26 -9.78 8.44 -3.68
N ALA A 27 -8.71 8.60 -2.90
CA ALA A 27 -8.46 9.86 -2.19
C ALA A 27 -8.22 10.97 -3.20
N GLU A 28 -7.50 10.64 -4.26
CA GLU A 28 -7.19 11.61 -5.30
C GLU A 28 -8.47 12.07 -5.98
N ASN A 29 -9.34 11.13 -6.31
CA ASN A 29 -10.61 11.45 -6.94
C ASN A 29 -11.39 12.43 -6.09
N MET A 30 -11.36 12.22 -4.78
CA MET A 30 -12.05 13.10 -3.84
C MET A 30 -11.51 14.51 -3.93
N ILE A 31 -10.18 14.64 -3.91
CA ILE A 31 -9.53 15.95 -3.98
C ILE A 31 -9.98 16.71 -5.22
N GLN A 32 -9.90 16.05 -6.38
CA GLN A 32 -10.30 16.67 -7.63
C GLN A 32 -11.78 17.06 -7.58
N THR A 33 -12.58 16.22 -6.96
CA THR A 33 -14.02 16.46 -6.84
C THR A 33 -14.27 17.79 -6.12
N TYR A 34 -13.57 18.00 -5.01
CA TYR A 34 -13.72 19.23 -4.23
C TYR A 34 -13.17 20.44 -4.98
N SER A 35 -12.07 20.23 -5.70
CA SER A 35 -11.44 21.31 -6.46
C SER A 35 -12.46 22.02 -7.34
N ASN A 36 -13.22 21.23 -8.10
CA ASN A 36 -14.24 21.78 -8.99
C ASN A 36 -15.42 22.31 -8.18
N GLY A 37 -15.92 23.49 -8.57
CA GLY A 37 -17.04 24.07 -7.86
C GLY A 37 -18.27 23.18 -7.87
N SER A 38 -18.53 22.55 -6.72
CA SER A 38 -19.68 21.66 -6.59
C SER A 38 -19.72 21.05 -5.19
N THR A 39 -18.56 20.65 -4.69
CA THR A 39 -18.45 20.06 -3.37
C THR A 39 -17.10 20.39 -2.74
N LYS A 40 -16.73 21.67 -2.80
CA LYS A 40 -15.45 22.13 -2.25
C LYS A 40 -15.53 22.28 -0.73
N ASP A 41 -16.02 21.25 -0.04
CA ASP A 41 -16.14 21.29 1.40
C ASP A 41 -14.77 21.44 2.05
N ARG A 42 -14.67 22.35 3.00
CA ARG A 42 -13.40 22.60 3.69
C ARG A 42 -13.06 21.48 4.66
N LYS A 43 -13.97 21.17 5.57
CA LYS A 43 -13.76 20.12 6.56
C LYS A 43 -13.62 18.75 5.91
N LEU A 44 -14.54 18.42 5.02
CA LEU A 44 -14.53 17.14 4.33
C LEU A 44 -13.24 16.94 3.55
N LEU A 45 -12.76 18.00 2.90
CA LEU A 45 -11.53 17.92 2.12
C LEU A 45 -10.37 17.55 3.03
N LEU A 46 -10.31 18.16 4.21
CA LEU A 46 -9.25 17.88 5.16
C LEU A 46 -9.21 16.38 5.46
N THR A 47 -10.38 15.79 5.60
CA THR A 47 -10.49 14.36 5.88
C THR A 47 -9.86 13.54 4.75
N ALA A 48 -10.16 13.91 3.52
CA ALA A 48 -9.62 13.21 2.35
C ALA A 48 -8.11 13.39 2.24
N GLN A 49 -7.66 14.63 2.42
CA GLN A 49 -6.23 14.94 2.34
C GLN A 49 -5.44 14.07 3.33
N GLN A 50 -5.97 13.96 4.54
CA GLN A 50 -5.34 13.16 5.57
C GLN A 50 -5.29 11.69 5.14
N MET A 51 -6.36 11.24 4.49
CA MET A 51 -6.45 9.87 4.01
C MET A 51 -5.35 9.56 3.00
N LEU A 52 -5.17 10.48 2.05
CA LEU A 52 -4.16 10.31 1.01
C LEU A 52 -2.77 10.18 1.62
N GLN A 53 -2.45 11.06 2.56
CA GLN A 53 -1.15 11.05 3.23
C GLN A 53 -0.97 9.79 4.07
N ASP A 54 -2.03 9.42 4.80
CA ASP A 54 -1.98 8.24 5.65
C ASP A 54 -1.73 6.98 4.84
N SER A 55 -2.44 6.85 3.72
CA SER A 55 -2.29 5.68 2.85
C SER A 55 -0.85 5.54 2.37
N LYS A 56 -0.25 6.64 1.95
CA LYS A 56 1.12 6.64 1.47
C LYS A 56 2.06 6.09 2.56
N THR A 57 1.83 6.52 3.80
CA THR A 57 2.65 6.07 4.91
C THR A 57 2.56 4.55 5.06
N LYS A 58 1.35 4.03 4.97
CA LYS A 58 1.12 2.60 5.08
C LYS A 58 1.88 1.85 3.99
N ILE A 59 1.84 2.39 2.78
CA ILE A 59 2.51 1.78 1.64
C ILE A 59 4.02 1.64 1.91
N ASP A 60 4.60 2.68 2.52
CA ASP A 60 6.02 2.66 2.83
C ASP A 60 6.35 1.50 3.77
N ILE A 61 5.53 1.33 4.81
CA ILE A 61 5.72 0.26 5.77
C ILE A 61 5.65 -1.10 5.07
N ILE A 62 4.64 -1.26 4.22
CA ILE A 62 4.46 -2.50 3.47
C ILE A 62 5.69 -2.78 2.61
N ARG A 63 6.22 -1.72 2.01
CA ARG A 63 7.40 -1.84 1.15
C ARG A 63 8.55 -2.49 1.92
N MET A 64 8.72 -2.08 3.18
CA MET A 64 9.77 -2.63 4.03
C MET A 64 9.56 -4.12 4.23
N GLN A 65 8.30 -4.51 4.42
CA GLN A 65 7.96 -5.92 4.62
C GLN A 65 8.29 -6.75 3.39
N LEU A 66 7.98 -6.21 2.21
CA LEU A 66 8.23 -6.91 0.95
C LEU A 66 9.72 -7.12 0.71
N ARG A 67 10.51 -6.06 0.82
CA ARG A 67 11.94 -6.15 0.59
C ARG A 67 12.58 -7.17 1.53
N ARG A 68 12.21 -7.14 2.80
CA ARG A 68 12.75 -8.07 3.79
C ARG A 68 12.35 -9.50 3.47
N ALA A 69 11.09 -9.68 3.06
CA ALA A 69 10.58 -11.00 2.71
C ALA A 69 11.35 -11.59 1.54
N LEU A 70 11.57 -10.78 0.52
CA LEU A 70 12.29 -11.21 -0.67
C LEU A 70 13.71 -11.65 -0.31
N GLN A 71 14.38 -10.85 0.51
CA GLN A 71 15.74 -11.16 0.93
C GLN A 71 15.81 -12.51 1.62
N ALA A 72 14.79 -12.83 2.40
CA ALA A 72 14.73 -14.10 3.12
C ALA A 72 14.71 -15.28 2.15
N ASP A 73 13.85 -15.20 1.14
CA ASP A 73 13.72 -16.26 0.16
C ASP A 73 15.01 -16.42 -0.66
N GLN A 74 15.49 -15.32 -1.23
CA GLN A 74 16.71 -15.34 -2.03
C GLN A 74 17.93 -15.56 -1.16
N LEU A 75 18.82 -16.46 -1.59
CA LEU A 75 20.03 -16.77 -0.86
C LEU A 75 20.88 -17.75 -1.66
N GLU A 76 22.16 -17.43 -1.83
CA GLU A 76 23.08 -18.28 -2.58
C GLU A 76 24.51 -17.76 -2.50
N ASN A 77 25.45 -18.66 -2.24
CA ASN A 77 26.86 -18.31 -2.15
C ASN A 77 27.12 -17.36 -0.98
N GLN A 78 28.06 -17.73 -0.12
CA GLN A 78 28.40 -16.92 1.04
C GLN A 78 29.08 -15.62 0.62
N ALA A 79 28.61 -14.50 1.17
CA ALA A 79 29.17 -13.20 0.85
C ALA A 79 30.62 -13.10 1.31
N ALA A 80 31.46 -12.47 0.47
CA ALA A 80 32.87 -12.30 0.79
C ALA A 80 33.58 -13.64 0.95
N PRO A 81 33.62 -14.46 -0.12
CA PRO A 81 34.27 -15.78 -0.09
C PRO A 81 35.74 -15.69 0.25
N GLY A 1 12.43 -23.79 -5.63
CA GLY A 1 12.63 -24.33 -4.25
C GLY A 1 11.63 -23.78 -3.25
N ILE A 2 10.35 -23.76 -3.65
CA ILE A 2 9.30 -23.26 -2.78
C ILE A 2 9.20 -24.08 -1.49
N PRO A 3 9.19 -23.41 -0.32
CA PRO A 3 9.11 -24.11 0.97
C PRO A 3 7.74 -24.73 1.21
N ALA A 4 6.74 -23.88 1.42
CA ALA A 4 5.37 -24.35 1.66
C ALA A 4 4.42 -23.17 1.88
N THR A 5 4.77 -22.33 2.85
CA THR A 5 3.94 -21.17 3.17
C THR A 5 4.23 -19.99 2.24
N ASN A 6 4.56 -20.30 0.99
CA ASN A 6 4.85 -19.27 0.00
C ASN A 6 3.58 -18.60 -0.50
N LEU A 7 2.55 -19.41 -0.74
CA LEU A 7 1.27 -18.92 -1.22
C LEU A 7 0.68 -17.90 -0.24
N SER A 8 0.75 -18.22 1.05
CA SER A 8 0.23 -17.34 2.09
C SER A 8 0.99 -16.03 2.13
N ARG A 9 2.31 -16.12 2.01
CA ARG A 9 3.17 -14.93 2.05
C ARG A 9 2.85 -13.99 0.88
N VAL A 10 2.77 -14.56 -0.32
CA VAL A 10 2.49 -13.77 -1.52
C VAL A 10 1.10 -13.17 -1.49
N ALA A 11 0.09 -14.00 -1.21
CA ALA A 11 -1.29 -13.55 -1.17
C ALA A 11 -1.51 -12.45 -0.12
N GLY A 12 -0.96 -12.66 1.08
CA GLY A 12 -1.12 -11.68 2.13
C GLY A 12 -0.51 -10.34 1.80
N LEU A 13 0.74 -10.35 1.37
CA LEU A 13 1.44 -9.12 1.01
C LEU A 13 0.81 -8.46 -0.22
N GLU A 14 0.39 -9.29 -1.17
CA GLU A 14 -0.22 -8.80 -2.41
C GLU A 14 -1.51 -8.03 -2.14
N LYS A 15 -2.40 -8.62 -1.35
CA LYS A 15 -3.68 -7.98 -1.04
C LYS A 15 -3.46 -6.65 -0.32
N GLN A 16 -2.51 -6.62 0.61
CA GLN A 16 -2.21 -5.40 1.37
C GLN A 16 -1.82 -4.27 0.43
N LEU A 17 -0.98 -4.57 -0.54
CA LEU A 17 -0.52 -3.58 -1.50
C LEU A 17 -1.68 -3.05 -2.34
N ALA A 18 -2.62 -3.93 -2.65
CA ALA A 18 -3.79 -3.56 -3.43
C ALA A 18 -4.70 -2.61 -2.67
N ILE A 19 -5.00 -2.95 -1.42
CA ILE A 19 -5.88 -2.13 -0.59
C ILE A 19 -5.28 -0.75 -0.33
N GLU A 20 -4.01 -0.71 0.04
CA GLU A 20 -3.34 0.55 0.32
C GLU A 20 -3.37 1.48 -0.88
N LEU A 21 -3.19 0.92 -2.07
CA LEU A 21 -3.21 1.70 -3.29
C LEU A 21 -4.62 2.20 -3.59
N LYS A 22 -5.62 1.34 -3.36
CA LYS A 22 -7.02 1.71 -3.60
C LYS A 22 -7.41 2.93 -2.77
N VAL A 23 -7.08 2.89 -1.49
CA VAL A 23 -7.39 4.01 -0.59
C VAL A 23 -6.68 5.27 -1.05
N LYS A 24 -5.43 5.12 -1.47
CA LYS A 24 -4.63 6.24 -1.94
C LYS A 24 -5.30 6.91 -3.14
N GLN A 25 -5.78 6.10 -4.07
CA GLN A 25 -6.45 6.61 -5.26
C GLN A 25 -7.75 7.33 -4.89
N GLY A 26 -8.50 6.73 -3.97
CA GLY A 26 -9.76 7.33 -3.54
C GLY A 26 -9.58 8.72 -2.97
N ALA A 27 -8.52 8.91 -2.19
CA ALA A 27 -8.23 10.19 -1.59
C ALA A 27 -7.90 11.21 -2.67
N GLU A 28 -7.13 10.77 -3.66
CA GLU A 28 -6.73 11.63 -4.76
C GLU A 28 -7.96 12.10 -5.54
N ASN A 29 -8.92 11.19 -5.72
CA ASN A 29 -10.15 11.51 -6.44
C ASN A 29 -10.88 12.65 -5.75
N MET A 30 -10.97 12.58 -4.42
CA MET A 30 -11.64 13.62 -3.64
C MET A 30 -10.92 14.96 -3.78
N ILE A 31 -9.60 14.94 -3.66
CA ILE A 31 -8.81 16.16 -3.77
C ILE A 31 -9.04 16.86 -5.10
N GLN A 32 -8.99 16.10 -6.18
CA GLN A 32 -9.17 16.65 -7.53
C GLN A 32 -10.60 17.17 -7.73
N THR A 33 -11.58 16.36 -7.34
CA THR A 33 -12.99 16.74 -7.50
C THR A 33 -13.33 18.00 -6.71
N TYR A 34 -12.92 18.02 -5.45
CA TYR A 34 -13.19 19.15 -4.57
C TYR A 34 -12.48 20.42 -5.02
N SER A 35 -11.35 20.25 -5.73
CA SER A 35 -10.58 21.39 -6.22
C SER A 35 -11.50 22.42 -6.87
N ASN A 36 -12.47 21.94 -7.64
CA ASN A 36 -13.42 22.81 -8.32
C ASN A 36 -14.55 22.00 -8.95
N GLY A 37 -15.78 22.25 -8.50
CA GLY A 37 -16.92 21.54 -9.02
C GLY A 37 -18.00 21.30 -7.98
N SER A 38 -18.62 20.13 -8.04
CA SER A 38 -19.67 19.77 -7.09
C SER A 38 -19.09 19.28 -5.77
N THR A 39 -19.74 19.64 -4.67
CA THR A 39 -19.30 19.24 -3.33
C THR A 39 -17.92 19.81 -3.02
N LYS A 40 -17.75 21.10 -3.27
CA LYS A 40 -16.47 21.76 -3.01
C LYS A 40 -16.34 22.16 -1.54
N ASP A 41 -16.80 21.28 -0.65
CA ASP A 41 -16.73 21.55 0.79
C ASP A 41 -15.29 21.57 1.27
N ARG A 42 -14.95 22.58 2.06
CA ARG A 42 -13.60 22.74 2.58
C ARG A 42 -13.31 21.72 3.68
N LYS A 43 -14.29 21.49 4.56
CA LYS A 43 -14.13 20.56 5.66
C LYS A 43 -13.73 19.17 5.16
N LEU A 44 -14.50 18.64 4.23
CA LEU A 44 -14.22 17.33 3.67
C LEU A 44 -12.89 17.33 2.91
N LEU A 45 -12.59 18.45 2.25
CA LEU A 45 -11.35 18.58 1.49
C LEU A 45 -10.14 18.28 2.37
N LEU A 46 -10.10 18.90 3.55
CA LEU A 46 -9.01 18.69 4.48
C LEU A 46 -8.97 17.23 4.95
N THR A 47 -10.14 16.69 5.22
CA THR A 47 -10.26 15.30 5.67
C THR A 47 -9.67 14.35 4.63
N ALA A 48 -9.96 14.62 3.36
CA ALA A 48 -9.48 13.78 2.27
C ALA A 48 -7.96 13.76 2.26
N GLN A 49 -7.35 14.93 2.44
CA GLN A 49 -5.89 15.04 2.46
C GLN A 49 -5.31 14.14 3.54
N GLN A 50 -5.93 14.16 4.72
CA GLN A 50 -5.50 13.34 5.83
C GLN A 50 -5.60 11.86 5.47
N MET A 51 -6.68 11.50 4.77
CA MET A 51 -6.89 10.13 4.35
C MET A 51 -5.73 9.65 3.48
N LEU A 52 -5.37 10.48 2.50
CA LEU A 52 -4.28 10.15 1.59
C LEU A 52 -2.99 9.98 2.38
N GLN A 53 -2.77 10.86 3.36
CA GLN A 53 -1.58 10.80 4.19
C GLN A 53 -1.49 9.45 4.90
N ASP A 54 -2.64 8.98 5.40
CA ASP A 54 -2.70 7.71 6.10
C ASP A 54 -2.29 6.56 5.18
N SER A 55 -2.81 6.56 3.96
CA SER A 55 -2.49 5.51 3.00
C SER A 55 -0.99 5.48 2.74
N LYS A 56 -0.37 6.65 2.64
CA LYS A 56 1.06 6.75 2.41
C LYS A 56 1.84 6.01 3.50
N THR A 57 1.42 6.21 4.75
CA THR A 57 2.07 5.56 5.88
C THR A 57 2.02 4.05 5.76
N LYS A 58 0.84 3.51 5.48
CA LYS A 58 0.66 2.07 5.34
C LYS A 58 1.51 1.52 4.19
N ILE A 59 1.44 2.19 3.05
CA ILE A 59 2.19 1.78 1.86
C ILE A 59 3.68 1.71 2.14
N ASP A 60 4.22 2.75 2.79
CA ASP A 60 5.64 2.81 3.10
C ASP A 60 6.08 1.61 3.96
N ILE A 61 5.31 1.34 5.01
CA ILE A 61 5.63 0.23 5.91
C ILE A 61 5.54 -1.12 5.21
N ILE A 62 4.42 -1.37 4.53
CA ILE A 62 4.22 -2.64 3.83
C ILE A 62 5.27 -2.85 2.74
N ARG A 63 5.55 -1.81 1.97
CA ARG A 63 6.55 -1.91 0.91
C ARG A 63 7.90 -2.36 1.47
N MET A 64 8.25 -1.83 2.64
CA MET A 64 9.50 -2.20 3.30
C MET A 64 9.53 -3.69 3.60
N GLN A 65 8.40 -4.20 4.09
CA GLN A 65 8.28 -5.62 4.40
C GLN A 65 8.44 -6.47 3.14
N LEU A 66 7.85 -6.00 2.04
CA LEU A 66 7.93 -6.71 0.76
C LEU A 66 9.38 -6.81 0.29
N ARG A 67 10.10 -5.71 0.40
CA ARG A 67 11.51 -5.68 -0.02
C ARG A 67 12.32 -6.73 0.73
N ARG A 68 12.08 -6.83 2.04
CA ARG A 68 12.77 -7.81 2.86
C ARG A 68 12.46 -9.23 2.41
N ALA A 69 11.18 -9.48 2.11
CA ALA A 69 10.74 -10.79 1.66
C ALA A 69 11.45 -11.20 0.38
N LEU A 70 11.61 -10.26 -0.54
CA LEU A 70 12.28 -10.51 -1.81
C LEU A 70 13.72 -10.94 -1.60
N GLN A 71 14.43 -10.21 -0.73
CA GLN A 71 15.83 -10.51 -0.43
C GLN A 71 15.97 -11.91 0.15
N ALA A 72 15.07 -12.28 1.04
CA ALA A 72 15.10 -13.59 1.67
C ALA A 72 14.91 -14.71 0.65
N ASP A 73 13.91 -14.57 -0.21
CA ASP A 73 13.63 -15.57 -1.23
C ASP A 73 14.79 -15.70 -2.21
N GLN A 74 15.11 -14.59 -2.88
CA GLN A 74 16.21 -14.59 -3.84
C GLN A 74 17.50 -14.08 -3.20
N LEU A 75 18.51 -14.94 -3.17
CA LEU A 75 19.79 -14.58 -2.58
C LEU A 75 20.69 -13.90 -3.64
N GLU A 76 20.12 -12.91 -4.32
CA GLU A 76 20.86 -12.19 -5.36
C GLU A 76 21.93 -11.29 -4.74
N ASN A 77 23.13 -11.33 -5.30
CA ASN A 77 24.24 -10.52 -4.80
C ASN A 77 23.96 -9.03 -5.01
N GLN A 78 23.55 -8.68 -6.23
CA GLN A 78 23.25 -7.29 -6.56
C GLN A 78 21.96 -6.84 -5.87
N ALA A 79 21.94 -5.61 -5.39
CA ALA A 79 20.77 -5.06 -4.72
C ALA A 79 19.54 -5.12 -5.60
N ALA A 80 18.41 -5.54 -5.02
CA ALA A 80 17.16 -5.65 -5.76
C ALA A 80 16.74 -4.29 -6.33
N PRO A 81 16.28 -4.27 -7.59
CA PRO A 81 15.85 -3.03 -8.26
C PRO A 81 14.69 -2.36 -7.52
N GLY A 1 6.63 -26.69 -3.57
CA GLY A 1 6.02 -25.44 -3.05
C GLY A 1 6.00 -25.38 -1.53
N ILE A 2 6.38 -24.23 -0.99
CA ILE A 2 6.41 -24.05 0.46
C ILE A 2 5.02 -24.24 1.08
N PRO A 3 4.95 -24.93 2.24
CA PRO A 3 3.67 -25.16 2.93
C PRO A 3 3.19 -23.91 3.65
N ALA A 4 2.60 -24.09 4.83
CA ALA A 4 2.11 -22.96 5.61
C ALA A 4 3.24 -22.32 6.40
N THR A 5 4.43 -22.33 5.81
CA THR A 5 5.61 -21.75 6.46
C THR A 5 5.62 -20.23 6.35
N ASN A 6 5.21 -19.72 5.19
CA ASN A 6 5.19 -18.27 4.97
C ASN A 6 4.29 -17.88 3.81
N LEU A 7 3.19 -18.60 3.64
CA LEU A 7 2.25 -18.32 2.56
C LEU A 7 1.35 -17.14 2.95
N SER A 8 1.01 -17.07 4.22
CA SER A 8 0.15 -16.01 4.73
C SER A 8 0.86 -14.66 4.67
N ARG A 9 2.15 -14.65 4.99
CA ARG A 9 2.94 -13.43 4.98
C ARG A 9 2.89 -12.75 3.61
N VAL A 10 3.33 -13.46 2.58
CA VAL A 10 3.33 -12.94 1.23
C VAL A 10 1.92 -12.51 0.81
N ALA A 11 0.94 -13.34 1.18
CA ALA A 11 -0.45 -13.06 0.86
C ALA A 11 -0.86 -11.71 1.44
N GLY A 12 -0.36 -11.42 2.63
CA GLY A 12 -0.69 -10.15 3.28
C GLY A 12 -0.20 -8.97 2.47
N LEU A 13 1.10 -8.91 2.20
CA LEU A 13 1.68 -7.83 1.43
C LEU A 13 0.97 -7.64 0.10
N GLU A 14 0.73 -8.74 -0.61
CA GLU A 14 0.06 -8.67 -1.91
C GLU A 14 -1.31 -8.02 -1.81
N LYS A 15 -2.16 -8.55 -0.92
CA LYS A 15 -3.50 -8.00 -0.74
C LYS A 15 -3.43 -6.55 -0.28
N GLN A 16 -2.43 -6.23 0.52
CA GLN A 16 -2.26 -4.86 1.02
C GLN A 16 -2.07 -3.87 -0.12
N LEU A 17 -1.15 -4.17 -1.04
CA LEU A 17 -0.91 -3.30 -2.17
C LEU A 17 -2.18 -3.03 -2.96
N ALA A 18 -2.95 -4.08 -3.18
CA ALA A 18 -4.21 -3.96 -3.92
C ALA A 18 -5.18 -3.02 -3.23
N ILE A 19 -5.37 -3.22 -1.93
CA ILE A 19 -6.28 -2.39 -1.14
C ILE A 19 -5.82 -0.94 -1.09
N GLU A 20 -4.52 -0.73 -0.91
CA GLU A 20 -3.94 0.60 -0.84
C GLU A 20 -4.22 1.39 -2.12
N LEU A 21 -4.03 0.76 -3.26
CA LEU A 21 -4.26 1.41 -4.55
C LEU A 21 -5.70 1.86 -4.68
N LYS A 22 -6.63 1.02 -4.23
CA LYS A 22 -8.05 1.34 -4.29
C LYS A 22 -8.38 2.59 -3.48
N VAL A 23 -7.94 2.60 -2.23
CA VAL A 23 -8.21 3.73 -1.34
C VAL A 23 -7.49 5.00 -1.79
N LYS A 24 -6.19 4.89 -2.05
CA LYS A 24 -5.39 6.02 -2.47
C LYS A 24 -5.95 6.66 -3.74
N GLN A 25 -6.31 5.83 -4.71
CA GLN A 25 -6.85 6.30 -5.97
C GLN A 25 -8.11 7.14 -5.75
N GLY A 26 -9.05 6.59 -4.98
CA GLY A 26 -10.28 7.30 -4.70
C GLY A 26 -10.04 8.61 -3.97
N ALA A 27 -9.03 8.64 -3.11
CA ALA A 27 -8.69 9.83 -2.36
C ALA A 27 -8.23 10.93 -3.29
N GLU A 28 -7.43 10.55 -4.28
CA GLU A 28 -6.90 11.50 -5.26
C GLU A 28 -8.04 12.17 -6.02
N ASN A 29 -9.01 11.36 -6.43
CA ASN A 29 -10.17 11.88 -7.17
C ASN A 29 -10.94 12.89 -6.34
N MET A 30 -11.14 12.58 -5.05
CA MET A 30 -11.86 13.48 -4.16
C MET A 30 -11.12 14.80 -4.00
N ILE A 31 -9.82 14.72 -3.75
CA ILE A 31 -9.01 15.91 -3.57
C ILE A 31 -9.10 16.84 -4.79
N GLN A 32 -8.96 16.25 -5.97
CA GLN A 32 -9.03 17.01 -7.21
C GLN A 32 -10.43 17.58 -7.42
N THR A 33 -11.45 16.78 -7.09
CA THR A 33 -12.83 17.20 -7.24
C THR A 33 -13.12 18.49 -6.47
N TYR A 34 -12.67 18.55 -5.22
CA TYR A 34 -12.88 19.73 -4.39
C TYR A 34 -12.03 20.90 -4.85
N SER A 35 -10.78 20.62 -5.25
CA SER A 35 -9.87 21.65 -5.70
C SER A 35 -10.18 22.11 -7.12
N ASN A 36 -11.47 22.25 -7.45
CA ASN A 36 -11.89 22.68 -8.77
C ASN A 36 -13.41 22.80 -8.85
N GLY A 37 -14.09 21.72 -8.44
CA GLY A 37 -15.54 21.70 -8.46
C GLY A 37 -16.13 22.70 -7.48
N SER A 38 -17.37 23.12 -7.74
CA SER A 38 -18.05 24.08 -6.88
C SER A 38 -17.99 23.63 -5.42
N THR A 39 -18.20 22.34 -5.19
CA THR A 39 -18.16 21.79 -3.85
C THR A 39 -16.76 21.93 -3.25
N LYS A 40 -16.69 22.45 -2.03
CA LYS A 40 -15.41 22.64 -1.34
C LYS A 40 -15.59 22.56 0.17
N ASP A 41 -16.33 21.55 0.62
CA ASP A 41 -16.57 21.36 2.05
C ASP A 41 -15.24 21.17 2.78
N ARG A 42 -15.08 21.90 3.88
CA ARG A 42 -13.86 21.83 4.67
C ARG A 42 -13.69 20.47 5.34
N LYS A 43 -14.74 20.00 6.02
CA LYS A 43 -14.69 18.71 6.72
C LYS A 43 -14.52 17.54 5.76
N LEU A 44 -15.31 17.53 4.68
CA LEU A 44 -15.25 16.45 3.71
C LEU A 44 -13.87 16.34 3.06
N LEU A 45 -13.31 17.48 2.64
CA LEU A 45 -12.00 17.47 2.00
C LEU A 45 -10.94 16.91 2.95
N LEU A 46 -10.95 17.36 4.20
CA LEU A 46 -9.98 16.89 5.19
C LEU A 46 -10.04 15.38 5.32
N THR A 47 -11.25 14.83 5.24
CA THR A 47 -11.44 13.38 5.35
C THR A 47 -10.71 12.64 4.23
N ALA A 48 -10.89 13.12 3.00
CA ALA A 48 -10.26 12.49 1.85
C ALA A 48 -8.74 12.68 1.87
N GLN A 49 -8.31 13.92 2.09
CA GLN A 49 -6.88 14.22 2.15
C GLN A 49 -6.22 13.38 3.21
N GLN A 50 -6.94 13.15 4.32
CA GLN A 50 -6.43 12.36 5.42
C GLN A 50 -6.16 10.94 4.96
N MET A 51 -7.12 10.36 4.22
CA MET A 51 -6.97 9.00 3.70
C MET A 51 -5.76 8.90 2.79
N LEU A 52 -5.54 9.93 1.99
CA LEU A 52 -4.41 9.96 1.06
C LEU A 52 -3.09 9.87 1.83
N GLN A 53 -3.01 10.61 2.94
CA GLN A 53 -1.80 10.63 3.76
C GLN A 53 -1.53 9.26 4.39
N ASP A 54 -2.56 8.66 4.96
CA ASP A 54 -2.43 7.35 5.61
C ASP A 54 -2.08 6.26 4.62
N SER A 55 -2.71 6.29 3.45
CA SER A 55 -2.46 5.29 2.41
C SER A 55 -1.00 5.25 2.02
N LYS A 56 -0.42 6.42 1.77
CA LYS A 56 0.98 6.51 1.36
C LYS A 56 1.91 5.94 2.43
N THR A 57 1.70 6.36 3.68
CA THR A 57 2.52 5.90 4.80
C THR A 57 2.49 4.38 4.94
N LYS A 58 1.30 3.80 4.92
CA LYS A 58 1.14 2.36 5.04
C LYS A 58 1.87 1.63 3.93
N ILE A 59 1.74 2.14 2.71
CA ILE A 59 2.39 1.53 1.55
C ILE A 59 3.91 1.53 1.71
N ASP A 60 4.44 2.58 2.33
CA ASP A 60 5.88 2.69 2.54
C ASP A 60 6.38 1.54 3.42
N ILE A 61 5.71 1.33 4.56
CA ILE A 61 6.09 0.28 5.50
C ILE A 61 5.96 -1.09 4.84
N ILE A 62 4.80 -1.34 4.23
CA ILE A 62 4.54 -2.61 3.57
C ILE A 62 5.63 -2.88 2.53
N ARG A 63 5.89 -1.89 1.68
CA ARG A 63 6.89 -2.00 0.64
C ARG A 63 8.21 -2.51 1.23
N MET A 64 8.54 -2.02 2.43
CA MET A 64 9.76 -2.44 3.11
C MET A 64 9.73 -3.96 3.31
N GLN A 65 8.56 -4.47 3.68
CA GLN A 65 8.39 -5.90 3.90
C GLN A 65 8.55 -6.68 2.59
N LEU A 66 8.05 -6.11 1.49
CA LEU A 66 8.15 -6.77 0.18
C LEU A 66 9.61 -7.00 -0.22
N ARG A 67 10.38 -5.93 -0.27
CA ARG A 67 11.78 -6.01 -0.66
C ARG A 67 12.58 -6.90 0.29
N ARG A 68 12.35 -6.75 1.59
CA ARG A 68 13.05 -7.55 2.59
C ARG A 68 12.79 -9.03 2.38
N ALA A 69 11.53 -9.38 2.15
CA ALA A 69 11.14 -10.78 1.96
C ALA A 69 11.78 -11.35 0.69
N LEU A 70 11.75 -10.57 -0.39
CA LEU A 70 12.31 -11.00 -1.66
C LEU A 70 13.82 -11.22 -1.57
N GLN A 71 14.52 -10.26 -0.97
CA GLN A 71 15.97 -10.37 -0.83
C GLN A 71 16.38 -11.64 -0.11
N ALA A 72 15.64 -11.98 0.94
CA ALA A 72 15.94 -13.17 1.73
C ALA A 72 15.64 -14.46 0.97
N ASP A 73 14.40 -14.60 0.50
CA ASP A 73 13.99 -15.81 -0.23
C ASP A 73 14.53 -15.80 -1.66
N GLN A 74 14.13 -14.80 -2.44
CA GLN A 74 14.56 -14.69 -3.83
C GLN A 74 16.05 -14.36 -3.91
N LEU A 75 16.72 -14.98 -4.88
CA LEU A 75 18.15 -14.77 -5.09
C LEU A 75 18.60 -15.45 -6.37
N GLU A 76 19.32 -14.71 -7.21
CA GLU A 76 19.82 -15.24 -8.48
C GLU A 76 20.68 -16.47 -8.26
N ASN A 77 21.70 -16.33 -7.41
CA ASN A 77 22.60 -17.44 -7.11
C ASN A 77 23.67 -17.02 -6.10
N GLN A 78 23.87 -17.84 -5.08
CA GLN A 78 24.86 -17.56 -4.05
C GLN A 78 26.27 -17.64 -4.63
N ALA A 79 27.10 -16.67 -4.29
CA ALA A 79 28.48 -16.62 -4.77
C ALA A 79 29.27 -17.82 -4.26
N ALA A 80 29.98 -18.48 -5.17
CA ALA A 80 30.80 -19.64 -4.82
C ALA A 80 31.61 -20.13 -6.03
N PRO A 81 32.42 -19.24 -6.64
CA PRO A 81 33.24 -19.61 -7.80
C PRO A 81 34.24 -20.71 -7.48
N GLY A 1 12.22 -19.44 -11.18
CA GLY A 1 12.50 -18.30 -10.26
C GLY A 1 11.76 -18.41 -8.94
N ILE A 2 12.47 -18.19 -7.84
CA ILE A 2 11.87 -18.27 -6.51
C ILE A 2 11.41 -19.69 -6.19
N PRO A 3 11.75 -20.20 -4.99
CA PRO A 3 11.36 -21.57 -4.58
C PRO A 3 9.84 -21.73 -4.48
N ALA A 4 9.38 -22.38 -3.41
CA ALA A 4 7.96 -22.60 -3.20
C ALA A 4 7.66 -22.96 -1.74
N THR A 5 8.23 -22.18 -0.83
CA THR A 5 8.03 -22.41 0.60
C THR A 5 7.74 -21.09 1.32
N ASN A 6 6.94 -20.25 0.67
CA ASN A 6 6.57 -18.95 1.24
C ASN A 6 5.54 -18.26 0.35
N LEU A 7 4.65 -19.05 -0.24
CA LEU A 7 3.61 -18.53 -1.10
C LEU A 7 2.59 -17.71 -0.29
N SER A 8 2.25 -18.23 0.89
CA SER A 8 1.31 -17.57 1.77
C SER A 8 1.70 -16.12 2.03
N ARG A 9 3.00 -15.90 2.27
CA ARG A 9 3.49 -14.56 2.54
C ARG A 9 3.30 -13.66 1.32
N VAL A 10 3.60 -14.19 0.13
CA VAL A 10 3.46 -13.44 -1.10
C VAL A 10 2.02 -12.97 -1.29
N ALA A 11 1.08 -13.88 -1.08
CA ALA A 11 -0.33 -13.56 -1.22
C ALA A 11 -0.74 -12.47 -0.24
N GLY A 12 -0.26 -12.57 0.99
CA GLY A 12 -0.57 -11.58 2.00
C GLY A 12 -0.06 -10.20 1.64
N LEU A 13 1.15 -10.15 1.08
CA LEU A 13 1.74 -8.89 0.68
C LEU A 13 0.98 -8.27 -0.48
N GLU A 14 0.60 -9.11 -1.45
CA GLU A 14 -0.13 -8.64 -2.62
C GLU A 14 -1.51 -8.09 -2.25
N LYS A 15 -2.24 -8.82 -1.42
CA LYS A 15 -3.57 -8.39 -1.01
C LYS A 15 -3.52 -7.04 -0.30
N GLN A 16 -2.53 -6.86 0.55
CA GLN A 16 -2.38 -5.60 1.29
C GLN A 16 -2.22 -4.43 0.33
N LEU A 17 -1.37 -4.59 -0.68
CA LEU A 17 -1.13 -3.54 -1.66
C LEU A 17 -2.41 -3.20 -2.42
N ALA A 18 -3.16 -4.23 -2.78
CA ALA A 18 -4.40 -4.04 -3.52
C ALA A 18 -5.38 -3.16 -2.75
N ILE A 19 -5.55 -3.45 -1.47
CA ILE A 19 -6.44 -2.68 -0.62
C ILE A 19 -6.03 -1.21 -0.58
N GLU A 20 -4.73 -0.97 -0.48
CA GLU A 20 -4.20 0.38 -0.43
C GLU A 20 -4.51 1.14 -1.72
N LEU A 21 -4.41 0.44 -2.85
CA LEU A 21 -4.68 1.06 -4.15
C LEU A 21 -6.12 1.58 -4.23
N LYS A 22 -7.06 0.80 -3.71
CA LYS A 22 -8.46 1.18 -3.74
C LYS A 22 -8.71 2.42 -2.87
N VAL A 23 -8.19 2.39 -1.64
CA VAL A 23 -8.35 3.51 -0.72
C VAL A 23 -7.67 4.76 -1.25
N LYS A 24 -6.42 4.60 -1.70
CA LYS A 24 -5.64 5.71 -2.22
C LYS A 24 -6.32 6.30 -3.46
N GLN A 25 -6.79 5.43 -4.34
CA GLN A 25 -7.47 5.87 -5.56
C GLN A 25 -8.68 6.71 -5.21
N GLY A 26 -9.46 6.24 -4.23
CA GLY A 26 -10.64 6.98 -3.81
C GLY A 26 -10.29 8.31 -3.18
N ALA A 27 -9.17 8.35 -2.46
CA ALA A 27 -8.72 9.58 -1.82
C ALA A 27 -8.35 10.62 -2.85
N GLU A 28 -7.68 10.18 -3.91
CA GLU A 28 -7.26 11.08 -4.98
C GLU A 28 -8.47 11.72 -5.64
N ASN A 29 -9.51 10.92 -5.88
CA ASN A 29 -10.73 11.41 -6.50
C ASN A 29 -11.38 12.47 -5.64
N MET A 30 -11.35 12.26 -4.32
CA MET A 30 -11.95 13.19 -3.38
C MET A 30 -11.17 14.51 -3.35
N ILE A 31 -9.84 14.41 -3.37
CA ILE A 31 -8.99 15.61 -3.33
C ILE A 31 -9.21 16.48 -4.56
N GLN A 32 -9.21 15.87 -5.74
CA GLN A 32 -9.39 16.60 -6.99
C GLN A 32 -10.82 17.15 -7.11
N THR A 33 -11.80 16.31 -6.81
CA THR A 33 -13.21 16.71 -6.90
C THR A 33 -13.56 17.79 -5.89
N TYR A 34 -13.17 17.58 -4.64
CA TYR A 34 -13.45 18.55 -3.57
C TYR A 34 -12.56 19.78 -3.66
N SER A 35 -12.04 20.06 -4.86
CA SER A 35 -11.18 21.22 -5.06
C SER A 35 -11.00 21.53 -6.54
N ASN A 36 -12.08 21.95 -7.20
CA ASN A 36 -12.02 22.27 -8.61
C ASN A 36 -13.17 23.17 -9.04
N GLY A 37 -14.40 22.74 -8.76
CA GLY A 37 -15.56 23.53 -9.14
C GLY A 37 -16.86 22.75 -9.03
N SER A 38 -17.14 22.22 -7.83
CA SER A 38 -18.36 21.45 -7.61
C SER A 38 -18.69 21.36 -6.13
N THR A 39 -17.67 21.09 -5.31
CA THR A 39 -17.85 20.97 -3.87
C THR A 39 -18.17 22.34 -3.25
N LYS A 40 -17.78 22.55 -2.00
CA LYS A 40 -18.03 23.81 -1.31
C LYS A 40 -17.39 23.80 0.08
N ASP A 41 -17.61 22.71 0.82
CA ASP A 41 -17.05 22.58 2.16
C ASP A 41 -15.57 22.26 2.10
N ARG A 42 -14.75 23.12 2.70
CA ARG A 42 -13.31 22.93 2.73
C ARG A 42 -12.93 21.83 3.72
N LYS A 43 -13.72 21.69 4.78
CA LYS A 43 -13.47 20.69 5.81
C LYS A 43 -13.32 19.29 5.19
N LEU A 44 -14.24 18.95 4.29
CA LEU A 44 -14.21 17.65 3.62
C LEU A 44 -12.95 17.51 2.76
N LEU A 45 -12.58 18.58 2.08
CA LEU A 45 -11.39 18.56 1.22
C LEU A 45 -10.16 18.18 2.04
N LEU A 46 -9.99 18.83 3.19
CA LEU A 46 -8.85 18.55 4.06
C LEU A 46 -8.93 17.11 4.58
N THR A 47 -10.14 16.67 4.89
CA THR A 47 -10.37 15.33 5.39
C THR A 47 -9.84 14.30 4.40
N ALA A 48 -10.13 14.52 3.12
CA ALA A 48 -9.69 13.61 2.07
C ALA A 48 -8.17 13.57 1.99
N GLN A 49 -7.54 14.73 2.14
CA GLN A 49 -6.09 14.82 2.09
C GLN A 49 -5.47 13.94 3.18
N GLN A 50 -6.07 13.98 4.37
CA GLN A 50 -5.60 13.17 5.49
C GLN A 50 -5.64 11.70 5.11
N MET A 51 -6.72 11.32 4.41
CA MET A 51 -6.88 9.93 3.97
C MET A 51 -5.73 9.52 3.06
N LEU A 52 -5.41 10.37 2.09
CA LEU A 52 -4.33 10.09 1.15
C LEU A 52 -3.02 9.86 1.89
N GLN A 53 -2.70 10.74 2.83
CA GLN A 53 -1.47 10.63 3.61
C GLN A 53 -1.44 9.32 4.40
N ASP A 54 -2.59 8.96 4.98
CA ASP A 54 -2.68 7.73 5.77
C ASP A 54 -2.30 6.51 4.93
N SER A 55 -2.84 6.44 3.72
CA SER A 55 -2.55 5.33 2.82
C SER A 55 -1.06 5.27 2.48
N LYS A 56 -0.47 6.43 2.20
CA LYS A 56 0.93 6.51 1.86
C LYS A 56 1.81 5.92 2.96
N THR A 57 1.50 6.23 4.20
CA THR A 57 2.26 5.73 5.34
C THR A 57 2.23 4.21 5.40
N LYS A 58 1.04 3.63 5.30
CA LYS A 58 0.88 2.18 5.35
C LYS A 58 1.60 1.50 4.19
N ILE A 59 1.41 2.03 2.98
CA ILE A 59 2.04 1.48 1.79
C ILE A 59 3.56 1.51 1.91
N ASP A 60 4.10 2.59 2.46
CA ASP A 60 5.53 2.73 2.63
C ASP A 60 6.06 1.58 3.48
N ILE A 61 5.35 1.28 4.56
CA ILE A 61 5.73 0.20 5.46
C ILE A 61 5.66 -1.16 4.75
N ILE A 62 4.60 -1.36 3.97
CA ILE A 62 4.41 -2.60 3.23
C ILE A 62 5.57 -2.84 2.26
N ARG A 63 5.94 -1.80 1.51
CA ARG A 63 7.02 -1.91 0.55
C ARG A 63 8.30 -2.39 1.22
N MET A 64 8.60 -1.82 2.40
CA MET A 64 9.78 -2.19 3.15
C MET A 64 9.74 -3.67 3.50
N GLN A 65 8.55 -4.17 3.81
CA GLN A 65 8.36 -5.58 4.17
C GLN A 65 8.63 -6.48 2.96
N LEU A 66 8.19 -6.04 1.79
CA LEU A 66 8.37 -6.82 0.57
C LEU A 66 9.85 -7.05 0.29
N ARG A 67 10.60 -5.96 0.24
CA ARG A 67 12.04 -6.02 -0.01
C ARG A 67 12.77 -6.77 1.10
N ARG A 68 12.39 -6.48 2.34
CA ARG A 68 13.02 -7.12 3.50
C ARG A 68 12.78 -8.63 3.48
N ALA A 69 11.61 -9.04 3.02
CA ALA A 69 11.25 -10.45 2.96
C ALA A 69 12.11 -11.21 1.97
N LEU A 70 12.34 -10.61 0.80
CA LEU A 70 13.14 -11.24 -0.25
C LEU A 70 14.61 -11.39 0.18
N GLN A 71 15.19 -10.32 0.67
CA GLN A 71 16.59 -10.33 1.10
C GLN A 71 16.83 -11.36 2.19
N ALA A 72 15.97 -11.35 3.20
CA ALA A 72 16.08 -12.27 4.33
C ALA A 72 15.84 -13.71 3.90
N ASP A 73 14.86 -13.90 3.00
CA ASP A 73 14.53 -15.23 2.52
C ASP A 73 15.72 -15.88 1.81
N GLN A 74 16.54 -15.06 1.17
CA GLN A 74 17.71 -15.55 0.45
C GLN A 74 18.75 -14.43 0.29
N LEU A 75 19.03 -14.03 -0.95
CA LEU A 75 20.00 -12.97 -1.25
C LEU A 75 21.43 -13.40 -0.91
N GLU A 76 21.70 -13.62 0.38
CA GLU A 76 23.03 -14.02 0.84
C GLU A 76 24.05 -12.91 0.62
N ASN A 77 24.79 -12.59 1.68
CA ASN A 77 25.82 -11.54 1.63
C ASN A 77 25.19 -10.18 1.33
N GLN A 78 25.47 -9.20 2.20
CA GLN A 78 24.94 -7.86 2.04
C GLN A 78 25.65 -7.12 0.91
N ALA A 79 24.88 -6.37 0.13
CA ALA A 79 25.41 -5.60 -0.99
C ALA A 79 26.43 -4.56 -0.53
N ALA A 80 27.48 -4.38 -1.33
CA ALA A 80 28.53 -3.42 -1.01
C ALA A 80 29.31 -3.81 0.24
N PRO A 81 30.65 -3.67 0.22
CA PRO A 81 31.50 -4.01 1.37
C PRO A 81 31.08 -3.28 2.64
#